data_4ZO6
#
_entry.id   4ZO6
#
_cell.length_a   89.790
_cell.length_b   95.350
_cell.length_c   215.376
_cell.angle_alpha   90.000
_cell.angle_beta   96.300
_cell.angle_gamma   90.000
#
_symmetry.space_group_name_H-M   'I 1 2 1'
#
loop_
_entity.id
_entity.type
_entity.pdbx_description
1 polymer 'Lin1840 protein'
2 branched beta-D-glucopyranose-(1-4)-beta-D-glucopyranose
3 non-polymer beta-D-glucopyranose
4 non-polymer GLYCEROL
5 non-polymer 'MAGNESIUM ION'
6 water water
#
_entity_poly.entity_id   1
_entity_poly.type   'polypeptide(L)'
_entity_poly.pdbx_seq_one_letter_code
;MEQEKVQELVSQMTLDEKIAQCLQLSPFLFKGTNKNAELTGPLLQEMKLTDAHTENAGSVLGSSSALDMIGIQEAYLKTN
RLGIPLVFMADVIHGYKTVFPIPLALGCSFDRETVRVMAEVSALEATADGHHVTFSPMLDLVRDPRWGRVMESTGEDPFL
NSELGKAMVDGYQGDASKLNENLEQMAACVKHFAAYGAAEAGLEYNTVNMSTRELYQNYLPAYNAAIQAGAKLVMTAFNV
VDGIPATMNKWLNRDVLRGEMEFDGVLISAWGAVAEVINHGTARNPKEAAQFSMEAGVDLEMMTTCYIHELKGLIEEGKL
SENLLDEAVLRMLNLKNDLGLFEDPYRGLKNNDRTKDILTDESRGKARAAGVESAVLLENKSRLLPLAKEAKIALVGPLA
TSPDILGGWNVYGEEKDGINVETGLREVFETVEVVSTEYTELSEEDKVAVKAAVQNMDVVVLALGEKNEWGGEAGSLATI
RLPEAQYQLAKFVQTLGKPVVITLFNGRPLEVKELAESSDALLELWFPGTEAGRVTADLLSGASNPSGKLSMSFPQTTGQ
IPVYYNHLRTGRPQTPENKGERYVSHYLDIPNEPFYPFGYGKSYSEFELKTSSLPKELNLGESLHVEVTIKNISDIAGKE
VIQVYLQDVTASISRPVKELKAFEKVALQAGEEKTVTFELTSEAFSFYNHQLEKVQEPGLHRVFVGTSSEDVDVFEVEVG
GYVLEHHHHHH
;
_entity_poly.pdbx_strand_id   A,B
#
loop_
_chem_comp.id
_chem_comp.type
_chem_comp.name
_chem_comp.formula
BGC D-saccharide, beta linking beta-D-glucopyranose 'C6 H12 O6'
GOL non-polymer GLYCEROL 'C3 H8 O3'
MG non-polymer 'MAGNESIUM ION' 'Mg 2'
#
# COMPACT_ATOMS: atom_id res chain seq x y z
N MET A 1 -14.18 -17.64 -44.07
CA MET A 1 -14.06 -19.01 -44.63
C MET A 1 -14.33 -20.06 -43.56
N GLU A 2 -14.61 -21.27 -44.02
CA GLU A 2 -14.94 -22.40 -43.13
C GLU A 2 -13.74 -22.87 -42.31
N GLN A 3 -14.07 -23.34 -41.11
CA GLN A 3 -13.07 -23.75 -40.13
C GLN A 3 -12.05 -24.78 -40.65
N GLU A 4 -12.48 -25.73 -41.47
CA GLU A 4 -11.54 -26.71 -42.02
C GLU A 4 -10.43 -26.05 -42.83
N LYS A 5 -10.77 -25.01 -43.60
CA LYS A 5 -9.74 -24.23 -44.31
C LYS A 5 -8.79 -23.51 -43.34
N VAL A 6 -9.29 -22.93 -42.26
CA VAL A 6 -8.40 -22.34 -41.26
C VAL A 6 -7.47 -23.43 -40.75
N GLN A 7 -8.01 -24.54 -40.23
CA GLN A 7 -7.14 -25.63 -39.72
C GLN A 7 -6.16 -26.18 -40.79
N GLU A 8 -6.64 -26.30 -42.02
CA GLU A 8 -5.75 -26.65 -43.16
C GLU A 8 -4.49 -25.76 -43.24
N LEU A 9 -4.70 -24.46 -43.04
CA LEU A 9 -3.61 -23.44 -43.10
C LEU A 9 -2.53 -23.71 -42.06
N VAL A 10 -2.99 -24.02 -40.83
CA VAL A 10 -2.04 -24.40 -39.77
C VAL A 10 -1.22 -25.61 -40.23
N SER A 11 -1.91 -26.59 -40.80
CA SER A 11 -1.26 -27.79 -41.30
C SER A 11 -0.24 -27.49 -42.36
N GLN A 12 -0.52 -26.55 -43.25
CA GLN A 12 0.39 -26.23 -44.35
C GLN A 12 1.56 -25.30 -44.03
N MET A 13 1.54 -24.63 -42.87
CA MET A 13 2.59 -23.66 -42.58
C MET A 13 3.84 -24.38 -42.15
N THR A 14 5.00 -23.81 -42.45
CA THR A 14 6.23 -24.34 -41.94
C THR A 14 6.37 -23.88 -40.51
N LEU A 15 7.30 -24.51 -39.80
CA LEU A 15 7.60 -24.16 -38.41
C LEU A 15 8.03 -22.70 -38.30
N ASP A 16 8.88 -22.26 -39.22
CA ASP A 16 9.32 -20.89 -39.25
C ASP A 16 8.14 -19.91 -39.52
N GLU A 17 7.24 -20.32 -40.40
CA GLU A 17 6.00 -19.55 -40.64
C GLU A 17 5.11 -19.45 -39.39
N LYS A 18 4.97 -20.55 -38.69
CA LYS A 18 4.18 -20.60 -37.45
C LYS A 18 4.77 -19.71 -36.34
N ILE A 19 6.07 -19.78 -36.13
CA ILE A 19 6.75 -18.97 -35.15
C ILE A 19 6.47 -17.49 -35.39
N ALA A 20 6.81 -17.02 -36.58
CA ALA A 20 6.65 -15.61 -37.00
C ALA A 20 5.24 -15.08 -36.96
N GLN A 21 4.26 -15.95 -37.20
CA GLN A 21 2.84 -15.59 -37.00
C GLN A 21 2.58 -15.07 -35.56
N CYS A 22 3.46 -15.43 -34.63
CA CYS A 22 3.32 -15.04 -33.21
C CYS A 22 4.11 -13.76 -32.86
N LEU A 23 4.44 -12.97 -33.88
CA LEU A 23 5.16 -11.74 -33.71
C LEU A 23 4.37 -10.53 -34.22
N GLN A 24 4.37 -9.46 -33.42
CA GLN A 24 3.76 -8.14 -33.82
C GLN A 24 4.84 -7.07 -33.94
N LEU A 25 4.78 -6.30 -35.04
CA LEU A 25 5.77 -5.24 -35.29
C LEU A 25 5.12 -3.90 -35.63
N SER A 26 5.89 -2.83 -35.39
CA SER A 26 5.49 -1.50 -35.77
C SER A 26 5.38 -1.42 -37.28
N PRO A 27 4.56 -0.49 -37.81
CA PRO A 27 4.35 -0.47 -39.28
C PRO A 27 5.65 -0.23 -40.08
N PHE A 28 6.54 0.60 -39.55
CA PHE A 28 7.72 0.98 -40.33
C PHE A 28 8.78 -0.10 -40.41
N LEU A 29 8.57 -1.28 -39.77
CA LEU A 29 9.40 -2.47 -40.01
C LEU A 29 8.93 -3.30 -41.19
N PHE A 30 7.88 -2.85 -41.89
CA PHE A 30 7.33 -3.60 -42.96
C PHE A 30 7.60 -2.77 -44.21
N LYS A 31 7.90 -3.48 -45.28
CA LYS A 31 7.89 -2.95 -46.60
C LYS A 31 6.47 -2.47 -46.96
N GLY A 32 6.41 -1.38 -47.70
CA GLY A 32 5.15 -0.74 -48.08
C GLY A 32 4.60 0.26 -47.07
N THR A 33 5.29 0.47 -45.96
CA THR A 33 4.84 1.55 -45.04
C THR A 33 4.88 2.90 -45.79
N ASN A 34 4.09 3.87 -45.37
CA ASN A 34 4.24 5.15 -46.04
C ASN A 34 4.60 6.20 -45.06
N LYS A 35 5.22 5.78 -43.96
CA LYS A 35 5.67 6.73 -42.94
C LYS A 35 6.79 6.15 -42.05
N ASN A 36 7.70 7.05 -41.62
CA ASN A 36 8.87 6.74 -40.73
C ASN A 36 9.85 5.74 -41.35
N ALA A 37 9.89 5.66 -42.68
CA ALA A 37 10.78 4.74 -43.44
C ALA A 37 12.29 4.89 -43.12
N GLU A 38 12.68 6.01 -42.51
CA GLU A 38 14.03 6.23 -41.94
C GLU A 38 14.38 5.48 -40.67
N LEU A 39 13.39 4.83 -40.08
CA LEU A 39 13.62 4.21 -38.79
C LEU A 39 13.73 2.72 -39.08
N THR A 40 13.52 2.35 -40.35
CA THR A 40 13.24 0.98 -40.73
C THR A 40 14.49 0.13 -40.70
N GLY A 41 15.57 0.66 -41.28
CA GLY A 41 16.86 -0.04 -41.32
C GLY A 41 17.66 -0.16 -40.02
N PRO A 42 17.89 0.95 -39.34
CA PRO A 42 18.61 0.76 -38.07
C PRO A 42 17.90 -0.23 -37.09
N LEU A 43 16.59 -0.08 -36.93
CA LEU A 43 15.79 -0.94 -36.03
C LEU A 43 15.65 -2.40 -36.51
N LEU A 44 15.47 -2.64 -37.79
CA LEU A 44 15.54 -4.03 -38.29
C LEU A 44 16.84 -4.67 -37.80
N GLN A 45 17.95 -3.91 -37.86
CA GLN A 45 19.28 -4.44 -37.50
C GLN A 45 19.51 -4.69 -36.00
N GLU A 46 19.13 -3.74 -35.15
CA GLU A 46 19.11 -3.91 -33.71
C GLU A 46 18.25 -5.11 -33.25
N MET A 47 17.07 -5.31 -33.87
CA MET A 47 16.20 -6.48 -33.54
C MET A 47 16.58 -7.77 -34.25
N LYS A 48 17.54 -7.65 -35.17
CA LYS A 48 18.03 -8.72 -36.05
C LYS A 48 16.92 -9.36 -36.80
N LEU A 49 16.05 -8.55 -37.36
CA LEU A 49 14.90 -9.09 -38.14
C LEU A 49 15.31 -9.11 -39.62
N THR A 50 14.79 -10.06 -40.40
CA THR A 50 15.10 -10.26 -41.79
C THR A 50 13.75 -10.27 -42.47
N ASP A 51 13.76 -10.36 -43.81
CA ASP A 51 12.54 -10.43 -44.59
C ASP A 51 11.80 -11.71 -44.30
N ALA A 52 12.53 -12.77 -44.06
CA ALA A 52 11.85 -14.04 -43.80
C ALA A 52 10.96 -13.84 -42.53
N HIS A 53 11.37 -12.96 -41.65
CA HIS A 53 10.58 -12.68 -40.42
C HIS A 53 9.40 -11.78 -40.75
N THR A 54 9.67 -10.59 -41.28
CA THR A 54 8.66 -9.57 -41.52
C THR A 54 7.61 -10.00 -42.54
N GLU A 55 8.03 -10.67 -43.59
CA GLU A 55 7.13 -11.22 -44.61
C GLU A 55 6.21 -12.38 -44.09
N ASN A 56 6.52 -12.89 -42.90
CA ASN A 56 5.63 -13.84 -42.15
C ASN A 56 5.11 -13.38 -40.72
N ALA A 57 5.45 -12.17 -40.29
CA ALA A 57 4.89 -11.59 -39.06
C ALA A 57 3.40 -11.64 -39.01
N GLY A 58 2.88 -11.85 -37.79
CA GLY A 58 1.44 -12.07 -37.58
C GLY A 58 0.64 -10.78 -37.62
N SER A 59 1.24 -9.71 -37.08
CA SER A 59 0.43 -8.54 -36.80
C SER A 59 1.22 -7.23 -36.83
N VAL A 60 0.50 -6.14 -37.17
CA VAL A 60 0.99 -4.77 -37.09
C VAL A 60 0.43 -3.99 -35.88
N LEU A 61 1.31 -3.24 -35.21
CA LEU A 61 1.01 -2.45 -34.01
C LEU A 61 1.05 -0.97 -34.34
N GLY A 62 -0.07 -0.27 -34.36
CA GLY A 62 -0.02 1.17 -34.51
C GLY A 62 0.24 1.72 -35.93
N SER A 63 -0.45 1.22 -36.93
CA SER A 63 -0.41 1.85 -38.29
C SER A 63 -0.83 3.34 -38.14
N SER A 64 -0.30 4.20 -38.99
CA SER A 64 -0.54 5.64 -38.87
C SER A 64 -1.78 6.13 -39.64
N SER A 65 -2.23 5.41 -40.67
CA SER A 65 -3.34 5.81 -41.54
C SER A 65 -3.89 4.65 -42.36
N ALA A 66 -5.01 4.89 -43.02
CA ALA A 66 -5.58 3.91 -43.92
C ALA A 66 -4.57 3.56 -45.04
N LEU A 67 -3.81 4.53 -45.51
CA LEU A 67 -2.82 4.27 -46.60
C LEU A 67 -1.60 3.51 -46.15
N ASP A 68 -1.22 3.68 -44.89
CA ASP A 68 -0.10 2.93 -44.33
C ASP A 68 -0.57 1.49 -44.34
N MET A 69 -1.76 1.27 -43.79
CA MET A 69 -2.38 -0.08 -43.76
C MET A 69 -2.43 -0.71 -45.16
N ILE A 70 -3.06 -0.04 -46.11
CA ILE A 70 -3.21 -0.61 -47.47
C ILE A 70 -1.85 -0.95 -48.10
N GLY A 71 -0.86 -0.07 -47.94
CA GLY A 71 0.47 -0.23 -48.52
C GLY A 71 1.19 -1.43 -47.93
N ILE A 72 1.08 -1.58 -46.60
CA ILE A 72 1.74 -2.61 -45.86
C ILE A 72 1.07 -3.92 -46.19
N GLN A 73 -0.27 -3.96 -46.17
CA GLN A 73 -1.02 -5.19 -46.47
C GLN A 73 -0.86 -5.67 -47.94
N GLU A 74 -0.91 -4.74 -48.88
CA GLU A 74 -0.71 -5.08 -50.30
C GLU A 74 0.64 -5.70 -50.59
N ALA A 75 1.68 -5.08 -50.05
CA ALA A 75 3.04 -5.59 -50.19
C ALA A 75 3.24 -6.92 -49.50
N TYR A 76 2.75 -7.04 -48.27
CA TYR A 76 2.82 -8.30 -47.52
C TYR A 76 2.15 -9.47 -48.28
N LEU A 77 0.95 -9.26 -48.82
CA LEU A 77 0.26 -10.32 -49.56
C LEU A 77 0.86 -10.62 -50.94
N LYS A 78 1.67 -9.71 -51.51
CA LYS A 78 2.42 -10.01 -52.74
C LYS A 78 3.44 -11.13 -52.46
N THR A 79 4.04 -11.12 -51.27
CA THR A 79 5.18 -12.00 -50.92
C THR A 79 4.87 -13.17 -49.95
N ASN A 80 3.73 -13.13 -49.26
CA ASN A 80 3.31 -14.18 -48.33
C ASN A 80 2.87 -15.49 -49.00
N ARG A 81 3.51 -16.59 -48.64
CA ARG A 81 3.34 -17.83 -49.39
C ARG A 81 1.92 -18.38 -49.36
N LEU A 82 1.33 -18.47 -48.17
CA LEU A 82 -0.05 -19.00 -48.07
C LEU A 82 -1.15 -17.93 -48.07
N GLY A 83 -0.82 -16.65 -48.17
CA GLY A 83 -1.91 -15.65 -48.29
C GLY A 83 -2.65 -15.38 -46.97
N ILE A 84 -1.89 -15.37 -45.88
CA ILE A 84 -2.43 -15.03 -44.53
C ILE A 84 -2.28 -13.51 -44.34
N PRO A 85 -3.37 -12.73 -44.38
CA PRO A 85 -3.35 -11.29 -44.19
C PRO A 85 -2.86 -10.87 -42.79
N LEU A 86 -2.28 -9.68 -42.68
CA LEU A 86 -1.87 -9.17 -41.37
C LEU A 86 -3.10 -8.70 -40.61
N VAL A 87 -3.04 -8.79 -39.29
CA VAL A 87 -4.04 -8.10 -38.44
C VAL A 87 -3.40 -6.84 -37.88
N PHE A 88 -4.15 -5.72 -38.00
CA PHE A 88 -3.80 -4.37 -37.53
C PHE A 88 -4.52 -3.96 -36.23
N MET A 89 -3.71 -3.63 -35.22
CA MET A 89 -4.15 -3.34 -33.87
C MET A 89 -3.71 -1.94 -33.49
N ALA A 90 -4.50 -1.22 -32.67
CA ALA A 90 -4.12 0.14 -32.25
C ALA A 90 -4.74 0.54 -30.91
N ASP A 91 -4.17 1.59 -30.35
CA ASP A 91 -4.66 2.19 -29.12
C ASP A 91 -5.74 3.22 -29.39
N VAL A 92 -6.99 2.79 -29.35
CA VAL A 92 -8.14 3.67 -29.38
C VAL A 92 -8.76 3.51 -27.99
N ILE A 93 -8.36 4.45 -27.15
CA ILE A 93 -8.59 4.42 -25.74
C ILE A 93 -9.84 5.21 -25.32
N HIS A 94 -9.92 6.44 -25.73
CA HIS A 94 -11.15 7.28 -25.46
C HIS A 94 -11.47 8.11 -26.67
N GLY A 95 -11.43 7.43 -27.81
CA GLY A 95 -11.59 8.09 -29.10
C GLY A 95 -10.45 7.99 -30.08
N TYR A 96 -10.80 8.13 -31.36
CA TYR A 96 -9.84 8.04 -32.44
C TYR A 96 -9.39 9.44 -32.84
N LYS A 97 -10.10 10.08 -33.76
CA LYS A 97 -9.85 11.50 -34.12
C LYS A 97 -10.82 12.46 -33.41
N THR A 98 -12.08 12.05 -33.29
CA THR A 98 -12.99 12.69 -32.33
C THR A 98 -12.70 12.15 -30.91
N VAL A 99 -12.07 12.97 -30.10
CA VAL A 99 -11.57 12.48 -28.83
C VAL A 99 -12.65 12.71 -27.78
N PHE A 100 -13.03 11.65 -27.09
CA PHE A 100 -13.97 11.72 -26.02
C PHE A 100 -13.26 11.94 -24.65
N PRO A 101 -14.05 12.10 -23.56
CA PRO A 101 -13.35 12.32 -22.26
C PRO A 101 -12.51 11.12 -21.87
N ILE A 102 -11.48 11.34 -21.07
CA ILE A 102 -10.64 10.23 -20.60
C ILE A 102 -11.49 9.21 -19.85
N PRO A 103 -11.05 7.91 -19.85
CA PRO A 103 -11.95 6.91 -19.23
C PRO A 103 -12.38 7.20 -17.78
N LEU A 104 -11.50 7.81 -16.97
CA LEU A 104 -11.79 8.06 -15.57
C LEU A 104 -12.94 9.07 -15.57
N ALA A 105 -12.96 9.98 -16.56
CA ALA A 105 -14.06 10.97 -16.62
C ALA A 105 -15.32 10.21 -17.03
N LEU A 106 -15.19 9.29 -17.97
CA LEU A 106 -16.35 8.51 -18.39
C LEU A 106 -16.89 7.69 -17.17
N GLY A 107 -16.05 7.20 -16.31
CA GLY A 107 -16.57 6.53 -15.07
C GLY A 107 -17.52 7.48 -14.33
N CYS A 108 -17.10 8.73 -14.18
CA CYS A 108 -17.87 9.78 -13.47
C CYS A 108 -19.25 10.09 -14.08
N SER A 109 -19.45 9.66 -15.33
CA SER A 109 -20.76 9.76 -15.98
C SER A 109 -21.81 8.82 -15.39
N PHE A 110 -21.37 7.70 -14.81
CA PHE A 110 -22.26 6.65 -14.33
C PHE A 110 -23.27 6.29 -15.42
N ASP A 111 -22.90 6.48 -16.69
CA ASP A 111 -23.84 6.28 -17.76
C ASP A 111 -23.35 5.32 -18.82
N ARG A 112 -23.98 4.15 -18.86
CA ARG A 112 -23.58 3.06 -19.73
C ARG A 112 -23.68 3.41 -21.22
N GLU A 113 -24.75 4.10 -21.62
CA GLU A 113 -25.00 4.50 -23.04
C GLU A 113 -23.97 5.54 -23.53
N THR A 114 -23.62 6.51 -22.69
CA THR A 114 -22.48 7.39 -22.99
C THR A 114 -21.23 6.57 -23.34
N VAL A 115 -20.94 5.54 -22.54
CA VAL A 115 -19.75 4.77 -22.79
C VAL A 115 -19.83 3.91 -24.06
N ARG A 116 -20.98 3.30 -24.31
CA ARG A 116 -21.16 2.53 -25.55
C ARG A 116 -21.04 3.43 -26.80
N VAL A 117 -21.59 4.62 -26.74
CA VAL A 117 -21.59 5.51 -27.90
C VAL A 117 -20.17 5.97 -28.25
N MET A 118 -19.40 6.25 -27.21
CA MET A 118 -17.98 6.67 -27.36
C MET A 118 -17.23 5.54 -28.08
N ALA A 119 -17.44 4.30 -27.57
CA ALA A 119 -16.79 3.13 -28.18
C ALA A 119 -17.27 2.91 -29.62
N GLU A 120 -18.57 3.12 -29.88
CA GLU A 120 -19.08 2.99 -31.29
C GLU A 120 -18.48 3.97 -32.30
N VAL A 121 -18.38 5.24 -31.90
CA VAL A 121 -17.80 6.27 -32.73
C VAL A 121 -16.31 5.95 -32.88
N SER A 122 -15.68 5.55 -31.79
CA SER A 122 -14.26 5.17 -31.86
C SER A 122 -14.01 4.12 -32.95
N ALA A 123 -14.84 3.10 -32.94
CA ALA A 123 -14.75 2.04 -33.97
C ALA A 123 -15.11 2.53 -35.37
N LEU A 124 -16.16 3.33 -35.47
CA LEU A 124 -16.53 3.89 -36.78
C LEU A 124 -15.31 4.53 -37.43
N GLU A 125 -14.62 5.37 -36.69
CA GLU A 125 -13.48 6.14 -37.17
C GLU A 125 -12.21 5.29 -37.35
N ALA A 126 -11.92 4.45 -36.34
CA ALA A 126 -10.70 3.56 -36.35
C ALA A 126 -10.75 2.56 -37.53
N THR A 127 -11.92 1.97 -37.79
CA THR A 127 -12.05 1.07 -38.93
C THR A 127 -11.93 1.82 -40.26
N ALA A 128 -12.48 3.02 -40.31
CA ALA A 128 -12.32 3.92 -41.46
C ALA A 128 -10.87 4.26 -41.76
N ASP A 129 -9.99 4.20 -40.75
CA ASP A 129 -8.52 4.40 -40.94
C ASP A 129 -7.75 3.10 -40.94
N GLY A 130 -8.46 1.98 -41.07
CA GLY A 130 -7.78 0.68 -41.34
C GLY A 130 -7.46 -0.21 -40.16
N HIS A 131 -7.93 0.15 -38.96
CA HIS A 131 -7.64 -0.64 -37.74
C HIS A 131 -8.66 -1.75 -37.47
N HIS A 132 -8.19 -2.96 -37.12
CA HIS A 132 -9.06 -4.11 -36.85
C HIS A 132 -9.38 -4.34 -35.36
N VAL A 133 -8.42 -4.02 -34.49
CA VAL A 133 -8.47 -4.26 -33.03
C VAL A 133 -8.09 -3.00 -32.27
N THR A 134 -8.80 -2.71 -31.17
CA THR A 134 -8.36 -1.67 -30.21
C THR A 134 -7.93 -2.24 -28.86
N PHE A 135 -6.83 -1.73 -28.32
CA PHE A 135 -6.40 -2.11 -26.97
C PHE A 135 -7.24 -1.36 -25.92
N SER A 136 -8.50 -1.73 -25.83
CA SER A 136 -9.47 -1.09 -24.92
C SER A 136 -10.66 -2.07 -24.79
N PRO A 137 -11.36 -2.09 -23.67
CA PRO A 137 -11.18 -1.33 -22.43
C PRO A 137 -10.03 -1.77 -21.49
N MET A 138 -9.51 -0.74 -20.83
CA MET A 138 -8.61 -0.94 -19.73
C MET A 138 -9.44 -1.11 -18.45
N LEU A 139 -9.34 -2.29 -17.85
CA LEU A 139 -10.20 -2.68 -16.72
C LEU A 139 -9.52 -2.87 -15.36
N ASP A 140 -8.37 -2.23 -15.19
CA ASP A 140 -7.61 -2.29 -13.94
C ASP A 140 -8.32 -1.45 -12.83
N LEU A 141 -8.71 -2.12 -11.74
CA LEU A 141 -9.18 -1.44 -10.53
C LEU A 141 -8.04 -0.56 -9.98
N VAL A 142 -8.41 0.70 -9.63
CA VAL A 142 -7.48 1.70 -9.15
C VAL A 142 -7.90 2.27 -7.79
N ARG A 143 -6.96 2.27 -6.83
CA ARG A 143 -7.10 2.90 -5.50
C ARG A 143 -6.00 3.91 -5.16
N ASP A 144 -5.11 4.19 -6.12
CA ASP A 144 -3.89 4.97 -5.87
C ASP A 144 -3.70 5.99 -7.01
N PRO A 145 -4.14 7.24 -6.81
CA PRO A 145 -4.03 8.26 -7.80
C PRO A 145 -2.60 8.78 -8.03
N ARG A 146 -1.59 8.27 -7.29
CA ARG A 146 -0.18 8.55 -7.69
C ARG A 146 0.08 7.98 -9.09
N TRP A 147 -0.51 6.85 -9.38
CA TRP A 147 -0.30 6.09 -10.64
C TRP A 147 -0.94 6.84 -11.79
N GLY A 148 -0.12 7.20 -12.78
CA GLY A 148 -0.57 7.94 -13.95
C GLY A 148 -1.64 7.26 -14.72
N ARG A 149 -1.68 5.92 -14.70
CA ARG A 149 -2.69 5.18 -15.52
C ARG A 149 -4.06 5.15 -14.92
N VAL A 150 -4.29 5.79 -13.79
CA VAL A 150 -5.68 5.92 -13.30
C VAL A 150 -6.60 6.52 -14.38
N MET A 151 -6.05 7.34 -15.26
CA MET A 151 -6.84 8.04 -16.26
C MET A 151 -7.48 7.09 -17.28
N GLU A 152 -6.97 5.87 -17.38
CA GLU A 152 -7.46 4.85 -18.34
C GLU A 152 -8.50 3.90 -17.71
N SER A 153 -8.67 4.02 -16.41
CA SER A 153 -9.64 3.22 -15.69
C SER A 153 -10.87 4.04 -15.40
N THR A 154 -11.94 3.31 -15.04
CA THR A 154 -13.20 3.93 -14.70
C THR A 154 -13.26 4.13 -13.19
N GLY A 155 -12.23 3.73 -12.48
CA GLY A 155 -12.12 4.08 -11.06
C GLY A 155 -12.00 2.98 -10.00
N GLU A 156 -12.47 3.28 -8.78
CA GLU A 156 -12.24 2.43 -7.64
C GLU A 156 -13.28 1.32 -7.42
N ASP A 157 -14.33 1.26 -8.23
CA ASP A 157 -15.39 0.27 -7.97
C ASP A 157 -15.45 -0.84 -9.00
N PRO A 158 -15.25 -2.10 -8.57
CA PRO A 158 -15.36 -3.23 -9.47
C PRO A 158 -16.69 -3.29 -10.20
N PHE A 159 -17.82 -2.93 -9.55
CA PHE A 159 -19.18 -3.10 -10.22
C PHE A 159 -19.35 -2.06 -11.35
N LEU A 160 -19.15 -0.80 -11.03
CA LEU A 160 -19.10 0.21 -12.08
C LEU A 160 -18.12 -0.16 -13.22
N ASN A 161 -16.90 -0.54 -12.82
CA ASN A 161 -15.90 -0.84 -13.83
C ASN A 161 -16.38 -1.97 -14.76
N SER A 162 -16.97 -3.05 -14.16
CA SER A 162 -17.53 -4.20 -14.95
C SER A 162 -18.62 -3.72 -15.93
N GLU A 163 -19.51 -2.87 -15.44
CA GLU A 163 -20.68 -2.42 -16.23
C GLU A 163 -20.28 -1.52 -17.37
N LEU A 164 -19.38 -0.59 -17.08
CA LEU A 164 -18.93 0.30 -18.18
C LEU A 164 -18.00 -0.45 -19.12
N GLY A 165 -17.27 -1.44 -18.60
CA GLY A 165 -16.42 -2.31 -19.42
C GLY A 165 -17.25 -3.05 -20.46
N LYS A 166 -18.36 -3.62 -20.05
CA LYS A 166 -19.28 -4.29 -20.97
C LYS A 166 -19.87 -3.36 -21.99
N ALA A 167 -20.21 -2.15 -21.57
CA ALA A 167 -20.65 -1.13 -22.46
C ALA A 167 -19.65 -0.75 -23.55
N MET A 168 -18.34 -0.67 -23.21
CA MET A 168 -17.32 -0.39 -24.22
C MET A 168 -17.18 -1.50 -25.23
N VAL A 169 -17.12 -2.74 -24.73
CA VAL A 169 -17.07 -3.92 -25.59
C VAL A 169 -18.21 -3.96 -26.58
N ASP A 170 -19.42 -3.77 -26.05
CA ASP A 170 -20.60 -3.70 -26.91
C ASP A 170 -20.50 -2.59 -27.99
N GLY A 171 -19.97 -1.41 -27.62
CA GLY A 171 -19.91 -0.29 -28.57
C GLY A 171 -18.85 -0.53 -29.63
N TYR A 172 -17.73 -1.13 -29.23
CA TYR A 172 -16.66 -1.42 -30.18
C TYR A 172 -17.09 -2.57 -31.12
N GLN A 173 -17.64 -3.64 -30.55
CA GLN A 173 -17.78 -4.88 -31.31
C GLN A 173 -19.15 -5.09 -31.94
N GLY A 174 -20.18 -4.54 -31.33
CA GLY A 174 -21.55 -4.97 -31.58
C GLY A 174 -21.67 -6.46 -31.41
N ASP A 175 -22.28 -7.13 -32.39
CA ASP A 175 -22.48 -8.56 -32.26
C ASP A 175 -21.17 -9.23 -32.60
N ALA A 176 -20.46 -9.74 -31.60
CA ALA A 176 -19.12 -10.34 -31.81
C ALA A 176 -19.09 -11.39 -32.92
N SER A 177 -20.18 -12.14 -33.08
CA SER A 177 -20.24 -13.22 -34.11
C SER A 177 -20.36 -12.72 -35.56
N LYS A 178 -20.53 -11.42 -35.80
CA LYS A 178 -20.56 -10.85 -37.15
C LYS A 178 -19.54 -9.75 -37.46
N LEU A 179 -18.36 -9.85 -36.88
CA LEU A 179 -17.28 -8.90 -37.18
C LEU A 179 -16.73 -9.10 -38.62
N ASN A 180 -17.13 -10.19 -39.27
CA ASN A 180 -16.72 -10.42 -40.67
C ASN A 180 -17.61 -9.64 -41.65
N GLU A 181 -18.76 -9.19 -41.15
CA GLU A 181 -19.78 -8.42 -41.90
C GLU A 181 -19.95 -6.97 -41.45
N ASN A 182 -19.86 -6.70 -40.16
CA ASN A 182 -20.10 -5.35 -39.64
C ASN A 182 -18.78 -4.58 -39.59
N LEU A 183 -18.34 -4.05 -40.74
CA LEU A 183 -16.95 -3.56 -40.86
C LEU A 183 -16.67 -2.13 -40.29
N GLU A 184 -17.68 -1.55 -39.65
CA GLU A 184 -17.57 -0.31 -38.85
C GLU A 184 -17.38 -0.58 -37.37
N GLN A 185 -17.52 -1.86 -36.98
CA GLN A 185 -17.14 -2.38 -35.65
C GLN A 185 -15.76 -3.01 -35.74
N MET A 186 -15.13 -3.17 -34.56
CA MET A 186 -13.80 -3.74 -34.45
C MET A 186 -13.72 -4.62 -33.22
N ALA A 187 -12.69 -5.45 -33.17
CA ALA A 187 -12.41 -6.27 -32.01
C ALA A 187 -11.86 -5.45 -30.87
N ALA A 188 -12.27 -5.85 -29.66
CA ALA A 188 -11.84 -5.24 -28.43
C ALA A 188 -10.88 -6.19 -27.75
N CYS A 189 -9.86 -5.57 -27.13
CA CYS A 189 -8.87 -6.19 -26.27
C CYS A 189 -8.92 -5.66 -24.82
N VAL A 190 -9.44 -6.48 -23.93
CA VAL A 190 -9.38 -6.28 -22.48
C VAL A 190 -7.90 -6.18 -22.02
N LYS A 191 -7.57 -5.16 -21.26
CA LYS A 191 -6.22 -5.07 -20.70
C LYS A 191 -6.30 -4.53 -19.26
N HIS A 192 -5.32 -4.74 -18.37
CA HIS A 192 -4.10 -5.51 -18.48
C HIS A 192 -4.21 -6.66 -17.48
N PHE A 193 -4.23 -7.89 -17.98
CA PHE A 193 -4.47 -9.06 -17.14
C PHE A 193 -3.19 -9.38 -16.37
N ALA A 194 -3.12 -9.16 -15.04
CA ALA A 194 -4.19 -8.66 -14.16
C ALA A 194 -3.59 -7.86 -13.00
N ALA A 195 -4.42 -6.94 -12.48
CA ALA A 195 -4.21 -6.25 -11.17
C ALA A 195 -3.09 -5.21 -11.23
N TYR A 196 -2.89 -4.66 -12.42
CA TYR A 196 -1.76 -3.74 -12.72
C TYR A 196 -1.92 -2.42 -11.90
N GLY A 197 -3.18 -2.04 -11.63
CA GLY A 197 -3.54 -0.80 -10.93
C GLY A 197 -3.17 -0.75 -9.47
N ALA A 198 -2.74 -1.88 -8.90
CA ALA A 198 -2.29 -1.94 -7.54
C ALA A 198 -0.79 -1.74 -7.38
N ALA A 199 -0.16 -1.25 -8.43
CA ALA A 199 1.28 -0.95 -8.43
C ALA A 199 1.65 -0.28 -7.13
N GLU A 200 2.64 -0.86 -6.44
CA GLU A 200 2.98 -0.42 -5.10
C GLU A 200 3.54 1.01 -5.16
N ALA A 201 3.10 1.81 -4.18
CA ALA A 201 3.46 3.20 -4.05
C ALA A 201 3.16 4.08 -5.27
N GLY A 202 2.23 3.61 -6.13
CA GLY A 202 1.87 4.32 -7.40
C GLY A 202 2.93 4.46 -8.47
N LEU A 203 4.02 3.71 -8.31
CA LEU A 203 5.18 3.77 -9.17
C LEU A 203 4.99 2.87 -10.41
N GLU A 204 5.24 3.41 -11.59
CA GLU A 204 5.00 2.63 -12.78
C GLU A 204 5.77 1.31 -12.80
N TYR A 205 5.03 0.27 -13.20
CA TYR A 205 5.52 -1.11 -13.42
C TYR A 205 5.90 -1.82 -12.14
N ASN A 206 5.60 -1.19 -11.01
CA ASN A 206 6.13 -1.70 -9.75
C ASN A 206 5.31 -2.89 -9.23
N THR A 207 5.92 -3.61 -8.30
CA THR A 207 5.29 -4.69 -7.57
C THR A 207 3.82 -4.49 -7.22
N VAL A 208 3.08 -5.58 -7.42
CA VAL A 208 1.68 -5.72 -7.00
C VAL A 208 1.66 -6.96 -6.12
N ASN A 209 1.05 -6.83 -4.96
CA ASN A 209 0.81 -8.00 -4.13
C ASN A 209 -0.48 -7.88 -3.37
N MET A 210 -1.24 -8.95 -3.52
N MET A 210 -1.24 -8.94 -3.54
CA MET A 210 -2.46 -9.16 -2.82
CA MET A 210 -2.44 -9.19 -2.81
C MET A 210 -2.71 -10.69 -2.79
C MET A 210 -2.73 -10.70 -2.82
N SER A 211 -3.48 -11.06 -1.80
CA SER A 211 -3.98 -12.43 -1.56
C SER A 211 -4.87 -12.86 -2.73
N THR A 212 -4.80 -14.13 -3.04
CA THR A 212 -5.67 -14.69 -4.08
C THR A 212 -7.18 -14.37 -3.91
N ARG A 213 -7.68 -14.50 -2.69
CA ARG A 213 -9.08 -14.08 -2.40
C ARG A 213 -9.43 -12.65 -2.86
N GLU A 214 -8.60 -11.67 -2.45
CA GLU A 214 -8.77 -10.28 -2.92
C GLU A 214 -8.65 -10.12 -4.43
N LEU A 215 -7.69 -10.81 -5.01
CA LEU A 215 -7.62 -10.85 -6.49
C LEU A 215 -8.98 -11.28 -7.11
N TYR A 216 -9.55 -12.44 -6.70
CA TYR A 216 -10.89 -12.79 -7.16
C TYR A 216 -12.00 -11.76 -6.80
N GLN A 217 -11.99 -11.33 -5.54
CA GLN A 217 -13.06 -10.51 -5.01
C GLN A 217 -13.22 -9.18 -5.67
N ASN A 218 -12.10 -8.49 -5.84
CA ASN A 218 -12.09 -7.09 -6.34
C ASN A 218 -11.39 -6.83 -7.69
N TYR A 219 -10.28 -7.54 -8.00
CA TYR A 219 -9.40 -7.16 -9.13
C TYR A 219 -9.76 -7.88 -10.48
N LEU A 220 -10.33 -9.09 -10.37
CA LEU A 220 -10.65 -9.87 -11.58
C LEU A 220 -12.05 -9.59 -12.16
N PRO A 221 -13.00 -9.16 -11.30
CA PRO A 221 -14.35 -9.20 -11.87
C PRO A 221 -14.58 -8.39 -13.16
N ALA A 222 -13.96 -7.22 -13.33
CA ALA A 222 -14.26 -6.46 -14.56
C ALA A 222 -13.66 -7.13 -15.77
N TYR A 223 -12.45 -7.68 -15.68
CA TYR A 223 -11.92 -8.41 -16.84
C TYR A 223 -12.92 -9.50 -17.17
N ASN A 224 -13.36 -10.21 -16.14
CA ASN A 224 -14.30 -11.31 -16.34
C ASN A 224 -15.60 -10.90 -17.06
N ALA A 225 -16.18 -9.79 -16.68
CA ALA A 225 -17.45 -9.33 -17.28
C ALA A 225 -17.25 -8.96 -18.76
N ALA A 226 -16.14 -8.30 -19.07
CA ALA A 226 -15.86 -7.98 -20.49
C ALA A 226 -15.56 -9.22 -21.35
N ILE A 227 -14.85 -10.19 -20.75
CA ILE A 227 -14.59 -11.50 -21.37
C ILE A 227 -15.92 -12.21 -21.61
N GLN A 228 -16.77 -12.29 -20.59
CA GLN A 228 -18.09 -12.94 -20.73
C GLN A 228 -18.99 -12.23 -21.75
N ALA A 229 -18.84 -10.92 -21.95
CA ALA A 229 -19.65 -10.23 -22.97
C ALA A 229 -19.10 -10.37 -24.40
N GLY A 230 -17.97 -11.05 -24.55
CA GLY A 230 -17.47 -11.41 -25.88
C GLY A 230 -16.22 -10.72 -26.35
N ALA A 231 -15.49 -10.07 -25.43
CA ALA A 231 -14.25 -9.43 -25.82
C ALA A 231 -13.34 -10.42 -26.55
N LYS A 232 -12.82 -10.02 -27.72
CA LYS A 232 -12.07 -10.98 -28.57
C LYS A 232 -10.64 -11.33 -28.18
N LEU A 233 -9.86 -10.33 -27.74
CA LEU A 233 -8.49 -10.54 -27.23
C LEU A 233 -8.35 -10.15 -25.75
N VAL A 234 -7.30 -10.64 -25.12
CA VAL A 234 -6.85 -10.11 -23.85
C VAL A 234 -5.38 -9.76 -23.95
N MET A 235 -4.91 -8.78 -23.19
CA MET A 235 -3.49 -8.37 -23.12
C MET A 235 -2.94 -8.62 -21.67
N THR A 236 -1.69 -9.09 -21.56
CA THR A 236 -1.07 -9.40 -20.27
C THR A 236 -0.67 -8.09 -19.57
N ALA A 237 -0.39 -8.16 -18.27
CA ALA A 237 0.08 -7.02 -17.49
C ALA A 237 1.62 -7.05 -17.30
N PHE A 238 2.24 -5.87 -17.20
CA PHE A 238 3.64 -5.72 -16.85
C PHE A 238 4.11 -6.23 -15.48
N ASN A 239 3.21 -6.11 -14.50
CA ASN A 239 3.43 -6.47 -13.07
C ASN A 239 3.52 -7.96 -12.79
N VAL A 240 4.16 -8.29 -11.67
CA VAL A 240 4.02 -9.60 -11.04
C VAL A 240 2.61 -9.82 -10.52
N VAL A 241 2.17 -11.06 -10.49
CA VAL A 241 0.97 -11.43 -9.77
C VAL A 241 1.40 -12.51 -8.80
N ASP A 242 1.25 -12.27 -7.51
CA ASP A 242 1.87 -13.11 -6.52
C ASP A 242 3.26 -13.64 -6.83
N GLY A 243 4.15 -12.72 -7.14
CA GLY A 243 5.57 -13.08 -7.35
C GLY A 243 5.95 -13.47 -8.77
N ILE A 244 4.99 -13.80 -9.64
CA ILE A 244 5.31 -14.26 -11.02
C ILE A 244 4.81 -13.22 -12.03
N PRO A 245 5.71 -12.69 -12.91
CA PRO A 245 5.25 -11.73 -13.94
C PRO A 245 4.04 -12.26 -14.67
N ALA A 246 2.96 -11.47 -14.76
CA ALA A 246 1.74 -11.96 -15.37
C ALA A 246 1.93 -12.72 -16.72
N THR A 247 2.90 -12.25 -17.52
CA THR A 247 3.10 -12.70 -18.92
C THR A 247 3.45 -14.19 -19.01
N MET A 248 4.18 -14.68 -18.00
CA MET A 248 4.58 -16.11 -17.87
C MET A 248 3.94 -16.83 -16.66
N ASN A 249 2.85 -16.27 -16.20
CA ASN A 249 2.14 -16.82 -15.09
C ASN A 249 1.12 -17.83 -15.59
N LYS A 250 1.48 -19.12 -15.48
CA LYS A 250 0.70 -20.19 -16.10
C LYS A 250 -0.56 -20.39 -15.37
N TRP A 251 -0.54 -20.31 -14.04
CA TRP A 251 -1.79 -20.41 -13.26
C TRP A 251 -2.73 -19.32 -13.70
N LEU A 252 -2.23 -18.10 -13.75
CA LEU A 252 -3.13 -16.99 -14.11
C LEU A 252 -3.75 -17.02 -15.46
N ASN A 253 -2.94 -17.27 -16.48
CA ASN A 253 -3.36 -17.24 -17.88
C ASN A 253 -3.95 -18.56 -18.44
N ARG A 254 -3.44 -19.71 -17.97
CA ARG A 254 -3.98 -21.02 -18.37
C ARG A 254 -5.15 -21.39 -17.47
N ASP A 255 -4.92 -21.54 -16.17
CA ASP A 255 -6.02 -21.99 -15.25
C ASP A 255 -7.18 -20.98 -15.08
N VAL A 256 -6.87 -19.72 -14.80
CA VAL A 256 -7.93 -18.68 -14.59
C VAL A 256 -8.53 -18.14 -15.92
N LEU A 257 -7.69 -17.58 -16.78
CA LEU A 257 -8.14 -16.91 -17.99
C LEU A 257 -8.76 -17.89 -18.93
N ARG A 258 -8.00 -18.92 -19.31
CA ARG A 258 -8.47 -19.89 -20.29
C ARG A 258 -9.35 -20.97 -19.68
N GLY A 259 -9.05 -21.38 -18.47
CA GLY A 259 -9.87 -22.36 -17.76
C GLY A 259 -11.12 -21.77 -17.15
N GLU A 260 -11.00 -21.09 -16.03
CA GLU A 260 -12.19 -20.61 -15.30
C GLU A 260 -12.99 -19.60 -16.11
N MET A 261 -12.36 -18.62 -16.71
CA MET A 261 -13.12 -17.58 -17.51
C MET A 261 -13.48 -18.01 -18.93
N GLU A 262 -12.99 -19.17 -19.32
CA GLU A 262 -13.29 -19.79 -20.65
C GLU A 262 -12.91 -18.90 -21.84
N PHE A 263 -11.84 -18.12 -21.70
CA PHE A 263 -11.31 -17.29 -22.80
C PHE A 263 -10.54 -18.17 -23.76
N ASP A 264 -10.95 -18.10 -25.04
CA ASP A 264 -10.39 -18.92 -26.07
C ASP A 264 -9.91 -18.06 -27.27
N GLY A 265 -9.65 -16.78 -27.03
CA GLY A 265 -9.04 -15.87 -28.00
C GLY A 265 -7.53 -15.67 -27.86
N VAL A 266 -7.01 -14.78 -28.69
CA VAL A 266 -5.61 -14.37 -28.69
C VAL A 266 -5.27 -13.66 -27.38
N LEU A 267 -4.24 -14.17 -26.70
CA LEU A 267 -3.61 -13.48 -25.58
C LEU A 267 -2.37 -12.83 -26.16
N ILE A 268 -2.28 -11.50 -26.09
CA ILE A 268 -1.18 -10.69 -26.66
C ILE A 268 -0.43 -10.12 -25.47
N SER A 269 0.89 -10.08 -25.53
CA SER A 269 1.69 -9.46 -24.49
C SER A 269 1.49 -8.00 -24.44
N ALA A 270 1.68 -7.38 -23.27
CA ALA A 270 1.95 -5.93 -23.26
C ALA A 270 3.32 -5.66 -23.92
N TRP A 271 3.64 -4.40 -24.22
CA TRP A 271 4.82 -4.12 -25.02
C TRP A 271 6.13 -4.63 -24.37
N GLY A 272 6.83 -5.50 -25.06
CA GLY A 272 8.07 -6.06 -24.54
C GLY A 272 7.94 -6.95 -23.31
N ALA A 273 6.74 -7.18 -22.80
CA ALA A 273 6.57 -7.88 -21.55
C ALA A 273 7.09 -9.33 -21.61
N VAL A 274 7.17 -9.91 -22.81
CA VAL A 274 7.76 -11.25 -22.87
C VAL A 274 9.24 -11.22 -22.48
N ALA A 275 10.02 -10.29 -23.09
CA ALA A 275 11.47 -10.07 -22.80
C ALA A 275 11.75 -9.59 -21.39
N GLU A 276 10.90 -8.75 -20.90
CA GLU A 276 11.01 -8.14 -19.57
C GLU A 276 10.91 -9.15 -18.41
N VAL A 277 10.44 -10.37 -18.64
CA VAL A 277 10.40 -11.36 -17.54
C VAL A 277 11.83 -11.66 -17.12
N ILE A 278 12.79 -11.38 -18.02
CA ILE A 278 14.22 -11.46 -17.65
C ILE A 278 14.61 -10.42 -16.62
N ASN A 279 14.22 -9.16 -16.86
CA ASN A 279 14.50 -8.11 -15.91
C ASN A 279 13.88 -8.43 -14.56
N HIS A 280 12.67 -8.99 -14.59
CA HIS A 280 11.95 -9.38 -13.40
C HIS A 280 12.67 -10.46 -12.67
N GLY A 281 13.52 -11.19 -13.37
CA GLY A 281 14.38 -12.21 -12.70
C GLY A 281 13.70 -13.58 -12.55
N THR A 282 12.72 -13.83 -13.42
CA THR A 282 12.03 -15.12 -13.56
C THR A 282 12.32 -15.87 -14.91
N ALA A 283 13.29 -15.35 -15.67
CA ALA A 283 13.85 -16.08 -16.81
C ALA A 283 15.29 -15.65 -16.89
N ARG A 284 16.20 -16.57 -17.16
CA ARG A 284 17.66 -16.23 -17.28
C ARG A 284 18.01 -15.51 -18.64
N ASN A 285 17.27 -15.75 -19.69
CA ASN A 285 17.68 -15.31 -21.03
C ASN A 285 16.46 -15.37 -21.93
N PRO A 286 16.60 -14.96 -23.22
CA PRO A 286 15.44 -15.04 -24.12
C PRO A 286 14.88 -16.43 -24.45
N LYS A 287 15.72 -17.46 -24.39
CA LYS A 287 15.23 -18.80 -24.59
C LYS A 287 14.29 -19.21 -23.44
N GLU A 288 14.63 -18.89 -22.21
CA GLU A 288 13.74 -19.20 -21.13
C GLU A 288 12.45 -18.36 -21.23
N ALA A 289 12.57 -17.06 -21.52
CA ALA A 289 11.38 -16.20 -21.52
C ALA A 289 10.35 -16.67 -22.56
N ALA A 290 10.90 -17.07 -23.71
CA ALA A 290 10.16 -17.67 -24.78
C ALA A 290 9.46 -18.89 -24.30
N GLN A 291 10.23 -19.77 -23.70
CA GLN A 291 9.65 -21.04 -23.27
C GLN A 291 8.48 -20.81 -22.32
N PHE A 292 8.71 -20.01 -21.28
CA PHE A 292 7.69 -19.85 -20.20
C PHE A 292 6.46 -19.09 -20.64
N SER A 293 6.65 -18.13 -21.54
CA SER A 293 5.55 -17.35 -22.03
C SER A 293 4.67 -18.18 -22.90
N MET A 294 5.26 -19.04 -23.72
CA MET A 294 4.43 -19.93 -24.54
C MET A 294 3.73 -21.00 -23.65
N GLU A 295 4.42 -21.50 -22.64
CA GLU A 295 3.73 -22.39 -21.68
C GLU A 295 2.54 -21.73 -21.02
N ALA A 296 2.66 -20.43 -20.72
CA ALA A 296 1.57 -19.67 -20.13
C ALA A 296 0.48 -19.31 -21.11
N GLY A 297 0.70 -19.58 -22.41
CA GLY A 297 -0.32 -19.36 -23.46
C GLY A 297 -0.39 -17.96 -24.08
N VAL A 298 0.72 -17.24 -24.03
CA VAL A 298 0.81 -15.93 -24.71
C VAL A 298 0.90 -16.23 -26.20
N ASP A 299 -0.06 -15.73 -26.97
CA ASP A 299 -0.10 -16.06 -28.40
C ASP A 299 0.71 -15.13 -29.31
N LEU A 300 0.93 -13.90 -28.87
CA LEU A 300 1.40 -12.82 -29.72
C LEU A 300 2.38 -11.91 -28.95
N GLU A 301 3.62 -11.88 -29.41
CA GLU A 301 4.66 -11.10 -28.78
C GLU A 301 4.78 -9.72 -29.36
N MET A 302 4.43 -8.72 -28.54
CA MET A 302 4.45 -7.32 -28.94
C MET A 302 5.85 -6.71 -28.97
N MET A 303 6.42 -6.64 -30.18
CA MET A 303 7.64 -5.83 -30.43
C MET A 303 8.94 -6.31 -29.72
N THR A 304 8.99 -7.54 -29.25
CA THR A 304 10.28 -8.16 -28.88
C THR A 304 10.45 -9.50 -29.66
N THR A 305 11.60 -10.13 -29.50
CA THR A 305 12.07 -11.11 -30.43
C THR A 305 12.33 -12.48 -29.80
N CYS A 306 11.81 -12.77 -28.60
CA CYS A 306 12.11 -14.00 -27.93
C CYS A 306 11.55 -15.17 -28.72
N TYR A 307 10.28 -15.04 -29.14
CA TYR A 307 9.64 -16.06 -29.97
C TYR A 307 10.35 -16.31 -31.32
N ILE A 308 10.54 -15.26 -32.13
CA ILE A 308 11.14 -15.47 -33.47
C ILE A 308 12.52 -16.11 -33.38
N HIS A 309 13.38 -15.62 -32.48
CA HIS A 309 14.77 -16.10 -32.37
C HIS A 309 14.92 -17.41 -31.56
N GLU A 310 13.98 -17.81 -30.72
CA GLU A 310 14.20 -19.00 -29.83
C GLU A 310 13.23 -20.22 -29.92
N LEU A 311 12.06 -20.07 -30.53
CA LEU A 311 11.06 -21.16 -30.47
C LEU A 311 11.51 -22.36 -31.25
N LYS A 312 12.17 -22.13 -32.38
CA LYS A 312 12.66 -23.23 -33.22
C LYS A 312 13.51 -24.18 -32.39
N GLY A 313 14.56 -23.62 -31.79
CA GLY A 313 15.48 -24.41 -30.98
C GLY A 313 14.80 -25.13 -29.81
N LEU A 314 13.79 -24.50 -29.22
CA LEU A 314 13.07 -25.09 -28.10
C LEU A 314 12.21 -26.23 -28.57
N ILE A 315 11.62 -26.07 -29.73
CA ILE A 315 10.80 -27.14 -30.27
C ILE A 315 11.64 -28.32 -30.76
N GLU A 316 12.68 -27.99 -31.50
CA GLU A 316 13.66 -28.97 -31.99
C GLU A 316 14.27 -29.77 -30.85
N GLU A 317 14.81 -29.07 -29.86
CA GLU A 317 15.38 -29.72 -28.67
C GLU A 317 14.40 -30.45 -27.77
N GLY A 318 13.09 -30.38 -28.02
CA GLY A 318 12.15 -31.06 -27.13
C GLY A 318 11.78 -30.38 -25.81
N LYS A 319 12.17 -29.13 -25.59
CA LYS A 319 11.78 -28.45 -24.32
C LYS A 319 10.35 -27.89 -24.36
N LEU A 320 9.79 -27.80 -25.56
CA LEU A 320 8.49 -27.18 -25.77
C LEU A 320 7.77 -27.96 -26.83
N SER A 321 6.54 -28.33 -26.58
CA SER A 321 5.72 -28.96 -27.58
C SER A 321 5.30 -28.05 -28.73
N GLU A 322 5.46 -28.56 -29.96
CA GLU A 322 4.95 -27.88 -31.12
C GLU A 322 3.44 -27.73 -31.05
N ASN A 323 2.74 -28.58 -30.29
CA ASN A 323 1.31 -28.41 -30.16
C ASN A 323 0.92 -27.05 -29.58
N LEU A 324 1.74 -26.51 -28.69
CA LEU A 324 1.40 -25.22 -28.04
C LEU A 324 1.49 -24.08 -29.06
N LEU A 325 2.54 -24.12 -29.88
CA LEU A 325 2.60 -23.24 -31.05
C LEU A 325 1.43 -23.35 -32.05
N ASP A 326 1.07 -24.56 -32.42
CA ASP A 326 -0.11 -24.72 -33.30
C ASP A 326 -1.37 -24.15 -32.72
N GLU A 327 -1.53 -24.25 -31.42
CA GLU A 327 -2.75 -23.74 -30.89
C GLU A 327 -2.72 -22.16 -30.86
N ALA A 328 -1.56 -21.59 -30.60
CA ALA A 328 -1.40 -20.14 -30.70
C ALA A 328 -1.72 -19.63 -32.13
N VAL A 329 -1.14 -20.28 -33.12
CA VAL A 329 -1.30 -19.96 -34.55
C VAL A 329 -2.78 -20.14 -34.89
N LEU A 330 -3.43 -21.20 -34.39
CA LEU A 330 -4.86 -21.37 -34.65
C LEU A 330 -5.69 -20.21 -34.10
N ARG A 331 -5.40 -19.75 -32.88
CA ARG A 331 -6.10 -18.57 -32.34
C ARG A 331 -5.83 -17.30 -33.21
N MET A 332 -4.60 -17.11 -33.64
CA MET A 332 -4.31 -15.94 -34.48
C MET A 332 -5.15 -15.97 -35.78
N LEU A 333 -5.13 -17.13 -36.43
CA LEU A 333 -5.86 -17.33 -37.66
C LEU A 333 -7.37 -17.19 -37.47
N ASN A 334 -7.92 -17.70 -36.36
CA ASN A 334 -9.36 -17.58 -36.08
C ASN A 334 -9.77 -16.13 -35.91
N LEU A 335 -8.93 -15.32 -35.27
CA LEU A 335 -9.19 -13.88 -35.11
C LEU A 335 -9.29 -13.21 -36.47
N LYS A 336 -8.34 -13.54 -37.34
CA LYS A 336 -8.32 -12.95 -38.69
C LYS A 336 -9.56 -13.36 -39.43
N ASN A 337 -9.94 -14.61 -39.27
CA ASN A 337 -11.18 -15.13 -39.88
C ASN A 337 -12.43 -14.45 -39.34
N ASP A 338 -12.48 -14.29 -38.03
CA ASP A 338 -13.55 -13.59 -37.36
C ASP A 338 -13.74 -12.16 -37.89
N LEU A 339 -12.65 -11.50 -38.26
CA LEU A 339 -12.69 -10.14 -38.87
C LEU A 339 -12.95 -10.12 -40.40
N GLY A 340 -13.03 -11.30 -41.00
CA GLY A 340 -13.37 -11.44 -42.42
C GLY A 340 -12.15 -11.25 -43.30
N LEU A 341 -10.95 -11.35 -42.72
CA LEU A 341 -9.71 -10.94 -43.42
C LEU A 341 -9.29 -11.85 -44.56
N PHE A 342 -9.76 -13.09 -44.57
CA PHE A 342 -9.53 -14.03 -45.69
C PHE A 342 -10.45 -13.81 -46.90
N GLU A 343 -11.54 -13.06 -46.73
CA GLU A 343 -12.41 -12.67 -47.86
C GLU A 343 -12.05 -11.25 -48.25
N ASP A 344 -11.93 -10.37 -47.24
CA ASP A 344 -11.52 -8.96 -47.45
C ASP A 344 -10.42 -8.54 -46.45
N PRO A 345 -9.16 -8.68 -46.87
CA PRO A 345 -7.98 -8.26 -46.09
C PRO A 345 -7.83 -6.74 -45.84
N TYR A 346 -8.55 -5.92 -46.61
CA TYR A 346 -8.57 -4.46 -46.47
C TYR A 346 -9.76 -3.99 -45.62
N ARG A 347 -10.50 -4.96 -45.10
CA ARG A 347 -11.65 -4.73 -44.25
C ARG A 347 -12.48 -3.50 -44.60
N GLY A 348 -12.90 -3.46 -45.86
CA GLY A 348 -13.89 -2.50 -46.35
C GLY A 348 -13.31 -1.29 -47.04
N LEU A 349 -12.00 -1.13 -46.99
CA LEU A 349 -11.39 0.12 -47.43
C LEU A 349 -10.95 0.13 -48.87
N LYS A 350 -10.66 -1.03 -49.45
CA LYS A 350 -9.90 -1.05 -50.70
C LYS A 350 -10.61 -0.24 -51.78
N ASN A 351 -11.92 -0.43 -51.93
CA ASN A 351 -12.69 0.38 -52.90
C ASN A 351 -13.66 1.40 -52.31
N ASN A 352 -13.39 1.83 -51.07
CA ASN A 352 -14.29 2.65 -50.32
C ASN A 352 -13.53 3.49 -49.34
N ASP A 353 -13.16 4.68 -49.78
CA ASP A 353 -12.56 5.70 -48.90
C ASP A 353 -13.61 6.17 -47.92
N ARG A 354 -13.39 5.90 -46.62
CA ARG A 354 -14.31 6.29 -45.56
C ARG A 354 -13.81 7.51 -44.75
N THR A 355 -12.91 8.30 -45.34
CA THR A 355 -12.56 9.65 -44.84
C THR A 355 -13.80 10.39 -44.33
N LYS A 356 -14.93 10.24 -45.04
CA LYS A 356 -16.18 10.96 -44.69
C LYS A 356 -16.74 10.63 -43.30
N ASP A 357 -16.35 9.48 -42.77
CA ASP A 357 -16.83 9.06 -41.47
C ASP A 357 -15.99 9.62 -40.29
N ILE A 358 -14.88 10.32 -40.56
CA ILE A 358 -13.92 10.77 -39.54
C ILE A 358 -14.18 12.22 -39.11
N LEU A 359 -14.35 12.42 -37.80
CA LEU A 359 -14.53 13.75 -37.24
C LEU A 359 -15.75 14.41 -37.86
N THR A 360 -16.88 13.69 -37.94
CA THR A 360 -18.12 14.29 -38.41
C THR A 360 -18.64 15.25 -37.33
N ASP A 361 -19.48 16.19 -37.71
CA ASP A 361 -20.21 16.99 -36.70
C ASP A 361 -21.14 16.16 -35.79
N GLU A 362 -21.83 15.16 -36.32
CA GLU A 362 -22.61 14.28 -35.45
C GLU A 362 -21.70 13.66 -34.36
N SER A 363 -20.50 13.22 -34.75
CA SER A 363 -19.56 12.63 -33.81
C SER A 363 -19.12 13.66 -32.78
N ARG A 364 -18.78 14.86 -33.24
CA ARG A 364 -18.39 15.95 -32.32
C ARG A 364 -19.47 16.26 -31.27
N GLY A 365 -20.75 16.21 -31.65
CA GLY A 365 -21.87 16.35 -30.72
C GLY A 365 -21.97 15.24 -29.67
N LYS A 366 -21.73 14.01 -30.11
CA LYS A 366 -21.63 12.90 -29.18
C LYS A 366 -20.53 13.08 -28.14
N ALA A 367 -19.34 13.49 -28.59
CA ALA A 367 -18.20 13.80 -27.68
C ALA A 367 -18.53 14.89 -26.67
N ARG A 368 -19.17 15.96 -27.14
CA ARG A 368 -19.64 17.02 -26.28
C ARG A 368 -20.66 16.55 -25.26
N ALA A 369 -21.63 15.76 -25.71
CA ALA A 369 -22.57 15.17 -24.79
C ALA A 369 -21.83 14.36 -23.71
N ALA A 370 -20.86 13.56 -24.15
CA ALA A 370 -20.15 12.74 -23.19
C ALA A 370 -19.42 13.63 -22.17
N GLY A 371 -18.80 14.69 -22.65
CA GLY A 371 -18.12 15.63 -21.76
C GLY A 371 -19.06 16.20 -20.70
N VAL A 372 -20.26 16.66 -21.10
CA VAL A 372 -21.23 17.22 -20.15
C VAL A 372 -21.84 16.16 -19.22
N GLU A 373 -21.85 14.88 -19.63
CA GLU A 373 -22.21 13.77 -18.73
C GLU A 373 -21.16 13.42 -17.66
N SER A 374 -19.89 13.71 -17.96
CA SER A 374 -18.73 13.25 -17.20
C SER A 374 -18.18 14.22 -16.22
N ALA A 375 -18.41 15.51 -16.47
CA ALA A 375 -17.92 16.56 -15.58
C ALA A 375 -18.60 16.41 -14.21
N VAL A 376 -17.86 16.77 -13.18
CA VAL A 376 -18.32 16.72 -11.76
C VAL A 376 -18.27 18.07 -11.07
N LEU A 377 -19.45 18.56 -10.72
CA LEU A 377 -19.59 19.78 -9.95
C LEU A 377 -19.33 19.46 -8.51
N LEU A 378 -18.25 20.02 -8.00
CA LEU A 378 -17.74 19.66 -6.68
C LEU A 378 -18.17 20.66 -5.65
N GLU A 379 -18.14 21.94 -6.01
CA GLU A 379 -18.61 23.04 -5.13
C GLU A 379 -19.42 24.05 -5.91
N ASN A 380 -20.39 24.69 -5.25
CA ASN A 380 -21.13 25.78 -5.90
C ASN A 380 -21.82 26.51 -4.80
N LYS A 381 -21.07 27.43 -4.18
CA LYS A 381 -21.55 28.20 -3.04
C LYS A 381 -22.31 29.42 -3.57
N SER A 382 -23.47 29.69 -3.01
CA SER A 382 -24.21 30.91 -3.34
C SER A 382 -24.90 30.91 -4.71
N ARG A 383 -25.08 29.74 -5.30
CA ARG A 383 -25.57 29.64 -6.68
C ARG A 383 -24.82 30.58 -7.55
N LEU A 384 -23.50 30.58 -7.41
CA LEU A 384 -22.61 31.26 -8.37
C LEU A 384 -22.87 30.70 -9.75
N LEU A 385 -22.91 29.37 -9.86
CA LEU A 385 -23.25 28.73 -11.14
C LEU A 385 -24.74 28.34 -11.24
N PRO A 386 -25.35 28.39 -12.44
CA PRO A 386 -24.85 28.80 -13.75
C PRO A 386 -24.68 30.34 -13.86
N LEU A 387 -23.70 30.74 -14.68
CA LEU A 387 -23.47 32.14 -14.96
C LEU A 387 -24.53 32.67 -16.01
N ALA A 388 -24.97 33.92 -15.92
CA ALA A 388 -25.81 34.52 -16.96
C ALA A 388 -24.94 34.77 -18.19
N LYS A 389 -25.54 34.75 -19.39
CA LYS A 389 -24.75 34.85 -20.62
C LYS A 389 -24.08 36.20 -20.73
N GLU A 390 -24.61 37.20 -20.06
CA GLU A 390 -23.98 38.53 -20.09
C GLU A 390 -23.02 38.79 -18.87
N ALA A 391 -22.75 37.75 -18.06
CA ALA A 391 -21.68 37.80 -17.08
C ALA A 391 -20.41 38.21 -17.76
N LYS A 392 -19.68 39.11 -17.11
CA LYS A 392 -18.41 39.57 -17.59
C LYS A 392 -17.37 38.75 -16.84
N ILE A 393 -16.62 37.99 -17.63
CA ILE A 393 -15.74 36.91 -17.17
C ILE A 393 -14.29 37.29 -17.36
N ALA A 394 -13.51 37.23 -16.28
CA ALA A 394 -12.08 37.20 -16.38
C ALA A 394 -11.69 35.72 -16.35
N LEU A 395 -11.09 35.29 -17.45
CA LEU A 395 -10.73 33.89 -17.65
C LEU A 395 -9.23 33.85 -17.44
N VAL A 396 -8.78 33.22 -16.36
CA VAL A 396 -7.34 33.29 -16.07
C VAL A 396 -6.75 31.94 -15.68
N GLY A 397 -5.46 31.76 -15.98
CA GLY A 397 -4.72 30.57 -15.57
C GLY A 397 -4.07 29.78 -16.74
N PRO A 398 -3.41 28.67 -16.41
CA PRO A 398 -2.74 27.86 -17.40
C PRO A 398 -3.66 27.11 -18.39
N LEU A 399 -4.92 26.87 -18.04
CA LEU A 399 -5.89 26.19 -18.88
C LEU A 399 -6.82 27.16 -19.61
N ALA A 400 -6.58 28.47 -19.48
CA ALA A 400 -7.38 29.47 -20.17
C ALA A 400 -7.31 29.31 -21.67
N THR A 401 -6.09 29.17 -22.17
CA THR A 401 -5.80 29.05 -23.60
C THR A 401 -5.04 27.76 -23.96
N SER A 402 -4.63 26.96 -22.99
CA SER A 402 -3.91 25.71 -23.31
C SER A 402 -4.74 24.79 -24.22
N PRO A 403 -4.16 24.35 -25.32
CA PRO A 403 -4.76 23.35 -26.23
C PRO A 403 -4.65 21.88 -25.74
N ASP A 404 -3.97 21.69 -24.61
CA ASP A 404 -3.78 20.37 -23.98
C ASP A 404 -4.97 19.99 -23.08
N ILE A 405 -6.06 19.71 -23.76
CA ILE A 405 -7.35 19.31 -23.19
C ILE A 405 -7.87 17.99 -23.75
N LEU A 406 -7.09 17.34 -24.61
CA LEU A 406 -7.57 16.12 -25.27
C LEU A 406 -7.28 14.91 -24.38
N GLY A 407 -6.38 15.05 -23.44
CA GLY A 407 -6.13 13.98 -22.46
C GLY A 407 -4.96 13.11 -22.81
N GLY A 408 -4.50 12.33 -21.85
CA GLY A 408 -3.52 11.30 -22.15
C GLY A 408 -4.13 10.14 -22.93
N TRP A 409 -3.24 9.33 -23.50
CA TRP A 409 -3.64 8.17 -24.30
C TRP A 409 -4.51 8.59 -25.48
N ASN A 410 -4.11 9.71 -26.04
CA ASN A 410 -4.68 10.27 -27.28
C ASN A 410 -3.68 10.07 -28.38
N VAL A 411 -3.74 8.94 -29.03
CA VAL A 411 -2.69 8.54 -29.95
C VAL A 411 -2.93 9.12 -31.31
N TYR A 412 -4.18 9.38 -31.69
CA TYR A 412 -4.47 9.83 -33.06
C TYR A 412 -5.13 11.23 -33.17
N GLY A 413 -5.69 11.73 -32.06
CA GLY A 413 -6.42 13.01 -32.08
C GLY A 413 -5.49 14.22 -32.11
N GLU A 414 -5.99 15.33 -32.64
CA GLU A 414 -5.11 16.44 -32.93
C GLU A 414 -5.61 17.67 -32.23
N GLU A 415 -4.69 18.38 -31.60
CA GLU A 415 -4.98 19.54 -30.83
C GLU A 415 -5.61 20.66 -31.67
N LYS A 416 -5.27 20.76 -32.96
CA LYS A 416 -5.79 21.83 -33.81
C LYS A 416 -7.31 21.76 -33.95
N ASP A 417 -7.84 20.53 -33.93
CA ASP A 417 -9.27 20.27 -34.05
C ASP A 417 -10.01 20.42 -32.73
N GLY A 418 -9.27 20.59 -31.63
CA GLY A 418 -9.87 20.71 -30.32
C GLY A 418 -10.33 22.12 -29.99
N ILE A 419 -11.28 22.24 -29.06
CA ILE A 419 -11.76 23.52 -28.60
C ILE A 419 -11.24 23.89 -27.19
N ASN A 420 -10.40 24.94 -27.09
CA ASN A 420 -9.88 25.41 -25.82
C ASN A 420 -10.92 26.18 -24.97
N VAL A 421 -10.55 26.58 -23.75
CA VAL A 421 -11.52 27.14 -22.85
C VAL A 421 -11.95 28.52 -23.33
N GLU A 422 -11.01 29.32 -23.79
CA GLU A 422 -11.31 30.68 -24.20
C GLU A 422 -12.26 30.61 -25.39
N THR A 423 -11.94 29.74 -26.35
CA THR A 423 -12.72 29.66 -27.57
C THR A 423 -14.13 29.21 -27.30
N GLY A 424 -14.26 28.25 -26.40
CA GLY A 424 -15.56 27.72 -26.00
C GLY A 424 -16.40 28.79 -25.32
N LEU A 425 -15.78 29.54 -24.40
CA LEU A 425 -16.49 30.58 -23.67
C LEU A 425 -16.91 31.73 -24.58
N ARG A 426 -16.07 32.11 -25.53
CA ARG A 426 -16.45 33.24 -26.39
C ARG A 426 -17.62 32.91 -27.32
N GLU A 427 -17.94 31.64 -27.53
CA GLU A 427 -19.15 31.28 -28.28
C GLU A 427 -20.46 31.50 -27.47
N VAL A 428 -20.32 31.69 -26.18
CA VAL A 428 -21.50 31.70 -25.28
C VAL A 428 -21.61 33.07 -24.64
N PHE A 429 -20.46 33.62 -24.19
CA PHE A 429 -20.37 34.83 -23.30
C PHE A 429 -19.83 36.02 -24.09
N GLU A 430 -20.59 37.11 -24.12
CA GLU A 430 -20.16 38.31 -24.90
C GLU A 430 -18.88 38.93 -24.37
N THR A 431 -18.70 38.99 -23.03
CA THR A 431 -17.51 39.66 -22.44
C THR A 431 -16.57 38.70 -21.68
N VAL A 432 -15.44 38.43 -22.31
CA VAL A 432 -14.36 37.63 -21.71
C VAL A 432 -13.05 38.39 -21.84
N GLU A 433 -12.36 38.55 -20.72
CA GLU A 433 -11.02 39.09 -20.67
C GLU A 433 -10.05 38.00 -20.10
N VAL A 434 -8.96 37.75 -20.81
CA VAL A 434 -8.18 36.54 -20.65
C VAL A 434 -6.78 36.84 -20.21
N VAL A 435 -6.28 36.10 -19.23
CA VAL A 435 -4.88 36.18 -18.89
C VAL A 435 -4.38 34.73 -18.74
N SER A 436 -3.59 34.31 -19.72
CA SER A 436 -2.91 33.05 -19.68
C SER A 436 -1.72 33.12 -18.72
N THR A 437 -1.51 32.07 -17.94
CA THR A 437 -0.29 31.96 -17.15
C THR A 437 0.29 30.59 -17.50
N GLU A 438 1.52 30.33 -17.10
CA GLU A 438 2.20 29.05 -17.29
C GLU A 438 1.82 28.04 -16.21
N TYR A 439 2.08 26.79 -16.54
CA TYR A 439 1.68 25.70 -15.71
C TYR A 439 2.41 25.68 -14.36
N THR A 440 3.65 26.13 -14.32
CA THR A 440 4.51 25.92 -13.15
C THR A 440 5.07 27.19 -12.52
N GLU A 441 4.66 28.36 -13.03
CA GLU A 441 5.21 29.63 -12.57
C GLU A 441 4.04 30.60 -12.22
N LEU A 442 4.32 31.56 -11.35
CA LEU A 442 3.46 32.72 -11.11
C LEU A 442 4.37 33.96 -10.86
N SER A 443 4.49 34.80 -11.88
CA SER A 443 5.41 35.93 -11.88
C SER A 443 4.69 37.17 -11.36
N GLU A 444 5.43 38.23 -11.06
CA GLU A 444 4.77 39.50 -10.65
C GLU A 444 4.00 40.09 -11.77
N GLU A 445 4.58 39.98 -12.96
CA GLU A 445 3.94 40.52 -14.14
C GLU A 445 2.55 39.80 -14.35
N ASP A 446 2.48 38.48 -14.14
CA ASP A 446 1.21 37.74 -14.18
C ASP A 446 0.20 38.36 -13.21
N LYS A 447 0.67 38.64 -12.00
CA LYS A 447 -0.26 39.09 -10.95
C LYS A 447 -0.85 40.44 -11.27
N VAL A 448 -0.01 41.31 -11.83
CA VAL A 448 -0.44 42.63 -12.29
C VAL A 448 -1.50 42.42 -13.37
N ALA A 449 -1.24 41.55 -14.35
CA ALA A 449 -2.19 41.34 -15.46
C ALA A 449 -3.49 40.67 -14.99
N VAL A 450 -3.41 39.70 -14.08
CA VAL A 450 -4.62 39.11 -13.49
C VAL A 450 -5.42 40.16 -12.72
N LYS A 451 -4.72 40.98 -11.95
CA LYS A 451 -5.41 41.95 -11.10
C LYS A 451 -6.19 42.95 -11.99
N ALA A 452 -5.56 43.47 -13.02
CA ALA A 452 -6.25 44.36 -13.97
C ALA A 452 -7.49 43.72 -14.62
N ALA A 453 -7.40 42.43 -15.01
CA ALA A 453 -8.48 41.76 -15.72
C ALA A 453 -9.65 41.49 -14.81
N VAL A 454 -9.35 41.09 -13.57
CA VAL A 454 -10.39 40.89 -12.55
C VAL A 454 -11.11 42.21 -12.11
N GLN A 455 -10.34 43.28 -11.93
CA GLN A 455 -10.91 44.61 -11.66
C GLN A 455 -11.92 45.00 -12.75
N ASN A 456 -11.61 44.74 -14.00
CA ASN A 456 -12.58 45.02 -15.11
C ASN A 456 -13.88 44.18 -15.16
N MET A 457 -13.80 42.93 -14.74
CA MET A 457 -14.87 41.97 -14.97
C MET A 457 -15.67 41.73 -13.71
N ASP A 458 -16.68 40.86 -13.77
CA ASP A 458 -17.55 40.61 -12.58
C ASP A 458 -17.29 39.29 -11.80
N VAL A 459 -16.81 38.26 -12.51
CA VAL A 459 -16.55 36.89 -11.98
C VAL A 459 -15.29 36.30 -12.62
N VAL A 460 -14.60 35.44 -11.87
CA VAL A 460 -13.35 34.88 -12.37
C VAL A 460 -13.65 33.45 -12.68
N VAL A 461 -13.29 33.04 -13.89
CA VAL A 461 -13.15 31.61 -14.25
C VAL A 461 -11.63 31.32 -14.17
N LEU A 462 -11.21 30.59 -13.12
CA LEU A 462 -9.82 30.28 -12.89
C LEU A 462 -9.59 28.87 -13.46
N ALA A 463 -8.89 28.77 -14.58
CA ALA A 463 -8.69 27.51 -15.26
C ALA A 463 -7.33 26.92 -14.88
N LEU A 464 -7.39 25.91 -14.04
CA LEU A 464 -6.17 25.26 -13.52
C LEU A 464 -6.07 23.88 -14.08
N GLY A 465 -4.88 23.32 -14.07
CA GLY A 465 -4.77 21.91 -14.53
C GLY A 465 -3.42 21.30 -14.73
N GLU A 466 -3.41 19.98 -14.91
CA GLU A 466 -2.20 19.25 -15.29
C GLU A 466 -1.96 19.29 -16.80
N LYS A 467 -0.67 19.20 -17.19
CA LYS A 467 -0.31 18.77 -18.54
C LYS A 467 -0.68 17.30 -18.62
N ASN A 468 -1.05 16.81 -19.81
CA ASN A 468 -1.42 15.36 -19.84
C ASN A 468 -0.22 14.46 -19.58
N GLU A 469 0.96 14.96 -19.93
CA GLU A 469 2.20 14.17 -19.78
C GLU A 469 2.60 13.94 -18.29
N TRP A 470 1.96 14.62 -17.36
CA TRP A 470 2.13 14.30 -15.95
C TRP A 470 1.36 13.03 -15.50
N GLY A 471 0.55 12.42 -16.39
CA GLY A 471 -0.07 11.14 -16.16
C GLY A 471 0.00 10.25 -17.39
N GLY A 472 -0.91 9.28 -17.45
CA GLY A 472 -0.77 8.22 -18.46
C GLY A 472 0.38 7.24 -18.11
N GLU A 473 0.82 6.45 -19.09
CA GLU A 473 1.86 5.44 -18.79
C GLU A 473 3.18 6.09 -18.37
N ALA A 474 3.70 5.66 -17.20
CA ALA A 474 4.98 6.12 -16.70
C ALA A 474 4.94 7.61 -16.36
N GLY A 475 3.78 8.07 -15.91
CA GLY A 475 3.58 9.37 -15.29
C GLY A 475 3.13 9.24 -13.84
N SER A 476 4.00 8.68 -13.01
CA SER A 476 3.74 8.51 -11.60
C SER A 476 4.16 9.77 -10.87
N LEU A 477 3.26 10.33 -10.07
CA LEU A 477 3.63 11.41 -9.15
C LEU A 477 3.57 10.95 -7.72
N ALA A 478 4.66 11.14 -6.99
CA ALA A 478 4.69 10.84 -5.59
C ALA A 478 3.75 11.71 -4.76
N THR A 479 3.53 12.96 -5.16
CA THR A 479 2.67 13.88 -4.44
C THR A 479 1.63 14.28 -5.45
N ILE A 480 0.38 13.95 -5.14
CA ILE A 480 -0.71 14.24 -6.04
C ILE A 480 -1.23 15.68 -5.85
N ARG A 481 -0.35 16.61 -6.17
CA ARG A 481 -0.69 17.99 -6.20
C ARG A 481 -0.37 18.61 -7.55
N LEU A 482 -1.09 19.69 -7.87
CA LEU A 482 -0.74 20.56 -8.98
C LEU A 482 0.56 21.26 -8.63
N PRO A 483 1.24 21.80 -9.62
CA PRO A 483 2.38 22.65 -9.28
C PRO A 483 1.96 23.71 -8.29
N GLU A 484 2.82 23.99 -7.33
CA GLU A 484 2.47 24.92 -6.27
C GLU A 484 2.06 26.33 -6.78
N ALA A 485 2.64 26.75 -7.92
CA ALA A 485 2.28 28.02 -8.51
C ALA A 485 0.80 28.13 -8.72
N GLN A 486 0.16 27.00 -9.10
CA GLN A 486 -1.31 27.03 -9.28
C GLN A 486 -2.15 27.22 -8.02
N TYR A 487 -1.74 26.61 -6.94
CA TYR A 487 -2.34 26.89 -5.62
C TYR A 487 -2.09 28.39 -5.20
N GLN A 488 -0.91 28.90 -5.49
CA GLN A 488 -0.57 30.30 -5.24
C GLN A 488 -1.46 31.20 -6.10
N LEU A 489 -1.68 30.84 -7.37
CA LEU A 489 -2.60 31.61 -8.20
C LEU A 489 -4.00 31.64 -7.65
N ALA A 490 -4.54 30.49 -7.24
CA ALA A 490 -5.87 30.46 -6.56
C ALA A 490 -5.97 31.33 -5.26
N LYS A 491 -4.90 31.29 -4.46
CA LYS A 491 -4.72 32.13 -3.23
C LYS A 491 -4.77 33.63 -3.62
N PHE A 492 -4.00 34.02 -4.63
CA PHE A 492 -3.99 35.40 -5.12
C PHE A 492 -5.35 35.86 -5.61
N VAL A 493 -5.97 35.05 -6.43
CA VAL A 493 -7.23 35.42 -7.09
C VAL A 493 -8.29 35.61 -6.06
N GLN A 494 -8.24 34.83 -4.99
CA GLN A 494 -9.26 34.94 -3.96
C GLN A 494 -9.21 36.33 -3.29
N THR A 495 -8.02 36.85 -3.07
CA THR A 495 -7.88 38.13 -2.44
C THR A 495 -8.55 39.29 -3.25
N LEU A 496 -8.93 39.11 -4.50
CA LEU A 496 -9.40 40.23 -5.32
C LEU A 496 -10.89 40.56 -5.08
N GLY A 497 -11.57 39.78 -4.27
CA GLY A 497 -12.92 40.13 -3.87
C GLY A 497 -14.01 39.94 -4.89
N LYS A 498 -13.75 39.12 -5.93
CA LYS A 498 -14.76 38.76 -6.96
C LYS A 498 -15.09 37.29 -6.86
N PRO A 499 -16.30 36.87 -7.22
CA PRO A 499 -16.71 35.44 -7.19
C PRO A 499 -15.84 34.59 -8.10
N VAL A 500 -15.35 33.47 -7.61
CA VAL A 500 -14.39 32.67 -8.41
C VAL A 500 -14.94 31.26 -8.75
N VAL A 501 -14.92 30.90 -10.04
CA VAL A 501 -15.14 29.49 -10.45
C VAL A 501 -13.83 28.92 -10.90
N ILE A 502 -13.44 27.77 -10.35
CA ILE A 502 -12.26 27.03 -10.78
C ILE A 502 -12.73 25.90 -11.68
N THR A 503 -12.20 25.88 -12.90
CA THR A 503 -12.43 24.83 -13.84
C THR A 503 -11.10 24.08 -13.88
N LEU A 504 -11.12 22.86 -13.35
CA LEU A 504 -9.94 22.03 -13.20
C LEU A 504 -9.91 20.91 -14.24
N PHE A 505 -8.77 20.80 -14.90
CA PHE A 505 -8.50 19.82 -15.93
C PHE A 505 -7.32 18.97 -15.48
N ASN A 506 -7.56 17.67 -15.51
CA ASN A 506 -6.60 16.71 -14.94
C ASN A 506 -6.96 15.27 -15.24
N GLY A 507 -6.01 14.36 -14.98
CA GLY A 507 -6.18 12.95 -15.26
C GLY A 507 -6.16 12.04 -14.05
N ARG A 508 -6.09 12.63 -12.85
CA ARG A 508 -6.06 11.87 -11.58
C ARG A 508 -6.75 12.66 -10.52
N PRO A 509 -7.30 11.97 -9.50
CA PRO A 509 -7.58 12.73 -8.31
C PRO A 509 -6.36 13.52 -7.89
N LEU A 510 -6.64 14.72 -7.40
CA LEU A 510 -5.64 15.57 -6.80
C LEU A 510 -6.07 16.06 -5.39
N GLU A 511 -5.09 16.66 -4.71
CA GLU A 511 -5.34 17.44 -3.49
C GLU A 511 -6.02 18.76 -3.78
N VAL A 512 -7.32 18.83 -3.59
CA VAL A 512 -8.05 20.03 -4.03
C VAL A 512 -8.64 20.84 -2.85
N LYS A 513 -8.40 20.39 -1.62
CA LYS A 513 -8.86 21.12 -0.44
C LYS A 513 -8.57 22.63 -0.52
N GLU A 514 -7.32 22.97 -0.86
CA GLU A 514 -6.92 24.38 -1.01
C GLU A 514 -7.58 25.11 -2.19
N LEU A 515 -8.01 24.38 -3.21
CA LEU A 515 -8.75 25.00 -4.28
C LEU A 515 -10.19 25.29 -3.90
N ALA A 516 -10.83 24.31 -3.27
CA ALA A 516 -12.17 24.46 -2.72
C ALA A 516 -12.29 25.62 -1.76
N GLU A 517 -11.39 25.71 -0.79
CA GLU A 517 -11.42 26.83 0.18
C GLU A 517 -11.08 28.20 -0.46
N SER A 518 -10.51 28.21 -1.65
CA SER A 518 -10.05 29.44 -2.21
C SER A 518 -11.00 29.99 -3.29
N SER A 519 -12.14 29.33 -3.47
CA SER A 519 -13.04 29.65 -4.63
C SER A 519 -14.48 29.45 -4.22
N ASP A 520 -15.41 30.01 -5.01
CA ASP A 520 -16.82 29.82 -4.69
C ASP A 520 -17.45 28.61 -5.34
N ALA A 521 -16.92 28.21 -6.48
CA ALA A 521 -17.39 27.03 -7.22
C ALA A 521 -16.20 26.29 -7.76
N LEU A 522 -16.35 24.98 -7.91
CA LEU A 522 -15.27 24.14 -8.42
C LEU A 522 -15.82 23.07 -9.34
N LEU A 523 -15.42 23.03 -10.62
CA LEU A 523 -15.99 22.12 -11.60
C LEU A 523 -14.87 21.24 -12.07
N GLU A 524 -15.04 19.95 -11.95
CA GLU A 524 -13.98 19.00 -12.37
C GLU A 524 -14.33 18.55 -13.78
N LEU A 525 -13.57 18.97 -14.77
CA LEU A 525 -13.81 18.61 -16.20
C LEU A 525 -12.96 17.45 -16.71
N TRP A 526 -12.03 17.01 -15.85
CA TRP A 526 -11.05 16.03 -16.21
C TRP A 526 -10.35 16.50 -17.50
N PHE A 527 -10.19 15.60 -18.45
CA PHE A 527 -9.86 16.06 -19.83
C PHE A 527 -11.03 15.61 -20.73
N PRO A 528 -11.96 16.54 -21.12
CA PRO A 528 -13.17 16.18 -21.91
C PRO A 528 -12.94 15.73 -23.33
N GLY A 529 -11.79 16.09 -23.90
CA GLY A 529 -11.48 15.75 -25.27
C GLY A 529 -11.72 16.90 -26.25
N THR A 530 -12.10 16.51 -27.45
CA THR A 530 -12.08 17.43 -28.59
C THR A 530 -12.98 18.66 -28.37
N GLU A 531 -14.10 18.41 -27.71
CA GLU A 531 -15.06 19.47 -27.45
C GLU A 531 -14.89 20.17 -26.13
N ALA A 532 -13.70 20.09 -25.54
CA ALA A 532 -13.51 20.54 -24.15
C ALA A 532 -14.04 21.93 -23.77
N GLY A 533 -13.68 22.96 -24.53
CA GLY A 533 -14.16 24.32 -24.16
C GLY A 533 -15.68 24.50 -24.23
N ARG A 534 -16.37 23.72 -25.06
CA ARG A 534 -17.85 23.82 -25.21
C ARG A 534 -18.50 23.10 -24.08
N VAL A 535 -17.92 21.97 -23.73
CA VAL A 535 -18.33 21.29 -22.53
C VAL A 535 -18.28 22.27 -21.36
N THR A 536 -17.18 23.01 -21.26
CA THR A 536 -16.96 23.94 -20.17
C THR A 536 -17.97 25.11 -20.27
N ALA A 537 -18.12 25.67 -21.46
CA ALA A 537 -19.03 26.82 -21.62
C ALA A 537 -20.49 26.43 -21.32
N ASP A 538 -20.93 25.29 -21.86
CA ASP A 538 -22.28 24.81 -21.62
C ASP A 538 -22.59 24.52 -20.15
N LEU A 539 -21.62 23.96 -19.41
CA LEU A 539 -21.85 23.65 -18.00
C LEU A 539 -21.89 24.94 -17.13
N LEU A 540 -20.94 25.84 -17.37
CA LEU A 540 -20.88 27.13 -16.67
C LEU A 540 -22.12 28.06 -16.93
N SER A 541 -22.63 28.06 -18.17
CA SER A 541 -23.80 28.88 -18.52
C SER A 541 -25.13 28.22 -18.20
N GLY A 542 -25.14 26.92 -17.83
CA GLY A 542 -26.40 26.21 -17.63
C GLY A 542 -27.19 25.62 -18.82
N ALA A 543 -26.68 25.78 -20.05
CA ALA A 543 -27.22 25.07 -21.18
C ALA A 543 -27.19 23.61 -20.91
N SER A 544 -26.13 23.16 -20.21
CA SER A 544 -26.04 21.80 -19.66
C SER A 544 -25.92 21.86 -18.13
N ASN A 545 -26.55 20.92 -17.46
CA ASN A 545 -26.63 20.88 -16.03
C ASN A 545 -25.72 19.74 -15.53
N PRO A 546 -24.71 20.06 -14.71
CA PRO A 546 -23.73 19.00 -14.31
C PRO A 546 -24.43 17.82 -13.76
N SER A 547 -24.00 16.61 -14.12
CA SER A 547 -24.61 15.41 -13.58
C SER A 547 -23.67 14.29 -13.28
N GLY A 548 -22.36 14.56 -13.29
CA GLY A 548 -21.38 13.54 -13.01
C GLY A 548 -21.14 13.39 -11.52
N LYS A 549 -20.67 12.19 -11.15
CA LYS A 549 -20.42 11.81 -9.74
C LYS A 549 -19.05 11.20 -9.71
N LEU A 550 -18.34 11.36 -8.61
CA LEU A 550 -16.98 10.88 -8.54
C LEU A 550 -16.94 9.34 -8.67
N SER A 551 -16.14 8.83 -9.58
CA SER A 551 -15.91 7.38 -9.63
C SER A 551 -14.63 6.96 -8.89
N MET A 552 -13.91 7.95 -8.35
CA MET A 552 -12.71 7.74 -7.54
C MET A 552 -12.64 8.79 -6.42
N SER A 553 -12.26 8.36 -5.22
CA SER A 553 -12.20 9.17 -4.04
C SER A 553 -11.07 10.18 -4.14
N PHE A 554 -11.30 11.37 -3.59
CA PHE A 554 -10.35 12.47 -3.66
C PHE A 554 -9.73 12.61 -2.26
N PRO A 555 -8.51 12.13 -2.08
CA PRO A 555 -7.90 12.19 -0.76
C PRO A 555 -7.76 13.59 -0.11
N GLN A 556 -7.81 13.58 1.22
CA GLN A 556 -7.46 14.74 2.03
C GLN A 556 -6.03 15.23 1.71
N THR A 557 -5.12 14.26 1.56
CA THR A 557 -3.68 14.48 1.32
C THR A 557 -3.04 13.20 0.75
N THR A 558 -1.89 13.31 0.08
CA THR A 558 -1.19 12.13 -0.53
C THR A 558 -1.09 10.98 0.48
N GLY A 559 -0.81 11.34 1.71
CA GLY A 559 -0.56 10.37 2.75
C GLY A 559 -1.72 9.57 3.26
N GLN A 560 -2.93 9.95 2.83
CA GLN A 560 -4.12 9.20 3.13
C GLN A 560 -4.30 7.98 2.20
N ILE A 561 -3.48 7.85 1.19
CA ILE A 561 -3.69 6.85 0.13
C ILE A 561 -3.22 5.45 0.63
N PRO A 562 -3.99 4.39 0.35
CA PRO A 562 -5.18 4.41 -0.44
C PRO A 562 -6.38 4.65 0.39
N VAL A 563 -7.29 5.47 -0.13
CA VAL A 563 -8.60 5.68 0.54
C VAL A 563 -9.70 5.42 -0.46
N TYR A 564 -10.77 4.74 -0.05
CA TYR A 564 -11.78 4.29 -1.01
C TYR A 564 -13.06 3.92 -0.24
N TYR A 565 -14.21 4.02 -0.93
CA TYR A 565 -15.53 3.92 -0.23
C TYR A 565 -15.83 2.49 0.30
N ASN A 566 -15.36 1.50 -0.45
CA ASN A 566 -15.63 0.09 -0.10
C ASN A 566 -14.58 -0.55 0.78
N HIS A 567 -14.42 0.06 1.94
CA HIS A 567 -13.45 -0.37 2.88
C HIS A 567 -14.02 -1.22 4.03
N LEU A 568 -13.10 -1.98 4.65
CA LEU A 568 -13.40 -2.76 5.80
C LEU A 568 -13.62 -1.87 7.00
N ARG A 569 -14.31 -2.45 7.96
CA ARG A 569 -14.73 -1.75 9.16
C ARG A 569 -13.62 -1.52 10.18
N THR A 570 -12.72 -2.50 10.27
CA THR A 570 -11.78 -2.70 11.36
C THR A 570 -12.46 -3.14 12.66
N GLY A 571 -11.60 -3.51 13.61
CA GLY A 571 -12.02 -3.87 14.96
C GLY A 571 -12.32 -2.68 15.82
N ARG A 572 -11.82 -1.51 15.41
CA ARG A 572 -12.04 -0.26 16.15
C ARG A 572 -12.48 0.94 15.23
N PRO A 573 -13.65 0.83 14.60
CA PRO A 573 -14.11 1.89 13.73
C PRO A 573 -14.32 3.18 14.48
N GLN A 574 -13.95 4.28 13.85
CA GLN A 574 -14.35 5.59 14.32
C GLN A 574 -15.85 5.74 14.08
N THR A 575 -16.56 6.17 15.10
CA THR A 575 -17.99 6.39 15.03
C THR A 575 -18.26 7.82 15.48
N PRO A 576 -19.48 8.29 15.27
CA PRO A 576 -19.81 9.54 15.93
C PRO A 576 -19.91 9.41 17.45
N GLU A 577 -20.09 8.19 17.96
CA GLU A 577 -20.18 7.95 19.41
C GLU A 577 -18.81 7.85 20.11
N ASN A 578 -17.71 7.82 19.34
CA ASN A 578 -16.33 7.77 19.91
C ASN A 578 -15.32 8.74 19.29
N LYS A 579 -15.75 9.58 18.37
CA LYS A 579 -14.84 10.53 17.75
C LYS A 579 -14.28 11.37 18.90
N GLY A 580 -13.00 11.72 18.82
CA GLY A 580 -12.30 12.33 19.94
C GLY A 580 -11.37 11.37 20.66
N GLU A 581 -11.81 10.14 20.93
CA GLU A 581 -11.01 9.11 21.63
C GLU A 581 -9.75 8.70 20.93
N ARG A 582 -8.72 8.38 21.72
CA ARG A 582 -7.42 7.99 21.18
C ARG A 582 -7.41 6.60 20.51
N TYR A 583 -7.96 5.60 21.18
CA TYR A 583 -7.71 4.23 20.77
C TYR A 583 -8.76 3.73 19.75
N VAL A 584 -8.88 4.45 18.63
CA VAL A 584 -9.76 4.07 17.50
C VAL A 584 -8.97 4.29 16.24
N SER A 585 -9.44 3.73 15.13
CA SER A 585 -8.76 3.88 13.85
C SER A 585 -8.94 5.30 13.37
N HIS A 586 -7.90 6.10 13.50
CA HIS A 586 -7.91 7.46 12.97
C HIS A 586 -6.48 7.93 12.78
N TYR A 587 -6.34 9.06 12.15
CA TYR A 587 -5.09 9.76 12.00
C TYR A 587 -5.07 10.94 12.97
N LEU A 588 -3.90 11.29 13.49
CA LEU A 588 -3.78 12.49 14.33
C LEU A 588 -3.92 13.75 13.53
N ASP A 589 -3.59 13.73 12.23
CA ASP A 589 -3.51 14.94 11.50
C ASP A 589 -4.57 15.21 10.43
N ILE A 590 -5.39 14.23 10.03
CA ILE A 590 -6.46 14.39 9.01
C ILE A 590 -7.67 13.55 9.36
N PRO A 591 -8.82 13.85 8.75
CA PRO A 591 -10.00 12.98 8.85
C PRO A 591 -9.78 11.65 8.17
N ASN A 592 -10.59 10.67 8.56
CA ASN A 592 -10.55 9.35 7.92
C ASN A 592 -11.20 9.43 6.57
N GLU A 593 -12.16 10.32 6.45
CA GLU A 593 -12.88 10.49 5.22
C GLU A 593 -12.00 11.14 4.17
N PRO A 594 -12.15 10.70 2.91
CA PRO A 594 -11.56 11.43 1.79
C PRO A 594 -12.17 12.82 1.67
N PHE A 595 -11.50 13.71 0.92
CA PHE A 595 -11.99 15.07 0.84
C PHE A 595 -13.33 15.08 0.15
N TYR A 596 -13.47 14.27 -0.91
CA TYR A 596 -14.75 14.01 -1.58
C TYR A 596 -14.88 12.51 -1.83
N PRO A 597 -16.05 11.97 -1.55
CA PRO A 597 -16.27 10.52 -1.61
C PRO A 597 -16.79 9.97 -2.93
N PHE A 598 -16.68 8.66 -3.11
CA PHE A 598 -17.24 7.97 -4.26
C PHE A 598 -18.73 8.29 -4.43
N GLY A 599 -19.16 8.59 -5.65
CA GLY A 599 -20.59 8.73 -5.96
C GLY A 599 -21.11 10.14 -5.72
N TYR A 600 -20.19 11.04 -5.34
CA TYR A 600 -20.51 12.44 -5.03
C TYR A 600 -20.41 13.38 -6.23
N GLY A 601 -21.43 14.22 -6.41
CA GLY A 601 -21.43 15.27 -7.44
C GLY A 601 -22.67 16.17 -7.23
N LYS A 602 -22.56 17.43 -7.52
CA LYS A 602 -23.67 18.38 -7.30
C LYS A 602 -24.50 18.53 -8.57
N SER A 603 -25.55 19.36 -8.50
CA SER A 603 -26.45 19.60 -9.65
C SER A 603 -27.02 21.06 -9.51
N TYR A 604 -27.61 21.59 -10.60
CA TYR A 604 -28.37 22.84 -10.51
C TYR A 604 -29.82 22.52 -10.07
N SER A 605 -30.23 21.25 -10.10
CA SER A 605 -31.55 20.85 -9.65
C SER A 605 -31.47 20.32 -8.22
N GLU A 606 -32.59 19.89 -7.68
CA GLU A 606 -32.74 19.33 -6.33
C GLU A 606 -33.68 18.12 -6.53
N PHE A 607 -33.36 16.99 -5.93
CA PHE A 607 -34.13 15.78 -6.18
C PHE A 607 -34.63 15.30 -4.88
N GLU A 608 -35.73 14.54 -4.87
CA GLU A 608 -36.11 13.80 -3.66
C GLU A 608 -36.41 12.36 -4.06
N LEU A 609 -35.91 11.39 -3.31
CA LEU A 609 -35.99 10.00 -3.68
C LEU A 609 -36.86 9.30 -2.68
N LYS A 610 -37.63 8.30 -3.10
CA LYS A 610 -38.35 7.51 -2.13
C LYS A 610 -38.29 6.06 -2.58
N THR A 611 -37.91 5.19 -1.65
CA THR A 611 -37.75 3.78 -1.94
C THR A 611 -39.02 3.10 -1.47
N SER A 612 -39.56 2.20 -2.30
CA SER A 612 -40.78 1.46 -1.93
C SER A 612 -40.47 0.47 -0.83
N SER A 613 -41.51 0.14 -0.07
CA SER A 613 -41.44 -0.86 0.98
C SER A 613 -40.71 -2.08 0.40
N LEU A 614 -39.73 -2.58 1.17
CA LEU A 614 -38.90 -3.71 0.80
C LEU A 614 -39.25 -4.87 1.69
N PRO A 615 -39.05 -6.12 1.23
CA PRO A 615 -39.16 -7.23 2.21
C PRO A 615 -38.23 -7.17 3.45
N LYS A 616 -38.68 -7.73 4.56
CA LYS A 616 -37.88 -7.95 5.75
C LYS A 616 -37.00 -9.22 5.62
N GLU A 617 -37.40 -10.14 4.77
CA GLU A 617 -36.69 -11.41 4.57
C GLU A 617 -36.67 -11.76 3.11
N LEU A 618 -35.75 -12.64 2.77
CA LEU A 618 -35.45 -13.04 1.41
C LEU A 618 -34.91 -14.46 1.56
N ASN A 619 -35.29 -15.34 0.67
CA ASN A 619 -34.62 -16.65 0.62
C ASN A 619 -33.21 -16.57 0.04
N LEU A 620 -32.37 -17.54 0.33
CA LEU A 620 -31.15 -17.71 -0.40
C LEU A 620 -31.48 -17.91 -1.87
N GLY A 621 -30.60 -17.40 -2.73
CA GLY A 621 -30.81 -17.53 -4.17
C GLY A 621 -31.89 -16.60 -4.74
N GLU A 622 -32.56 -15.83 -3.91
CA GLU A 622 -33.60 -14.97 -4.37
C GLU A 622 -33.04 -13.59 -4.61
N SER A 623 -33.64 -12.93 -5.59
CA SER A 623 -33.40 -11.55 -5.89
C SER A 623 -34.20 -10.63 -5.02
N LEU A 624 -33.55 -9.56 -4.57
CA LEU A 624 -34.21 -8.41 -4.06
C LEU A 624 -34.53 -7.40 -5.19
N HIS A 625 -35.77 -6.95 -5.23
CA HIS A 625 -36.26 -5.95 -6.16
C HIS A 625 -36.53 -4.65 -5.47
N VAL A 626 -35.83 -3.63 -5.91
CA VAL A 626 -35.74 -2.34 -5.23
C VAL A 626 -36.34 -1.33 -6.16
N GLU A 627 -37.41 -0.68 -5.71
CA GLU A 627 -38.15 0.30 -6.51
C GLU A 627 -37.96 1.66 -5.94
N VAL A 628 -37.62 2.61 -6.80
CA VAL A 628 -37.28 3.94 -6.33
C VAL A 628 -37.99 5.04 -7.15
N THR A 629 -38.62 5.99 -6.45
CA THR A 629 -39.31 7.11 -7.10
C THR A 629 -38.46 8.30 -6.93
N ILE A 630 -38.14 8.96 -8.01
CA ILE A 630 -37.36 10.18 -7.90
C ILE A 630 -38.15 11.35 -8.46
N LYS A 631 -38.09 12.48 -7.77
CA LYS A 631 -38.77 13.68 -8.27
C LYS A 631 -37.82 14.85 -8.33
N ASN A 632 -37.81 15.58 -9.45
CA ASN A 632 -37.17 16.88 -9.54
C ASN A 632 -38.05 17.97 -8.92
N ILE A 633 -37.72 18.38 -7.69
CA ILE A 633 -38.51 19.34 -6.93
C ILE A 633 -38.07 20.79 -7.18
N SER A 634 -37.27 21.05 -8.20
CA SER A 634 -36.81 22.41 -8.48
C SER A 634 -37.35 22.79 -9.85
N ASP A 635 -36.96 23.97 -10.32
CA ASP A 635 -37.44 24.47 -11.57
C ASP A 635 -36.46 24.24 -12.71
N ILE A 636 -35.46 23.39 -12.54
CA ILE A 636 -34.35 23.32 -13.48
C ILE A 636 -34.28 21.86 -13.96
N ALA A 637 -34.37 21.61 -15.26
CA ALA A 637 -34.27 20.25 -15.81
C ALA A 637 -32.89 19.67 -15.39
N GLY A 638 -32.85 18.40 -15.02
CA GLY A 638 -31.58 17.84 -14.53
C GLY A 638 -31.54 16.34 -14.45
N LYS A 639 -30.33 15.81 -14.29
CA LYS A 639 -30.08 14.37 -14.09
C LYS A 639 -29.40 14.05 -12.77
N GLU A 640 -29.84 12.95 -12.16
CA GLU A 640 -29.36 12.42 -10.90
C GLU A 640 -28.99 10.96 -11.11
N VAL A 641 -28.02 10.49 -10.34
CA VAL A 641 -27.56 9.10 -10.40
C VAL A 641 -28.06 8.47 -9.15
N ILE A 642 -29.10 7.65 -9.30
CA ILE A 642 -29.57 6.84 -8.18
C ILE A 642 -28.56 5.72 -8.04
N GLN A 643 -28.07 5.49 -6.82
CA GLN A 643 -27.10 4.42 -6.52
C GLN A 643 -27.63 3.48 -5.46
N VAL A 644 -27.39 2.18 -5.68
CA VAL A 644 -27.78 1.18 -4.68
C VAL A 644 -26.60 0.36 -4.22
N TYR A 645 -26.43 0.30 -2.91
CA TYR A 645 -25.36 -0.38 -2.23
C TYR A 645 -25.90 -1.49 -1.38
N LEU A 646 -25.08 -2.52 -1.24
CA LEU A 646 -25.29 -3.59 -0.32
C LEU A 646 -24.14 -3.68 0.71
N GLN A 647 -24.48 -4.06 1.95
CA GLN A 647 -23.51 -4.50 2.91
C GLN A 647 -23.89 -5.86 3.49
N ASP A 648 -22.88 -6.71 3.64
CA ASP A 648 -22.99 -7.97 4.36
C ASP A 648 -22.49 -7.78 5.78
N VAL A 649 -23.40 -7.72 6.73
CA VAL A 649 -23.08 -7.29 8.09
C VAL A 649 -22.14 -8.22 8.87
N THR A 650 -22.31 -9.53 8.67
CA THR A 650 -21.55 -10.59 9.39
C THR A 650 -21.30 -11.66 8.41
N ALA A 651 -20.04 -12.01 8.22
CA ALA A 651 -19.67 -13.05 7.26
C ALA A 651 -18.42 -13.75 7.76
N SER A 652 -18.11 -14.88 7.14
CA SER A 652 -16.86 -15.61 7.38
C SER A 652 -15.60 -14.84 6.89
N ILE A 653 -15.78 -13.80 6.11
CA ILE A 653 -14.69 -12.87 5.72
C ILE A 653 -15.23 -11.49 6.10
N SER A 654 -14.33 -10.60 6.54
CA SER A 654 -14.71 -9.26 6.95
C SER A 654 -15.02 -8.60 5.61
N ARG A 655 -16.26 -8.13 5.46
CA ARG A 655 -16.81 -7.67 4.18
C ARG A 655 -16.87 -6.15 4.19
N PRO A 656 -16.82 -5.54 3.01
CA PRO A 656 -16.83 -4.06 3.00
C PRO A 656 -18.11 -3.42 3.53
N VAL A 657 -18.01 -2.23 4.11
CA VAL A 657 -19.12 -1.53 4.75
C VAL A 657 -20.25 -1.16 3.78
N LYS A 658 -19.85 -1.00 2.51
CA LYS A 658 -20.72 -0.86 1.35
C LYS A 658 -20.01 -1.37 0.08
N GLU A 659 -20.82 -1.92 -0.84
CA GLU A 659 -20.48 -2.13 -2.24
C GLU A 659 -21.60 -1.70 -3.14
N LEU A 660 -21.27 -0.97 -4.20
CA LEU A 660 -22.25 -0.59 -5.21
C LEU A 660 -22.73 -1.83 -6.00
N LYS A 661 -24.05 -1.97 -6.13
CA LYS A 661 -24.60 -3.13 -6.87
C LYS A 661 -25.64 -2.75 -7.90
N ALA A 662 -25.94 -1.46 -8.07
CA ALA A 662 -26.81 -1.00 -9.09
C ALA A 662 -26.72 0.51 -9.19
N PHE A 663 -26.85 1.00 -10.41
CA PHE A 663 -26.96 2.44 -10.62
C PHE A 663 -27.80 2.73 -11.86
N GLU A 664 -28.47 3.88 -11.90
CA GLU A 664 -29.11 4.39 -13.10
C GLU A 664 -29.15 5.87 -13.02
N LYS A 665 -28.78 6.51 -14.13
CA LYS A 665 -28.87 7.93 -14.27
C LYS A 665 -30.25 8.33 -14.83
N VAL A 666 -31.00 9.16 -14.11
CA VAL A 666 -32.41 9.46 -14.46
C VAL A 666 -32.51 10.95 -14.82
N ALA A 667 -33.03 11.23 -16.00
CA ALA A 667 -33.29 12.59 -16.49
C ALA A 667 -34.73 13.00 -16.17
N LEU A 668 -34.88 14.21 -15.64
CA LEU A 668 -36.16 14.70 -15.17
C LEU A 668 -36.33 16.19 -15.44
N GLN A 669 -37.45 16.58 -16.08
CA GLN A 669 -37.78 18.01 -16.25
C GLN A 669 -38.15 18.64 -14.93
N ALA A 670 -38.25 19.95 -14.89
CA ALA A 670 -38.72 20.62 -13.66
C ALA A 670 -40.00 19.95 -13.17
N GLY A 671 -40.05 19.50 -11.93
CA GLY A 671 -41.27 18.88 -11.41
C GLY A 671 -41.59 17.45 -11.85
N GLU A 672 -40.87 16.90 -12.84
CA GLU A 672 -41.16 15.52 -13.28
C GLU A 672 -40.81 14.48 -12.23
N GLU A 673 -41.59 13.39 -12.22
CA GLU A 673 -41.40 12.26 -11.34
C GLU A 673 -41.26 10.93 -12.11
N LYS A 674 -40.35 10.06 -11.65
CA LYS A 674 -40.15 8.78 -12.29
C LYS A 674 -39.89 7.66 -11.31
N THR A 675 -40.29 6.46 -11.72
CA THR A 675 -40.03 5.28 -10.95
C THR A 675 -39.07 4.42 -11.74
N VAL A 676 -38.09 3.85 -11.05
CA VAL A 676 -37.17 2.87 -11.66
C VAL A 676 -37.02 1.75 -10.69
N THR A 677 -36.71 0.60 -11.21
CA THR A 677 -36.63 -0.62 -10.42
C THR A 677 -35.25 -1.18 -10.66
N PHE A 678 -34.69 -1.87 -9.68
CA PHE A 678 -33.38 -2.52 -9.80
C PHE A 678 -33.57 -3.96 -9.29
N GLU A 679 -33.04 -4.95 -10.00
CA GLU A 679 -32.95 -6.31 -9.43
C GLU A 679 -31.53 -6.61 -8.88
N LEU A 680 -31.44 -6.83 -7.58
CA LEU A 680 -30.18 -7.28 -7.02
C LEU A 680 -30.38 -8.79 -6.95
N THR A 681 -29.67 -9.49 -7.81
CA THR A 681 -29.77 -10.94 -7.86
C THR A 681 -28.93 -11.45 -6.72
N SER A 682 -29.03 -12.75 -6.45
CA SER A 682 -28.35 -13.34 -5.33
C SER A 682 -26.81 -13.30 -5.51
N GLU A 683 -26.37 -13.22 -6.74
CA GLU A 683 -24.94 -12.97 -6.95
C GLU A 683 -24.50 -11.61 -6.32
N ALA A 684 -25.39 -10.61 -6.27
CA ALA A 684 -25.07 -9.35 -5.57
C ALA A 684 -24.81 -9.58 -4.08
N PHE A 685 -25.26 -10.70 -3.52
CA PHE A 685 -25.13 -11.01 -2.04
C PHE A 685 -23.96 -11.91 -1.66
N SER A 686 -23.30 -12.37 -2.71
CA SER A 686 -22.30 -13.40 -2.68
C SER A 686 -20.88 -12.81 -2.69
N PHE A 687 -19.95 -13.64 -2.25
CA PHE A 687 -18.56 -13.25 -2.14
C PHE A 687 -17.69 -14.49 -2.09
N TYR A 688 -16.38 -14.25 -2.27
CA TYR A 688 -15.37 -15.29 -2.14
C TYR A 688 -14.95 -15.56 -0.72
N ASN A 689 -15.05 -16.82 -0.31
CA ASN A 689 -14.69 -17.16 1.05
C ASN A 689 -13.19 -17.50 1.14
N HIS A 690 -12.70 -17.85 2.34
CA HIS A 690 -11.24 -18.05 2.53
C HIS A 690 -10.77 -19.28 1.80
N GLN A 691 -11.71 -20.16 1.44
CA GLN A 691 -11.44 -21.29 0.57
C GLN A 691 -11.46 -20.96 -0.99
N LEU A 692 -11.85 -19.73 -1.37
CA LEU A 692 -11.96 -19.26 -2.79
C LEU A 692 -13.24 -19.76 -3.56
N GLU A 693 -14.17 -20.30 -2.80
CA GLU A 693 -15.54 -20.53 -3.27
C GLU A 693 -16.41 -19.26 -3.30
N LYS A 694 -17.12 -19.07 -4.41
CA LYS A 694 -18.13 -18.03 -4.53
C LYS A 694 -19.37 -18.51 -3.75
N VAL A 695 -19.70 -17.86 -2.64
CA VAL A 695 -20.73 -18.38 -1.72
C VAL A 695 -21.78 -17.32 -1.40
N GLN A 696 -22.95 -17.80 -0.98
CA GLN A 696 -23.99 -16.98 -0.36
C GLN A 696 -24.21 -17.59 1.01
N GLU A 697 -24.09 -16.74 2.02
CA GLU A 697 -24.29 -17.08 3.42
C GLU A 697 -25.59 -16.45 3.94
N PRO A 698 -26.37 -17.24 4.72
CA PRO A 698 -27.52 -16.61 5.37
C PRO A 698 -27.08 -15.55 6.40
N GLY A 699 -27.93 -14.53 6.53
CA GLY A 699 -27.73 -13.51 7.53
C GLY A 699 -28.24 -12.15 7.10
N LEU A 700 -27.76 -11.12 7.81
CA LEU A 700 -28.30 -9.79 7.69
C LEU A 700 -27.57 -8.97 6.65
N HIS A 701 -28.31 -8.25 5.83
CA HIS A 701 -27.70 -7.32 4.90
C HIS A 701 -28.37 -6.00 5.05
N ARG A 702 -27.61 -4.94 4.82
CA ARG A 702 -28.13 -3.62 4.67
C ARG A 702 -28.13 -3.20 3.22
N VAL A 703 -29.15 -2.45 2.88
CA VAL A 703 -29.42 -1.95 1.57
C VAL A 703 -29.50 -0.46 1.69
N PHE A 704 -28.64 0.24 0.93
CA PHE A 704 -28.50 1.71 0.89
C PHE A 704 -28.91 2.20 -0.50
N VAL A 705 -29.88 3.08 -0.50
CA VAL A 705 -30.38 3.74 -1.69
C VAL A 705 -30.16 5.27 -1.63
N GLY A 706 -29.52 5.84 -2.64
CA GLY A 706 -29.21 7.27 -2.55
C GLY A 706 -28.55 7.86 -3.77
N THR A 707 -27.87 8.98 -3.56
CA THR A 707 -27.26 9.73 -4.68
C THR A 707 -25.73 9.95 -4.51
N SER A 708 -25.17 9.35 -3.45
CA SER A 708 -23.73 9.15 -3.24
C SER A 708 -23.53 7.92 -2.35
N SER A 709 -22.28 7.56 -2.08
CA SER A 709 -21.98 6.52 -1.13
C SER A 709 -22.22 6.97 0.32
N GLU A 710 -22.42 8.27 0.53
CA GLU A 710 -22.72 8.88 1.85
C GLU A 710 -24.18 9.35 1.99
N ASP A 711 -24.81 9.81 0.90
CA ASP A 711 -26.20 10.33 0.93
C ASP A 711 -27.20 9.24 0.58
N VAL A 712 -27.48 8.42 1.57
CA VAL A 712 -28.25 7.19 1.37
C VAL A 712 -29.31 7.04 2.45
N ASP A 713 -30.45 6.44 2.12
CA ASP A 713 -31.34 5.86 3.15
C ASP A 713 -30.97 4.42 3.26
N VAL A 714 -31.17 3.82 4.43
CA VAL A 714 -30.69 2.45 4.69
C VAL A 714 -31.81 1.50 5.11
N PHE A 715 -31.79 0.25 4.65
CA PHE A 715 -32.82 -0.75 5.03
C PHE A 715 -32.19 -2.09 5.37
N GLU A 716 -32.87 -2.94 6.17
CA GLU A 716 -32.36 -4.23 6.60
C GLU A 716 -33.18 -5.32 5.96
N VAL A 717 -32.46 -6.38 5.52
CA VAL A 717 -33.00 -7.64 4.96
C VAL A 717 -32.26 -8.82 5.52
N GLU A 718 -33.01 -9.71 6.15
CA GLU A 718 -32.50 -10.96 6.67
C GLU A 718 -32.66 -12.05 5.62
N VAL A 719 -31.52 -12.52 5.09
CA VAL A 719 -31.45 -13.64 4.12
C VAL A 719 -31.32 -14.96 4.89
N GLY A 720 -32.26 -15.87 4.60
CA GLY A 720 -32.16 -17.22 5.12
C GLY A 720 -33.06 -18.26 4.50
N GLY A 721 -33.16 -19.41 5.15
CA GLY A 721 -34.17 -20.43 4.74
C GLY A 721 -33.67 -21.35 3.65
N TYR A 722 -34.51 -21.57 2.63
CA TYR A 722 -34.19 -22.43 1.48
C TYR A 722 -33.58 -21.66 0.35
N VAL A 723 -33.04 -22.41 -0.63
CA VAL A 723 -32.38 -21.84 -1.81
C VAL A 723 -33.29 -21.90 -3.06
N LEU A 724 -33.71 -20.73 -3.59
CA LEU A 724 -34.09 -20.40 -5.05
C LEU A 724 -35.32 -19.52 -5.18
N MET B 1 6.03 -27.63 40.62
CA MET B 1 5.42 -28.94 40.94
C MET B 1 5.38 -29.88 39.74
N GLU B 2 5.22 -31.16 40.03
CA GLU B 2 5.10 -32.21 38.99
C GLU B 2 3.85 -32.06 38.08
N GLN B 3 4.05 -32.50 36.85
CA GLN B 3 3.08 -32.44 35.77
C GLN B 3 1.79 -33.17 36.10
N GLU B 4 1.88 -34.28 36.79
CA GLU B 4 0.66 -34.99 37.25
C GLU B 4 -0.23 -34.07 38.10
N LYS B 5 0.39 -33.26 38.95
CA LYS B 5 -0.36 -32.39 39.86
C LYS B 5 -0.98 -31.23 39.08
N VAL B 6 -0.32 -30.80 38.01
CA VAL B 6 -0.91 -29.75 37.19
C VAL B 6 -2.17 -30.28 36.52
N GLN B 7 -2.05 -31.43 35.92
CA GLN B 7 -3.14 -32.11 35.27
C GLN B 7 -4.29 -32.41 36.24
N GLU B 8 -3.92 -32.86 37.43
CA GLU B 8 -4.88 -33.15 38.50
C GLU B 8 -5.74 -31.92 38.78
N LEU B 9 -5.11 -30.76 38.71
CA LEU B 9 -5.75 -29.48 39.01
C LEU B 9 -6.86 -29.14 38.00
N VAL B 10 -6.59 -29.42 36.73
CA VAL B 10 -7.53 -29.21 35.64
C VAL B 10 -8.76 -30.09 35.90
N SER B 11 -8.46 -31.34 36.29
CA SER B 11 -9.50 -32.30 36.67
C SER B 11 -10.41 -31.81 37.76
N GLN B 12 -9.81 -31.22 38.79
CA GLN B 12 -10.51 -30.77 40.01
C GLN B 12 -11.31 -29.48 39.89
N MET B 13 -11.08 -28.69 38.83
CA MET B 13 -11.77 -27.40 38.66
C MET B 13 -13.17 -27.59 38.15
N THR B 14 -14.08 -26.72 38.56
CA THR B 14 -15.40 -26.69 37.97
C THR B 14 -15.33 -25.98 36.62
N LEU B 15 -16.38 -26.15 35.84
CA LEU B 15 -16.54 -25.42 34.58
C LEU B 15 -16.42 -23.90 34.75
N ASP B 16 -17.16 -23.35 35.70
CA ASP B 16 -17.08 -21.92 35.92
C ASP B 16 -15.63 -21.48 36.26
N GLU B 17 -14.88 -22.36 36.92
CA GLU B 17 -13.52 -22.00 37.34
C GLU B 17 -12.60 -22.05 36.11
N LYS B 18 -12.81 -23.08 35.29
CA LYS B 18 -12.10 -23.19 34.01
C LYS B 18 -12.30 -21.95 33.09
N ILE B 19 -13.54 -21.49 32.95
CA ILE B 19 -13.91 -20.37 32.12
C ILE B 19 -13.21 -19.08 32.55
N ALA B 20 -13.32 -18.78 33.84
CA ALA B 20 -12.71 -17.60 34.45
C ALA B 20 -11.18 -17.59 34.38
N GLN B 21 -10.57 -18.78 34.40
CA GLN B 21 -9.11 -18.90 34.28
C GLN B 21 -8.64 -18.32 32.94
N CYS B 22 -9.57 -18.22 32.00
CA CYS B 22 -9.24 -17.72 30.68
C CYS B 22 -9.51 -16.24 30.56
N LEU B 23 -9.63 -15.53 31.69
CA LEU B 23 -9.89 -14.07 31.68
C LEU B 23 -8.74 -13.28 32.29
N GLN B 24 -8.35 -12.18 31.63
CA GLN B 24 -7.31 -11.24 32.16
C GLN B 24 -7.94 -9.86 32.44
N LEU B 25 -7.69 -9.36 33.67
CA LEU B 25 -8.23 -8.08 34.14
C LEU B 25 -7.16 -7.12 34.67
N SER B 26 -7.44 -5.82 34.56
CA SER B 26 -6.68 -4.75 35.24
C SER B 26 -6.67 -4.91 36.75
N PRO B 27 -5.63 -4.40 37.45
CA PRO B 27 -5.43 -4.66 38.87
C PRO B 27 -6.60 -4.12 39.75
N PHE B 28 -7.14 -2.95 39.37
CA PHE B 28 -8.25 -2.31 40.14
C PHE B 28 -9.65 -2.94 39.92
N LEU B 29 -9.71 -4.07 39.22
CA LEU B 29 -10.90 -4.94 39.25
C LEU B 29 -10.79 -6.04 40.29
N PHE B 30 -9.65 -6.09 40.98
CA PHE B 30 -9.43 -7.10 42.01
C PHE B 30 -9.43 -6.47 43.40
N LYS B 31 -9.92 -7.24 44.34
CA LYS B 31 -9.79 -6.94 45.74
C LYS B 31 -8.31 -6.97 46.12
N GLY B 32 -7.90 -5.98 46.90
CA GLY B 32 -6.54 -5.93 47.46
C GLY B 32 -5.63 -5.00 46.67
N THR B 33 -6.15 -4.36 45.65
CA THR B 33 -5.35 -3.39 44.86
C THR B 33 -5.02 -2.16 45.72
N ASN B 34 -3.82 -1.63 45.63
CA ASN B 34 -3.54 -0.41 46.40
C ASN B 34 -3.54 0.84 45.55
N LYS B 35 -4.25 0.83 44.43
CA LYS B 35 -4.31 2.00 43.55
C LYS B 35 -5.54 2.00 42.63
N ASN B 36 -6.07 3.21 42.37
CA ASN B 36 -7.33 3.42 41.56
C ASN B 36 -8.59 2.65 42.03
N ALA B 37 -8.68 2.37 43.33
CA ALA B 37 -9.85 1.71 43.96
C ALA B 37 -11.24 2.32 43.63
N GLU B 38 -11.28 3.59 43.28
CA GLU B 38 -12.54 4.29 42.95
C GLU B 38 -13.15 3.86 41.61
N LEU B 39 -12.30 3.22 40.80
CA LEU B 39 -12.66 2.73 39.48
C LEU B 39 -13.31 1.35 39.61
N THR B 40 -13.10 0.67 40.73
CA THR B 40 -13.46 -0.75 40.88
C THR B 40 -14.97 -1.07 40.73
N GLY B 41 -15.81 -0.42 41.52
CA GLY B 41 -17.24 -0.74 41.56
C GLY B 41 -18.02 -0.38 40.31
N PRO B 42 -17.75 0.79 39.71
CA PRO B 42 -18.41 1.14 38.46
C PRO B 42 -18.04 0.26 37.25
N LEU B 43 -16.76 -0.08 37.13
CA LEU B 43 -16.30 -0.88 35.99
C LEU B 43 -16.67 -2.36 36.15
N LEU B 44 -16.59 -2.89 37.36
CA LEU B 44 -17.15 -4.22 37.64
C LEU B 44 -18.61 -4.29 37.13
N GLN B 45 -19.37 -3.20 37.30
CA GLN B 45 -20.79 -3.12 36.86
C GLN B 45 -20.98 -3.01 35.36
N GLU B 46 -20.21 -2.13 34.74
CA GLU B 46 -20.23 -1.97 33.28
C GLU B 46 -19.83 -3.29 32.61
N MET B 47 -18.84 -4.02 33.14
CA MET B 47 -18.41 -5.32 32.56
C MET B 47 -19.25 -6.53 33.01
N LYS B 48 -20.18 -6.26 33.94
CA LYS B 48 -21.06 -7.22 34.60
C LYS B 48 -20.31 -8.36 35.23
N LEU B 49 -19.29 -8.01 36.02
CA LEU B 49 -18.42 -8.96 36.70
C LEU B 49 -18.82 -9.12 38.18
N THR B 50 -18.73 -10.35 38.69
CA THR B 50 -19.09 -10.65 40.06
C THR B 50 -17.82 -11.05 40.77
N ASP B 51 -17.92 -11.35 42.07
CA ASP B 51 -16.81 -11.96 42.82
C ASP B 51 -16.48 -13.33 42.27
N ALA B 52 -17.49 -14.09 41.86
CA ALA B 52 -17.24 -15.45 41.40
C ALA B 52 -16.30 -15.36 40.19
N HIS B 53 -16.40 -14.28 39.42
CA HIS B 53 -15.48 -14.07 38.29
C HIS B 53 -14.10 -13.64 38.77
N THR B 54 -14.02 -12.51 39.47
CA THR B 54 -12.71 -11.94 39.79
C THR B 54 -11.89 -12.83 40.73
N GLU B 55 -12.57 -13.56 41.61
CA GLU B 55 -11.89 -14.52 42.50
C GLU B 55 -11.35 -15.77 41.79
N ASN B 56 -11.78 -15.98 40.54
CA ASN B 56 -11.22 -17.04 39.68
C ASN B 56 -10.54 -16.58 38.39
N ALA B 57 -10.41 -15.27 38.21
CA ALA B 57 -9.70 -14.78 37.01
C ALA B 57 -8.35 -15.38 36.93
N GLY B 58 -7.84 -15.48 35.71
CA GLY B 58 -6.59 -16.18 35.42
C GLY B 58 -5.38 -15.28 35.53
N SER B 59 -5.54 -14.01 35.16
CA SER B 59 -4.36 -13.13 35.00
C SER B 59 -4.69 -11.68 35.31
N VAL B 60 -3.66 -10.96 35.71
CA VAL B 60 -3.69 -9.50 35.91
C VAL B 60 -2.79 -8.89 34.87
N LEU B 61 -3.24 -7.74 34.36
CA LEU B 61 -2.58 -6.90 33.38
C LEU B 61 -2.19 -5.55 33.95
N GLY B 62 -0.92 -5.23 33.94
CA GLY B 62 -0.48 -3.89 34.31
C GLY B 62 -0.67 -3.53 35.76
N SER B 63 -0.27 -4.44 36.65
CA SER B 63 -0.13 -4.05 38.07
C SER B 63 0.79 -2.82 38.13
N SER B 64 0.62 -1.97 39.14
CA SER B 64 1.35 -0.68 39.21
C SER B 64 2.62 -0.72 40.03
N SER B 65 2.73 -1.67 40.94
CA SER B 65 3.91 -1.81 41.79
C SER B 65 3.95 -3.20 42.42
N ALA B 66 5.06 -3.48 43.09
CA ALA B 66 5.21 -4.72 43.85
C ALA B 66 4.09 -4.87 44.87
N LEU B 67 3.64 -3.76 45.44
CA LEU B 67 2.66 -3.76 46.52
C LEU B 67 1.25 -3.97 46.00
N ASP B 68 0.94 -3.37 44.86
CA ASP B 68 -0.29 -3.72 44.13
C ASP B 68 -0.34 -5.25 43.95
N MET B 69 0.73 -5.81 43.38
CA MET B 69 0.82 -7.27 43.15
C MET B 69 0.61 -8.13 44.43
N ILE B 70 1.41 -7.85 45.44
CA ILE B 70 1.36 -8.61 46.69
C ILE B 70 -0.06 -8.58 47.26
N GLY B 71 -0.62 -7.36 47.39
CA GLY B 71 -1.97 -7.15 47.91
C GLY B 71 -3.03 -7.88 47.13
N ILE B 72 -2.92 -7.83 45.81
CA ILE B 72 -3.87 -8.52 44.97
C ILE B 72 -3.69 -10.04 45.10
N GLN B 73 -2.45 -10.54 45.09
CA GLN B 73 -2.17 -11.98 45.20
C GLN B 73 -2.52 -12.56 46.58
N GLU B 74 -2.22 -11.83 47.65
CA GLU B 74 -2.64 -12.25 49.01
C GLU B 74 -4.15 -12.40 49.10
N ALA B 75 -4.87 -11.36 48.71
CA ALA B 75 -6.32 -11.36 48.82
C ALA B 75 -6.96 -12.42 47.93
N TYR B 76 -6.46 -12.57 46.70
CA TYR B 76 -6.94 -13.58 45.76
C TYR B 76 -6.73 -15.02 46.28
N LEU B 77 -5.53 -15.30 46.80
CA LEU B 77 -5.24 -16.64 47.35
C LEU B 77 -5.99 -16.93 48.64
N LYS B 78 -6.44 -15.88 49.33
CA LYS B 78 -7.34 -15.98 50.50
C LYS B 78 -8.68 -16.67 50.17
N THR B 79 -9.21 -16.39 48.99
CA THR B 79 -10.54 -16.87 48.63
C THR B 79 -10.55 -17.93 47.51
N ASN B 80 -9.44 -18.11 46.82
CA ASN B 80 -9.43 -19.02 45.70
C ASN B 80 -9.51 -20.47 46.22
N ARG B 81 -10.49 -21.22 45.75
CA ARG B 81 -10.79 -22.54 46.27
C ARG B 81 -9.59 -23.48 46.23
N LEU B 82 -8.93 -23.60 45.07
CA LEU B 82 -7.89 -24.61 44.86
C LEU B 82 -6.47 -24.10 45.00
N GLY B 83 -6.31 -22.80 45.26
CA GLY B 83 -4.98 -22.21 45.38
C GLY B 83 -4.19 -21.97 44.08
N ILE B 84 -4.88 -21.61 43.00
CA ILE B 84 -4.17 -21.35 41.71
C ILE B 84 -3.75 -19.86 41.72
N PRO B 85 -2.45 -19.55 41.80
CA PRO B 85 -2.08 -18.13 41.81
C PRO B 85 -2.37 -17.37 40.49
N LEU B 86 -2.62 -16.07 40.61
CA LEU B 86 -2.63 -15.16 39.48
C LEU B 86 -1.25 -15.06 38.83
N VAL B 87 -1.25 -14.99 37.49
CA VAL B 87 -0.06 -14.56 36.73
C VAL B 87 -0.20 -13.06 36.36
N PHE B 88 0.90 -12.30 36.55
CA PHE B 88 0.96 -10.86 36.35
C PHE B 88 1.78 -10.52 35.10
N MET B 89 1.16 -9.77 34.19
CA MET B 89 1.75 -9.46 32.90
C MET B 89 1.82 -7.96 32.69
N ALA B 90 2.82 -7.52 31.92
CA ALA B 90 3.06 -6.08 31.77
C ALA B 90 3.73 -5.73 30.48
N ASP B 91 3.64 -4.44 30.15
CA ASP B 91 4.29 -3.90 28.95
C ASP B 91 5.62 -3.38 29.40
N VAL B 92 6.65 -4.23 29.39
CA VAL B 92 8.06 -3.76 29.48
C VAL B 92 8.68 -3.88 28.04
N ILE B 93 8.72 -2.72 27.38
CA ILE B 93 8.91 -2.65 25.93
C ILE B 93 10.33 -2.30 25.61
N HIS B 94 10.83 -1.29 26.28
CA HIS B 94 12.25 -0.88 26.07
C HIS B 94 12.81 -0.33 27.40
N GLY B 95 12.55 -1.11 28.43
CA GLY B 95 12.84 -0.71 29.78
C GLY B 95 11.68 -0.67 30.74
N TYR B 96 12.01 -0.90 32.01
CA TYR B 96 11.05 -0.77 33.11
C TYR B 96 11.11 0.65 33.71
N LYS B 97 11.98 0.88 34.70
CA LYS B 97 12.23 2.24 35.23
C LYS B 97 13.49 2.85 34.64
N THR B 98 14.50 2.02 34.38
CA THR B 98 15.59 2.48 33.58
C THR B 98 15.15 2.33 32.12
N VAL B 99 14.87 3.45 31.48
CA VAL B 99 14.40 3.39 30.09
C VAL B 99 15.56 3.41 29.06
N PHE B 100 15.52 2.41 28.19
CA PHE B 100 16.47 2.26 27.08
C PHE B 100 15.94 2.92 25.81
N PRO B 101 16.77 2.97 24.72
CA PRO B 101 16.20 3.47 23.51
C PRO B 101 14.98 2.67 23.07
N ILE B 102 14.11 3.33 22.32
CA ILE B 102 12.96 2.68 21.68
C ILE B 102 13.42 1.59 20.72
N PRO B 103 12.57 0.54 20.51
CA PRO B 103 13.05 -0.60 19.75
C PRO B 103 13.57 -0.28 18.35
N LEU B 104 13.01 0.73 17.66
CA LEU B 104 13.44 1.00 16.33
C LEU B 104 14.90 1.53 16.40
N ALA B 105 15.24 2.18 17.51
CA ALA B 105 16.60 2.75 17.67
C ALA B 105 17.56 1.59 17.99
N LEU B 106 17.09 0.65 18.80
CA LEU B 106 17.89 -0.52 19.16
C LEU B 106 18.09 -1.28 17.82
N GLY B 107 17.09 -1.32 16.95
CA GLY B 107 17.31 -1.87 15.61
C GLY B 107 18.52 -1.25 14.94
N CYS B 108 18.62 0.07 14.93
CA CYS B 108 19.80 0.76 14.31
C CYS B 108 21.19 0.46 14.95
N SER B 109 21.20 -0.14 16.16
CA SER B 109 22.45 -0.54 16.79
C SER B 109 23.17 -1.65 16.01
N PHE B 110 22.36 -2.51 15.40
CA PHE B 110 22.82 -3.70 14.69
C PHE B 110 23.62 -4.59 15.62
N ASP B 111 23.29 -4.50 16.92
CA ASP B 111 24.09 -5.07 17.99
C ASP B 111 23.25 -6.00 18.87
N ARG B 112 23.40 -7.29 18.62
CA ARG B 112 22.64 -8.29 19.37
C ARG B 112 22.84 -8.16 20.90
N GLU B 113 24.08 -7.89 21.31
CA GLU B 113 24.41 -7.87 22.76
C GLU B 113 23.75 -6.66 23.44
N THR B 114 23.77 -5.50 22.79
CA THR B 114 22.97 -4.36 23.29
C THR B 114 21.49 -4.70 23.59
N VAL B 115 20.91 -5.45 22.65
CA VAL B 115 19.50 -5.78 22.79
C VAL B 115 19.26 -6.78 23.95
N ARG B 116 20.08 -7.81 24.06
CA ARG B 116 19.98 -8.77 25.18
C ARG B 116 20.13 -8.04 26.54
N VAL B 117 21.06 -7.10 26.61
CA VAL B 117 21.30 -6.42 27.89
C VAL B 117 20.10 -5.62 28.33
N MET B 118 19.52 -4.87 27.40
CA MET B 118 18.33 -4.08 27.63
C MET B 118 17.26 -4.96 28.21
N ALA B 119 17.05 -6.12 27.57
CA ALA B 119 16.01 -7.02 27.99
C ALA B 119 16.32 -7.58 29.40
N GLU B 120 17.59 -7.89 29.68
CA GLU B 120 18.03 -8.40 30.98
C GLU B 120 17.79 -7.44 32.11
N VAL B 121 18.23 -6.21 31.92
CA VAL B 121 17.94 -5.15 32.83
C VAL B 121 16.43 -4.93 32.97
N SER B 122 15.71 -4.96 31.85
CA SER B 122 14.24 -4.76 31.89
C SER B 122 13.65 -5.82 32.85
N ALA B 123 14.10 -7.05 32.74
CA ALA B 123 13.55 -8.16 33.54
C ALA B 123 13.96 -8.04 34.98
N LEU B 124 15.23 -7.67 35.19
CA LEU B 124 15.74 -7.48 36.53
C LEU B 124 14.80 -6.53 37.31
N GLU B 125 14.44 -5.42 36.70
CA GLU B 125 13.64 -4.39 37.37
C GLU B 125 12.16 -4.76 37.45
N ALA B 126 11.63 -5.29 36.36
CA ALA B 126 10.24 -5.64 36.29
C ALA B 126 9.91 -6.74 37.32
N THR B 127 10.78 -7.73 37.44
CA THR B 127 10.58 -8.80 38.43
C THR B 127 10.66 -8.25 39.85
N ALA B 128 11.55 -7.28 40.05
CA ALA B 128 11.62 -6.57 41.35
C ALA B 128 10.32 -5.88 41.75
N ASP B 129 9.50 -5.51 40.76
CA ASP B 129 8.17 -4.90 40.99
C ASP B 129 7.00 -5.87 40.74
N GLY B 130 7.31 -7.17 40.79
CA GLY B 130 6.28 -8.21 40.86
C GLY B 130 5.68 -8.70 39.55
N HIS B 131 6.27 -8.34 38.42
CA HIS B 131 5.83 -8.80 37.09
C HIS B 131 6.42 -10.12 36.60
N HIS B 132 5.58 -11.01 36.08
CA HIS B 132 5.98 -12.33 35.62
C HIS B 132 6.19 -12.41 34.13
N VAL B 133 5.42 -11.62 33.36
CA VAL B 133 5.43 -11.70 31.87
C VAL B 133 5.57 -10.35 31.25
N THR B 134 6.36 -10.22 30.17
CA THR B 134 6.36 -8.96 29.41
C THR B 134 5.82 -9.11 28.01
N PHE B 135 5.12 -8.08 27.55
CA PHE B 135 4.55 -8.07 26.23
C PHE B 135 5.57 -7.54 25.24
N SER B 136 6.61 -8.35 25.05
CA SER B 136 7.76 -8.00 24.25
C SER B 136 8.47 -9.30 23.96
N PRO B 137 9.07 -9.44 22.79
CA PRO B 137 9.33 -8.51 21.69
C PRO B 137 8.19 -8.30 20.67
N MET B 138 8.08 -7.07 20.17
CA MET B 138 7.16 -6.81 19.09
C MET B 138 7.95 -7.05 17.81
N LEU B 139 7.48 -7.99 17.00
CA LEU B 139 8.25 -8.43 15.82
C LEU B 139 7.51 -8.19 14.50
N ASP B 140 6.67 -7.18 14.47
CA ASP B 140 5.91 -6.81 13.22
C ASP B 140 6.88 -6.11 12.24
N LEU B 141 7.08 -6.72 11.09
CA LEU B 141 7.81 -6.09 10.02
C LEU B 141 7.05 -4.81 9.64
N VAL B 142 7.84 -3.76 9.44
CA VAL B 142 7.35 -2.42 9.09
C VAL B 142 8.01 -1.86 7.85
N ARG B 143 7.17 -1.40 6.93
CA ARG B 143 7.57 -0.63 5.72
C ARG B 143 6.88 0.72 5.52
N ASP B 144 6.16 1.18 6.54
CA ASP B 144 5.30 2.37 6.41
C ASP B 144 5.44 3.22 7.69
N PRO B 145 6.31 4.24 7.67
CA PRO B 145 6.50 5.07 8.80
C PRO B 145 5.32 6.03 9.16
N ARG B 146 4.21 6.03 8.42
CA ARG B 146 2.99 6.73 8.87
C ARG B 146 2.47 6.07 10.14
N TRP B 147 2.62 4.76 10.22
CA TRP B 147 2.20 3.95 11.42
C TRP B 147 3.01 4.31 12.67
N GLY B 148 2.29 4.69 13.72
CA GLY B 148 2.88 5.11 14.98
C GLY B 148 3.66 4.01 15.69
N ARG B 149 3.31 2.76 15.42
CA ARG B 149 3.94 1.61 16.06
C ARG B 149 5.24 1.14 15.41
N VAL B 150 5.69 1.82 14.34
CA VAL B 150 7.04 1.57 13.89
C VAL B 150 8.09 1.69 15.01
N MET B 151 7.84 2.54 16.00
CA MET B 151 8.80 2.74 17.09
C MET B 151 9.07 1.45 17.89
N GLU B 152 8.14 0.49 17.84
CA GLU B 152 8.20 -0.77 18.65
C GLU B 152 8.81 -1.91 17.88
N SER B 153 8.99 -1.68 16.59
CA SER B 153 9.65 -2.67 15.72
C SER B 153 11.14 -2.34 15.59
N THR B 154 11.95 -3.30 15.20
CA THR B 154 13.35 -3.08 14.85
C THR B 154 13.53 -2.78 13.37
N GLY B 155 12.46 -2.82 12.61
CA GLY B 155 12.49 -2.21 11.27
C GLY B 155 12.02 -3.03 10.07
N GLU B 156 12.57 -2.70 8.90
CA GLU B 156 12.14 -3.25 7.62
C GLU B 156 12.75 -4.59 7.17
N ASP B 157 13.67 -5.14 7.93
CA ASP B 157 14.34 -6.38 7.47
C ASP B 157 13.99 -7.59 8.33
N PRO B 158 13.40 -8.65 7.74
CA PRO B 158 13.01 -9.79 8.56
C PRO B 158 14.18 -10.50 9.31
N PHE B 159 15.37 -10.48 8.68
CA PHE B 159 16.58 -11.09 9.30
C PHE B 159 17.08 -10.30 10.47
N LEU B 160 17.33 -9.00 10.30
CA LEU B 160 17.60 -8.17 11.48
C LEU B 160 16.50 -8.36 12.56
N ASN B 161 15.24 -8.29 12.16
CA ASN B 161 14.20 -8.40 13.22
C ASN B 161 14.25 -9.75 13.98
N SER B 162 14.49 -10.82 13.23
CA SER B 162 14.61 -12.20 13.75
C SER B 162 15.74 -12.31 14.72
N GLU B 163 16.90 -11.84 14.30
CA GLU B 163 18.09 -11.89 15.12
C GLU B 163 17.95 -11.07 16.37
N LEU B 164 17.48 -9.85 16.22
CA LEU B 164 17.31 -8.99 17.42
C LEU B 164 16.17 -9.51 18.33
N GLY B 165 15.18 -10.16 17.73
CA GLY B 165 14.04 -10.75 18.46
C GLY B 165 14.52 -11.89 19.35
N LYS B 166 15.36 -12.76 18.80
CA LYS B 166 16.00 -13.81 19.62
C LYS B 166 16.83 -13.24 20.74
N ALA B 167 17.65 -12.23 20.45
CA ALA B 167 18.41 -11.56 21.51
C ALA B 167 17.57 -11.07 22.70
N MET B 168 16.39 -10.48 22.41
CA MET B 168 15.48 -9.95 23.46
C MET B 168 14.86 -11.06 24.27
N VAL B 169 14.41 -12.13 23.61
CA VAL B 169 13.88 -13.28 24.32
C VAL B 169 14.93 -13.86 25.25
N ASP B 170 16.16 -13.98 24.78
CA ASP B 170 17.26 -14.51 25.59
C ASP B 170 17.53 -13.60 26.82
N GLY B 171 17.51 -12.28 26.62
CA GLY B 171 17.76 -11.35 27.71
C GLY B 171 16.63 -11.38 28.73
N TYR B 172 15.38 -11.46 28.27
CA TYR B 172 14.25 -11.50 29.21
C TYR B 172 14.24 -12.86 29.96
N GLN B 173 14.38 -13.96 29.23
CA GLN B 173 14.08 -15.27 29.81
C GLN B 173 15.29 -16.06 30.30
N GLY B 174 16.46 -15.76 29.75
CA GLY B 174 17.64 -16.63 29.91
C GLY B 174 17.21 -18.04 29.63
N ASP B 175 17.62 -18.98 30.47
CA ASP B 175 17.20 -20.35 30.28
C ASP B 175 15.69 -20.54 30.60
N ALA B 176 14.86 -20.65 29.58
CA ALA B 176 13.42 -20.78 29.70
C ALA B 176 12.92 -21.98 30.54
N SER B 177 13.73 -23.02 30.62
CA SER B 177 13.37 -24.20 31.43
C SER B 177 13.57 -23.95 32.91
N LYS B 178 14.24 -22.85 33.25
CA LYS B 178 14.59 -22.54 34.62
C LYS B 178 13.95 -21.26 35.14
N LEU B 179 12.82 -20.88 34.55
CA LEU B 179 12.07 -19.70 35.04
C LEU B 179 11.47 -19.87 36.44
N ASN B 180 11.38 -21.10 36.92
CA ASN B 180 10.95 -21.31 38.31
C ASN B 180 12.09 -21.08 39.30
N GLU B 181 13.32 -21.08 38.80
CA GLU B 181 14.53 -20.88 39.63
C GLU B 181 15.11 -19.49 39.48
N ASN B 182 15.15 -18.97 38.27
CA ASN B 182 15.79 -17.68 37.97
C ASN B 182 14.77 -16.53 38.07
N LEU B 183 14.59 -16.00 39.28
CA LEU B 183 13.48 -15.08 39.56
C LEU B 183 13.73 -13.58 39.20
N GLU B 184 14.87 -13.32 38.57
CA GLU B 184 15.20 -12.02 37.95
C GLU B 184 14.99 -12.00 36.45
N GLN B 185 14.65 -13.16 35.88
CA GLN B 185 14.24 -13.32 34.49
C GLN B 185 12.75 -13.53 34.45
N MET B 186 12.14 -13.30 33.30
CA MET B 186 10.68 -13.29 33.18
C MET B 186 10.24 -13.87 31.85
N ALA B 187 8.97 -14.32 31.76
CA ALA B 187 8.45 -14.82 30.46
C ALA B 187 8.33 -13.70 29.42
N ALA B 188 8.74 -14.02 28.18
CA ALA B 188 8.52 -13.16 27.03
C ALA B 188 7.24 -13.57 26.30
N CYS B 189 6.51 -12.55 25.83
CA CYS B 189 5.36 -12.68 24.93
C CYS B 189 5.61 -11.98 23.59
N VAL B 190 5.80 -12.79 22.56
CA VAL B 190 5.90 -12.35 21.14
C VAL B 190 4.62 -11.71 20.65
N LYS B 191 4.72 -10.56 19.99
CA LYS B 191 3.52 -9.89 19.50
C LYS B 191 3.83 -9.16 18.18
N HIS B 192 2.87 -8.89 17.30
CA HIS B 192 1.44 -9.27 17.35
C HIS B 192 1.19 -10.24 16.17
N PHE B 193 0.68 -11.43 16.45
CA PHE B 193 0.61 -12.48 15.44
C PHE B 193 -0.65 -12.31 14.60
N ALA B 194 -0.61 -11.89 13.33
CA ALA B 194 0.56 -11.56 12.52
C ALA B 194 0.26 -10.38 11.56
N ALA B 195 1.36 -9.72 11.20
CA ALA B 195 1.47 -8.84 10.03
C ALA B 195 0.78 -7.51 10.28
N TYR B 196 0.72 -7.15 11.54
CA TYR B 196 0.02 -5.94 12.04
C TYR B 196 0.63 -4.63 11.40
N GLY B 197 1.94 -4.67 11.20
CA GLY B 197 2.70 -3.61 10.63
C GLY B 197 2.40 -3.23 9.21
N ALA B 198 1.58 -4.02 8.51
CA ALA B 198 1.21 -3.73 7.13
C ALA B 198 -0.09 -2.97 7.02
N ALA B 199 -0.58 -2.43 8.15
CA ALA B 199 -1.80 -1.62 8.16
C ALA B 199 -1.84 -0.68 6.94
N GLU B 200 -2.92 -0.79 6.16
CA GLU B 200 -3.02 -0.03 4.94
C GLU B 200 -3.10 1.48 5.25
N ALA B 201 -2.41 2.23 4.41
CA ALA B 201 -2.24 3.67 4.53
C ALA B 201 -1.66 4.12 5.88
N GLY B 202 -0.95 3.22 6.54
CA GLY B 202 -0.41 3.49 7.88
C GLY B 202 -1.41 3.84 8.97
N LEU B 203 -2.70 3.51 8.74
CA LEU B 203 -3.79 3.83 9.67
C LEU B 203 -3.92 2.75 10.72
N GLU B 204 -3.99 3.18 11.98
CA GLU B 204 -4.05 2.25 13.07
C GLU B 204 -5.27 1.37 12.96
N TYR B 205 -4.98 0.08 13.23
CA TYR B 205 -5.97 -1.00 13.35
C TYR B 205 -6.48 -1.41 11.96
N ASN B 206 -5.92 -0.81 10.93
CA ASN B 206 -6.55 -0.90 9.63
C ASN B 206 -6.18 -2.25 8.95
N THR B 207 -6.98 -2.52 7.91
CA THR B 207 -6.79 -3.61 6.98
C THR B 207 -5.36 -3.92 6.61
N VAL B 208 -5.10 -5.22 6.60
CA VAL B 208 -3.82 -5.80 6.18
C VAL B 208 -4.19 -6.78 5.08
N ASN B 209 -3.54 -6.68 3.95
CA ASN B 209 -3.65 -7.73 2.94
C ASN B 209 -2.35 -8.00 2.23
N MET B 210 -2.06 -9.28 2.04
CA MET B 210 -0.94 -9.74 1.26
C MET B 210 -1.15 -11.22 0.86
N SER B 211 -0.40 -11.69 -0.13
CA SER B 211 -0.46 -13.12 -0.50
C SER B 211 0.09 -14.01 0.63
N THR B 212 -0.39 -15.24 0.74
CA THR B 212 0.14 -16.17 1.74
C THR B 212 1.68 -16.36 1.62
N ARG B 213 2.16 -16.57 0.40
CA ARG B 213 3.61 -16.61 0.16
C ARG B 213 4.39 -15.44 0.78
N GLU B 214 3.90 -14.21 0.52
CA GLU B 214 4.55 -13.02 1.12
C GLU B 214 4.50 -13.05 2.59
N LEU B 215 3.33 -13.41 3.13
CA LEU B 215 3.20 -13.64 4.58
C LEU B 215 4.32 -14.59 5.10
N TYR B 216 4.47 -15.74 4.49
CA TYR B 216 5.55 -16.67 4.88
C TYR B 216 6.98 -16.10 4.70
N GLN B 217 7.20 -15.45 3.55
CA GLN B 217 8.50 -15.01 3.11
C GLN B 217 9.06 -13.91 3.94
N ASN B 218 8.21 -12.91 4.32
CA ASN B 218 8.69 -11.70 5.00
C ASN B 218 8.06 -11.40 6.39
N TYR B 219 6.78 -11.72 6.57
CA TYR B 219 6.03 -11.27 7.70
C TYR B 219 6.10 -12.24 8.91
N LEU B 220 6.28 -13.53 8.63
CA LEU B 220 6.33 -14.58 9.67
C LEU B 220 7.71 -14.89 10.28
N PRO B 221 8.81 -14.70 9.53
CA PRO B 221 10.06 -15.25 10.04
C PRO B 221 10.50 -14.74 11.41
N ALA B 222 10.29 -13.46 11.74
CA ALA B 222 10.76 -13.04 13.06
C ALA B 222 9.93 -13.70 14.17
N TYR B 223 8.60 -13.80 14.05
CA TYR B 223 7.79 -14.44 15.10
C TYR B 223 8.31 -15.86 15.26
N ASN B 224 8.51 -16.55 14.14
CA ASN B 224 9.02 -17.93 14.17
C ASN B 224 10.36 -18.08 14.89
N ALA B 225 11.35 -17.26 14.54
CA ALA B 225 12.64 -17.27 15.22
C ALA B 225 12.50 -17.10 16.75
N ALA B 226 11.66 -16.17 17.18
CA ALA B 226 11.51 -15.94 18.62
C ALA B 226 10.84 -17.11 19.32
N ILE B 227 9.84 -17.69 18.65
CA ILE B 227 9.12 -18.87 19.13
C ILE B 227 10.10 -20.03 19.23
N GLN B 228 10.89 -20.28 18.18
CA GLN B 228 11.88 -21.36 18.23
C GLN B 228 12.95 -21.13 19.31
N ALA B 229 13.28 -19.88 19.63
CA ALA B 229 14.24 -19.61 20.71
C ALA B 229 13.61 -19.69 22.10
N GLY B 230 12.34 -20.08 22.16
CA GLY B 230 11.69 -20.35 23.43
C GLY B 230 10.74 -19.34 24.05
N ALA B 231 10.24 -18.36 23.27
CA ALA B 231 9.27 -17.39 23.81
C ALA B 231 8.08 -18.12 24.41
N LYS B 232 7.67 -17.67 25.60
CA LYS B 232 6.68 -18.42 26.35
C LYS B 232 5.26 -18.20 25.94
N LEU B 233 4.92 -16.96 25.60
CA LEU B 233 3.56 -16.60 25.17
C LEU B 233 3.60 -16.03 23.76
N VAL B 234 2.44 -16.02 23.10
CA VAL B 234 2.23 -15.22 21.91
C VAL B 234 0.94 -14.41 22.06
N MET B 235 0.89 -13.23 21.47
CA MET B 235 -0.28 -12.34 21.49
C MET B 235 -0.81 -12.14 20.05
N THR B 236 -2.14 -12.17 19.90
CA THR B 236 -2.82 -12.08 18.62
C THR B 236 -2.74 -10.62 18.12
N ALA B 237 -2.95 -10.42 16.80
CA ALA B 237 -2.97 -9.09 16.22
C ALA B 237 -4.37 -8.51 16.09
N PHE B 238 -4.51 -7.18 16.14
CA PHE B 238 -5.80 -6.56 15.89
C PHE B 238 -6.37 -6.69 14.43
N ASN B 239 -5.47 -6.87 13.46
CA ASN B 239 -5.84 -6.83 12.01
C ASN B 239 -6.41 -8.09 11.46
N VAL B 240 -7.15 -7.96 10.37
CA VAL B 240 -7.45 -9.11 9.59
C VAL B 240 -6.17 -9.69 8.98
N VAL B 241 -6.13 -11.00 8.82
CA VAL B 241 -5.16 -11.66 7.97
C VAL B 241 -5.95 -12.39 6.91
N ASP B 242 -5.71 -12.07 5.67
CA ASP B 242 -6.57 -12.51 4.59
C ASP B 242 -8.05 -12.47 4.89
N GLY B 243 -8.52 -11.31 5.34
CA GLY B 243 -9.95 -11.13 5.54
C GLY B 243 -10.50 -11.71 6.84
N ILE B 244 -9.68 -12.43 7.61
CA ILE B 244 -10.11 -12.93 8.89
C ILE B 244 -9.31 -12.32 10.04
N PRO B 245 -10.02 -11.64 10.97
CA PRO B 245 -9.36 -11.18 12.19
C PRO B 245 -8.43 -12.24 12.81
N ALA B 246 -7.17 -11.85 12.97
CA ALA B 246 -6.21 -12.79 13.42
C ALA B 246 -6.69 -13.60 14.66
N THR B 247 -7.45 -12.95 15.51
CA THR B 247 -7.76 -13.47 16.82
C THR B 247 -8.63 -14.74 16.72
N MET B 248 -9.47 -14.77 15.69
CA MET B 248 -10.37 -15.92 15.41
C MET B 248 -9.99 -16.63 14.10
N ASN B 249 -8.76 -16.41 13.66
CA ASN B 249 -8.30 -17.00 12.44
C ASN B 249 -7.74 -18.38 12.76
N LYS B 250 -8.55 -19.41 12.51
CA LYS B 250 -8.14 -20.78 12.92
C LYS B 250 -6.98 -21.32 12.12
N TRP B 251 -6.93 -21.04 10.81
CA TRP B 251 -5.78 -21.41 10.02
C TRP B 251 -4.52 -20.79 10.61
N LEU B 252 -4.56 -19.49 10.85
CA LEU B 252 -3.37 -18.78 11.34
C LEU B 252 -2.86 -19.31 12.62
N ASN B 253 -3.79 -19.54 13.56
CA ASN B 253 -3.44 -19.80 14.95
C ASN B 253 -3.31 -21.27 15.28
N ARG B 254 -4.15 -22.13 14.71
CA ARG B 254 -4.05 -23.58 14.92
C ARG B 254 -3.07 -24.21 13.94
N ASP B 255 -3.24 -23.95 12.65
CA ASP B 255 -2.44 -24.65 11.64
C ASP B 255 -1.02 -24.11 11.57
N VAL B 256 -0.83 -22.80 11.45
CA VAL B 256 0.54 -22.19 11.38
C VAL B 256 1.26 -22.07 12.78
N LEU B 257 0.60 -21.42 13.72
CA LEU B 257 1.25 -21.11 15.01
C LEU B 257 1.47 -22.37 15.85
N ARG B 258 0.39 -23.09 16.13
CA ARG B 258 0.50 -24.33 16.93
C ARG B 258 1.05 -25.53 16.16
N GLY B 259 0.62 -25.64 14.91
CA GLY B 259 1.06 -26.73 14.06
C GLY B 259 2.46 -26.56 13.51
N GLU B 260 2.60 -25.71 12.50
CA GLU B 260 3.89 -25.56 11.79
C GLU B 260 4.97 -25.02 12.70
N MET B 261 4.65 -24.01 13.48
CA MET B 261 5.62 -23.42 14.39
C MET B 261 5.77 -24.12 15.76
N GLU B 262 4.94 -25.13 16.01
CA GLU B 262 4.97 -25.94 17.26
C GLU B 262 4.90 -25.14 18.57
N PHE B 263 4.25 -23.97 18.54
CA PHE B 263 4.00 -23.22 19.75
C PHE B 263 2.99 -23.95 20.64
N ASP B 264 3.39 -24.25 21.87
CA ASP B 264 2.47 -24.93 22.76
C ASP B 264 2.19 -24.09 24.02
N GLY B 265 2.56 -22.83 24.01
CA GLY B 265 2.29 -21.95 25.17
C GLY B 265 0.97 -21.20 25.11
N VAL B 266 0.78 -20.30 26.06
CA VAL B 266 -0.46 -19.48 26.13
C VAL B 266 -0.58 -18.51 24.96
N LEU B 267 -1.76 -18.52 24.30
CA LEU B 267 -2.11 -17.50 23.29
C LEU B 267 -3.08 -16.49 23.90
N ILE B 268 -2.63 -15.27 24.05
CA ILE B 268 -3.38 -14.20 24.71
C ILE B 268 -3.84 -13.17 23.68
N SER B 269 -5.05 -12.68 23.80
CA SER B 269 -5.57 -11.76 22.79
C SER B 269 -4.93 -10.40 22.99
N ALA B 270 -4.82 -9.64 21.89
CA ALA B 270 -4.54 -8.21 22.08
C ALA B 270 -5.72 -7.58 22.88
N TRP B 271 -5.56 -6.38 23.36
CA TRP B 271 -6.62 -5.81 24.19
C TRP B 271 -7.98 -5.70 23.50
N GLY B 272 -8.96 -6.40 24.06
CA GLY B 272 -10.28 -6.41 23.51
C GLY B 272 -10.48 -7.16 22.20
N ALA B 273 -9.43 -7.77 21.65
CA ALA B 273 -9.51 -8.26 20.28
C ALA B 273 -10.52 -9.42 20.05
N VAL B 274 -10.86 -10.14 21.14
CA VAL B 274 -11.87 -11.22 21.08
C VAL B 274 -13.24 -10.60 20.73
N ALA B 275 -13.72 -9.65 21.56
CA ALA B 275 -14.92 -8.85 21.26
C ALA B 275 -14.89 -8.09 19.93
N GLU B 276 -13.75 -7.52 19.57
CA GLU B 276 -13.63 -6.68 18.34
C GLU B 276 -13.82 -7.43 17.03
N VAL B 277 -13.83 -8.76 17.06
CA VAL B 277 -14.22 -9.54 15.87
C VAL B 277 -15.67 -9.20 15.43
N ILE B 278 -16.50 -8.76 16.41
CA ILE B 278 -17.87 -8.28 16.10
C ILE B 278 -17.81 -7.05 15.18
N ASN B 279 -17.06 -6.05 15.60
CA ASN B 279 -16.85 -4.86 14.81
C ASN B 279 -16.34 -5.15 13.41
N HIS B 280 -15.43 -6.10 13.32
CA HIS B 280 -14.85 -6.48 12.05
C HIS B 280 -15.91 -7.14 11.19
N GLY B 281 -17.00 -7.60 11.78
CA GLY B 281 -18.13 -8.24 11.00
C GLY B 281 -17.94 -9.72 10.66
N THR B 282 -17.11 -10.41 11.43
CA THR B 282 -16.91 -11.83 11.32
C THR B 282 -17.50 -12.63 12.51
N ALA B 283 -18.24 -11.94 13.37
CA ALA B 283 -19.09 -12.57 14.44
C ALA B 283 -20.29 -11.69 14.67
N ARG B 284 -21.44 -12.30 14.93
CA ARG B 284 -22.67 -11.52 15.15
C ARG B 284 -22.75 -10.91 16.53
N ASN B 285 -22.11 -11.51 17.48
CA ASN B 285 -22.42 -11.24 18.91
C ASN B 285 -21.37 -11.86 19.77
N PRO B 286 -21.42 -11.58 21.08
CA PRO B 286 -20.37 -12.16 21.93
C PRO B 286 -20.32 -13.69 22.06
N LYS B 287 -21.43 -14.35 21.79
CA LYS B 287 -21.47 -15.82 21.80
C LYS B 287 -20.68 -16.37 20.59
N GLU B 288 -20.87 -15.77 19.41
CA GLU B 288 -20.05 -16.19 18.26
C GLU B 288 -18.57 -15.85 18.45
N ALA B 289 -18.26 -14.67 18.97
CA ALA B 289 -16.86 -14.27 19.16
C ALA B 289 -16.09 -15.24 20.08
N ALA B 290 -16.78 -15.65 21.14
CA ALA B 290 -16.28 -16.64 22.08
C ALA B 290 -16.00 -17.96 21.41
N GLN B 291 -17.00 -18.49 20.73
CA GLN B 291 -16.83 -19.78 20.11
C GLN B 291 -15.69 -19.71 19.13
N PHE B 292 -15.69 -18.66 18.31
CA PHE B 292 -14.72 -18.59 17.21
C PHE B 292 -13.30 -18.40 17.74
N SER B 293 -13.14 -17.54 18.73
CA SER B 293 -11.83 -17.30 19.32
C SER B 293 -11.36 -18.56 20.04
N MET B 294 -12.26 -19.33 20.67
CA MET B 294 -11.79 -20.56 21.32
C MET B 294 -11.44 -21.62 20.28
N GLU B 295 -12.24 -21.75 19.23
CA GLU B 295 -11.86 -22.66 18.12
C GLU B 295 -10.46 -22.34 17.60
N ALA B 296 -10.09 -21.05 17.57
CA ALA B 296 -8.78 -20.64 17.04
C ALA B 296 -7.65 -20.86 18.02
N GLY B 297 -7.99 -21.15 19.27
CA GLY B 297 -6.99 -21.53 20.26
C GLY B 297 -6.47 -20.39 21.10
N VAL B 298 -7.29 -19.34 21.22
CA VAL B 298 -6.97 -18.21 22.10
C VAL B 298 -7.24 -18.62 23.53
N ASP B 299 -6.18 -18.62 24.33
CA ASP B 299 -6.27 -19.11 25.69
C ASP B 299 -6.75 -18.09 26.71
N LEU B 300 -6.54 -16.81 26.44
CA LEU B 300 -6.66 -15.76 27.47
C LEU B 300 -7.24 -14.49 26.89
N GLU B 301 -8.42 -14.11 27.39
CA GLU B 301 -9.10 -12.95 26.85
C GLU B 301 -8.71 -11.69 27.62
N MET B 302 -8.02 -10.77 26.91
CA MET B 302 -7.58 -9.53 27.53
C MET B 302 -8.68 -8.47 27.68
N MET B 303 -9.27 -8.42 28.88
CA MET B 303 -10.10 -7.28 29.33
C MET B 303 -11.45 -7.12 28.59
N THR B 304 -11.91 -8.19 27.95
CA THR B 304 -13.29 -8.32 27.52
C THR B 304 -13.95 -9.62 28.09
N THR B 305 -15.25 -9.81 27.87
CA THR B 305 -16.06 -10.72 28.70
C THR B 305 -16.79 -11.78 27.87
N CYS B 306 -16.32 -12.03 26.64
CA CYS B 306 -16.97 -12.96 25.74
C CYS B 306 -16.89 -14.35 26.32
N TYR B 307 -15.69 -14.74 26.72
CA TYR B 307 -15.50 -16.05 27.35
C TYR B 307 -16.34 -16.21 28.63
N ILE B 308 -16.27 -15.19 29.49
CA ILE B 308 -16.76 -15.29 30.86
C ILE B 308 -18.31 -15.43 30.80
N HIS B 309 -18.95 -14.67 29.93
CA HIS B 309 -20.40 -14.72 29.83
C HIS B 309 -20.92 -15.79 28.88
N GLU B 310 -20.09 -16.36 28.01
CA GLU B 310 -20.64 -17.20 26.94
C GLU B 310 -20.16 -18.64 26.84
N LEU B 311 -19.03 -18.99 27.46
CA LEU B 311 -18.49 -20.35 27.21
C LEU B 311 -19.38 -21.42 27.79
N LYS B 312 -19.93 -21.17 28.98
CA LYS B 312 -20.73 -22.18 29.69
C LYS B 312 -21.83 -22.68 28.78
N GLY B 313 -22.64 -21.73 28.31
CA GLY B 313 -23.77 -22.02 27.45
C GLY B 313 -23.40 -22.68 26.13
N LEU B 314 -22.24 -22.32 25.58
CA LEU B 314 -21.75 -22.92 24.35
C LEU B 314 -21.34 -24.32 24.62
N ILE B 315 -20.75 -24.56 25.77
CA ILE B 315 -20.34 -25.91 26.12
C ILE B 315 -21.54 -26.80 26.44
N GLU B 316 -22.48 -26.26 27.21
CA GLU B 316 -23.71 -26.99 27.57
C GLU B 316 -24.56 -27.32 26.35
N GLU B 317 -24.66 -26.36 25.43
CA GLU B 317 -25.43 -26.53 24.18
C GLU B 317 -24.79 -27.42 23.14
N GLY B 318 -23.55 -27.86 23.35
CA GLY B 318 -22.91 -28.74 22.38
C GLY B 318 -22.26 -28.06 21.19
N LYS B 319 -22.27 -26.72 21.18
CA LYS B 319 -21.63 -25.99 20.08
C LYS B 319 -20.12 -25.80 20.28
N LEU B 320 -19.57 -26.16 21.45
CA LEU B 320 -18.13 -26.12 21.74
C LEU B 320 -17.74 -27.29 22.63
N SER B 321 -16.69 -28.00 22.25
CA SER B 321 -16.15 -29.05 23.10
C SER B 321 -15.45 -28.47 24.32
N GLU B 322 -15.80 -29.02 25.47
CA GLU B 322 -15.10 -28.75 26.70
C GLU B 322 -13.61 -29.11 26.61
N ASN B 323 -13.24 -30.07 25.76
CA ASN B 323 -11.81 -30.39 25.62
C ASN B 323 -10.92 -29.19 25.19
N LEU B 324 -11.50 -28.27 24.43
CA LEU B 324 -10.77 -27.07 24.03
C LEU B 324 -10.53 -26.15 25.20
N LEU B 325 -11.51 -26.07 26.09
CA LEU B 325 -11.37 -25.32 27.32
C LEU B 325 -10.25 -25.91 28.19
N ASP B 326 -10.25 -27.22 28.31
CA ASP B 326 -9.30 -27.90 29.17
C ASP B 326 -7.89 -27.73 28.64
N GLU B 327 -7.76 -27.74 27.30
CA GLU B 327 -6.46 -27.45 26.66
C GLU B 327 -5.97 -26.02 27.05
N ALA B 328 -6.84 -25.04 26.90
CA ALA B 328 -6.49 -23.63 27.27
C ALA B 328 -6.08 -23.49 28.77
N VAL B 329 -6.89 -24.07 29.66
CA VAL B 329 -6.65 -24.04 31.09
C VAL B 329 -5.30 -24.70 31.41
N LEU B 330 -5.03 -25.83 30.77
CA LEU B 330 -3.78 -26.49 31.07
C LEU B 330 -2.58 -25.62 30.67
N ARG B 331 -2.67 -24.96 29.52
CA ARG B 331 -1.61 -24.05 29.12
C ARG B 331 -1.43 -22.91 30.10
N MET B 332 -2.53 -22.40 30.62
CA MET B 332 -2.44 -21.32 31.60
C MET B 332 -1.71 -21.82 32.86
N LEU B 333 -2.18 -22.97 33.34
CA LEU B 333 -1.60 -23.61 34.50
C LEU B 333 -0.12 -23.92 34.29
N ASN B 334 0.25 -24.39 33.12
CA ASN B 334 1.65 -24.74 32.85
C ASN B 334 2.56 -23.53 32.85
N LEU B 335 2.02 -22.38 32.41
CA LEU B 335 2.79 -21.13 32.41
C LEU B 335 3.08 -20.76 33.86
N LYS B 336 2.06 -20.85 34.71
CA LYS B 336 2.24 -20.57 36.14
C LYS B 336 3.27 -21.50 36.76
N ASN B 337 3.20 -22.76 36.40
CA ASN B 337 4.16 -23.76 36.88
C ASN B 337 5.58 -23.48 36.38
N ASP B 338 5.70 -23.10 35.11
CA ASP B 338 6.98 -22.67 34.56
C ASP B 338 7.62 -21.48 35.31
N LEU B 339 6.77 -20.56 35.77
CA LEU B 339 7.22 -19.42 36.59
C LEU B 339 7.45 -19.73 38.11
N GLY B 340 7.12 -20.96 38.50
CA GLY B 340 7.29 -21.42 39.88
C GLY B 340 6.22 -20.90 40.83
N LEU B 341 5.08 -20.46 40.29
CA LEU B 341 4.01 -19.84 41.11
C LEU B 341 3.34 -20.80 42.09
N PHE B 342 3.43 -22.09 41.84
CA PHE B 342 2.86 -23.03 42.77
C PHE B 342 3.72 -23.30 44.04
N GLU B 343 5.02 -23.06 43.98
CA GLU B 343 5.84 -23.10 45.18
C GLU B 343 5.98 -21.70 45.79
N ASP B 344 6.16 -20.68 44.94
CA ASP B 344 6.26 -19.26 45.36
C ASP B 344 5.42 -18.33 44.47
N PRO B 345 4.19 -18.02 44.90
CA PRO B 345 3.25 -17.12 44.19
C PRO B 345 3.64 -15.61 44.12
N TYR B 346 4.59 -15.22 44.95
CA TYR B 346 5.12 -13.86 45.00
C TYR B 346 6.44 -13.75 44.24
N ARG B 347 6.81 -14.85 43.59
CA ARG B 347 7.99 -14.90 42.73
C ARG B 347 9.17 -14.09 43.28
N GLY B 348 9.61 -14.52 44.46
CA GLY B 348 10.84 -14.04 45.10
C GLY B 348 10.68 -12.78 45.93
N LEU B 349 9.49 -12.22 45.98
CA LEU B 349 9.34 -10.89 46.53
C LEU B 349 8.94 -10.87 48.00
N LYS B 350 8.29 -11.94 48.45
CA LYS B 350 7.52 -11.85 49.68
C LYS B 350 8.38 -11.53 50.89
N ASN B 351 9.53 -12.18 51.03
CA ASN B 351 10.40 -11.79 52.13
C ASN B 351 11.66 -11.09 51.68
N ASN B 352 11.57 -10.43 50.53
CA ASN B 352 12.74 -9.93 49.84
C ASN B 352 12.42 -8.71 48.97
N ASP B 353 12.43 -7.53 49.60
CA ASP B 353 12.17 -6.28 48.93
C ASP B 353 13.34 -5.91 48.00
N ARG B 354 13.14 -6.09 46.68
CA ARG B 354 14.21 -5.78 45.72
C ARG B 354 14.14 -4.35 45.14
N THR B 355 13.61 -3.38 45.92
CA THR B 355 13.64 -1.93 45.58
C THR B 355 15.03 -1.48 45.16
N LYS B 356 16.04 -2.03 45.85
CA LYS B 356 17.47 -1.70 45.62
C LYS B 356 17.90 -1.90 44.17
N ASP B 357 17.28 -2.88 43.50
CA ASP B 357 17.66 -3.28 42.16
C ASP B 357 17.08 -2.35 41.07
N ILE B 358 16.29 -1.35 41.43
CA ILE B 358 15.59 -0.51 40.42
C ILE B 358 16.32 0.81 40.19
N LEU B 359 16.62 1.11 38.93
CA LEU B 359 17.25 2.40 38.58
C LEU B 359 18.60 2.61 39.27
N THR B 360 19.41 1.55 39.33
CA THR B 360 20.78 1.62 39.82
C THR B 360 21.65 2.42 38.85
N ASP B 361 22.77 2.92 39.35
CA ASP B 361 23.74 3.63 38.52
C ASP B 361 24.28 2.69 37.46
N GLU B 362 24.60 1.42 37.80
CA GLU B 362 25.03 0.45 36.79
C GLU B 362 24.04 0.27 35.62
N SER B 363 22.74 0.24 35.96
CA SER B 363 21.69 0.03 34.95
C SER B 363 21.66 1.24 33.98
N ARG B 364 21.77 2.44 34.56
CA ARG B 364 21.84 3.72 33.83
C ARG B 364 23.02 3.79 32.83
N GLY B 365 24.20 3.27 33.20
CA GLY B 365 25.34 3.22 32.28
C GLY B 365 25.14 2.28 31.07
N LYS B 366 24.38 1.21 31.30
CA LYS B 366 23.92 0.27 30.26
C LYS B 366 22.90 0.89 29.34
N ALA B 367 21.96 1.63 29.87
CA ALA B 367 21.04 2.43 29.02
C ALA B 367 21.75 3.53 28.22
N ARG B 368 22.73 4.20 28.82
CA ARG B 368 23.55 5.16 28.06
C ARG B 368 24.35 4.48 26.99
N ALA B 369 24.93 3.33 27.32
CA ALA B 369 25.68 2.58 26.30
C ALA B 369 24.72 2.19 25.14
N ALA B 370 23.51 1.75 25.46
CA ALA B 370 22.55 1.36 24.40
C ALA B 370 22.22 2.58 23.52
N GLY B 371 22.00 3.73 24.17
CA GLY B 371 21.82 4.97 23.44
C GLY B 371 22.99 5.30 22.50
N VAL B 372 24.25 5.17 22.92
CA VAL B 372 25.34 5.56 22.01
C VAL B 372 25.59 4.54 20.91
N GLU B 373 25.12 3.31 21.13
CA GLU B 373 25.13 2.25 20.07
C GLU B 373 24.04 2.43 19.01
N SER B 374 22.94 3.09 19.41
CA SER B 374 21.70 3.14 18.64
C SER B 374 21.56 4.39 17.76
N ALA B 375 22.16 5.51 18.18
CA ALA B 375 22.08 6.78 17.41
C ALA B 375 22.73 6.57 16.04
N VAL B 376 22.23 7.30 15.03
CA VAL B 376 22.76 7.27 13.70
C VAL B 376 23.20 8.65 13.24
N LEU B 377 24.47 8.74 12.78
CA LEU B 377 25.02 9.99 12.28
C LEU B 377 24.72 9.99 10.80
N LEU B 378 23.88 10.93 10.39
CA LEU B 378 23.38 10.96 9.03
C LEU B 378 24.16 11.88 8.11
N GLU B 379 24.65 12.98 8.66
CA GLU B 379 25.44 13.98 7.95
C GLU B 379 26.48 14.51 8.91
N ASN B 380 27.62 14.93 8.36
CA ASN B 380 28.70 15.57 9.15
C ASN B 380 29.61 16.16 8.14
N LYS B 381 29.28 17.34 7.64
CA LYS B 381 30.06 17.96 6.55
C LYS B 381 31.20 18.78 7.17
N SER B 382 32.40 18.66 6.58
CA SER B 382 33.59 19.38 7.04
C SER B 382 33.99 19.06 8.50
N ARG B 383 33.78 17.82 8.95
CA ARG B 383 34.06 17.38 10.34
C ARG B 383 33.64 18.39 11.36
N LEU B 384 32.40 18.87 11.26
CA LEU B 384 31.87 19.69 12.30
C LEU B 384 32.01 18.92 13.58
N LEU B 385 31.61 17.66 13.55
CA LEU B 385 31.64 16.80 14.79
C LEU B 385 32.88 15.86 14.79
N PRO B 386 33.42 15.47 15.95
CA PRO B 386 32.97 15.82 17.30
C PRO B 386 33.23 17.29 17.59
N LEU B 387 32.51 17.86 18.54
CA LEU B 387 32.83 19.21 18.97
C LEU B 387 33.94 19.18 20.06
N ALA B 388 34.88 20.12 20.03
CA ALA B 388 35.82 20.29 21.16
C ALA B 388 35.02 20.78 22.39
N LYS B 389 35.50 20.41 23.57
CA LYS B 389 34.79 20.61 24.80
C LYS B 389 34.73 22.10 25.20
N GLU B 390 35.63 22.90 24.62
CA GLU B 390 35.64 24.36 24.86
C GLU B 390 34.77 25.12 23.83
N ALA B 391 34.29 24.43 22.81
CA ALA B 391 33.29 24.99 21.87
C ALA B 391 32.10 25.63 22.58
N LYS B 392 31.66 26.76 22.06
CA LYS B 392 30.66 27.58 22.70
C LYS B 392 29.36 27.36 21.94
N ILE B 393 28.38 26.85 22.69
CA ILE B 393 27.21 26.25 22.10
C ILE B 393 25.96 27.05 22.27
N ALA B 394 25.32 27.38 21.17
CA ALA B 394 23.97 27.84 21.23
C ALA B 394 23.08 26.58 21.06
N LEU B 395 22.35 26.25 22.10
CA LEU B 395 21.47 25.06 22.13
C LEU B 395 20.07 25.58 22.01
N VAL B 396 19.41 25.31 20.90
CA VAL B 396 18.13 25.90 20.61
C VAL B 396 17.17 24.88 20.04
N GLY B 397 15.89 25.07 20.31
CA GLY B 397 14.83 24.25 19.73
C GLY B 397 13.91 23.64 20.76
N PRO B 398 12.86 22.93 20.30
CA PRO B 398 11.90 22.29 21.16
C PRO B 398 12.43 21.18 22.02
N LEU B 399 13.52 20.55 21.58
CA LEU B 399 14.17 19.47 22.35
C LEU B 399 15.39 19.93 23.18
N ALA B 400 15.62 21.25 23.24
CA ALA B 400 16.67 21.82 24.08
C ALA B 400 16.51 21.43 25.58
N THR B 401 15.30 21.63 26.12
CA THR B 401 14.96 21.43 27.51
C THR B 401 13.82 20.41 27.69
N SER B 402 13.19 19.94 26.63
CA SER B 402 12.02 19.06 26.82
C SER B 402 12.39 17.81 27.60
N PRO B 403 11.59 17.45 28.60
CA PRO B 403 11.82 16.20 29.33
C PRO B 403 11.26 14.99 28.59
N ASP B 404 10.62 15.25 27.43
CA ASP B 404 9.97 14.20 26.63
C ASP B 404 10.95 13.48 25.71
N ILE B 405 11.83 12.69 26.34
CA ILE B 405 12.88 11.98 25.64
C ILE B 405 12.98 10.49 25.94
N LEU B 406 12.01 9.96 26.69
CA LEU B 406 12.01 8.57 27.14
C LEU B 406 11.35 7.66 26.11
N GLY B 407 10.57 8.23 25.20
CA GLY B 407 10.01 7.48 24.09
C GLY B 407 8.60 7.02 24.36
N GLY B 408 7.91 6.61 23.30
CA GLY B 408 6.62 6.01 23.45
C GLY B 408 6.75 4.61 24.05
N TRP B 409 5.62 4.08 24.50
CA TRP B 409 5.55 2.78 25.16
C TRP B 409 6.51 2.71 26.36
N ASN B 410 6.50 3.80 27.09
CA ASN B 410 7.19 3.89 28.37
C ASN B 410 6.15 3.91 29.46
N VAL B 411 5.79 2.73 29.94
CA VAL B 411 4.65 2.60 30.81
C VAL B 411 5.04 2.85 32.27
N TYR B 412 6.27 2.59 32.65
CA TYR B 412 6.67 2.67 34.04
C TYR B 412 7.75 3.71 34.33
N GLY B 413 8.47 4.20 33.32
CA GLY B 413 9.58 5.15 33.56
C GLY B 413 9.12 6.57 33.80
N GLU B 414 9.90 7.37 34.49
CA GLU B 414 9.42 8.69 34.85
C GLU B 414 10.35 9.78 34.36
N GLU B 415 9.76 10.83 33.83
CA GLU B 415 10.55 11.88 33.19
C GLU B 415 11.45 12.59 34.22
N LYS B 416 11.07 12.58 35.49
CA LYS B 416 11.89 13.24 36.54
C LYS B 416 13.26 12.54 36.72
N ASP B 417 13.35 11.26 36.35
CA ASP B 417 14.63 10.53 36.39
C ASP B 417 15.46 10.70 35.12
N GLY B 418 14.91 11.39 34.12
CA GLY B 418 15.56 11.44 32.80
C GLY B 418 16.51 12.62 32.71
N ILE B 419 17.52 12.51 31.86
CA ILE B 419 18.46 13.63 31.63
C ILE B 419 18.11 14.37 30.33
N ASN B 420 17.80 15.65 30.43
CA ASN B 420 17.41 16.37 29.23
C ASN B 420 18.65 16.86 28.47
N VAL B 421 18.48 17.42 27.26
CA VAL B 421 19.64 17.73 26.43
C VAL B 421 20.52 18.84 27.05
N GLU B 422 19.91 19.87 27.62
CA GLU B 422 20.66 20.91 28.27
C GLU B 422 21.55 20.36 29.39
N THR B 423 20.96 19.55 30.25
CA THR B 423 21.68 19.04 31.42
C THR B 423 22.85 18.16 30.99
N GLY B 424 22.55 17.30 30.02
CA GLY B 424 23.53 16.46 29.43
C GLY B 424 24.66 17.31 28.94
N LEU B 425 24.36 18.37 28.20
CA LEU B 425 25.43 19.13 27.51
C LEU B 425 26.25 19.90 28.54
N ARG B 426 25.58 20.42 29.53
CA ARG B 426 26.29 21.21 30.52
C ARG B 426 27.28 20.41 31.37
N GLU B 427 27.15 19.09 31.43
CA GLU B 427 28.16 18.24 32.10
C GLU B 427 29.42 18.04 31.26
N VAL B 428 29.38 18.44 30.02
CA VAL B 428 30.51 18.16 29.14
C VAL B 428 31.12 19.52 28.75
N PHE B 429 30.26 20.46 28.33
CA PHE B 429 30.70 21.74 27.69
C PHE B 429 30.52 22.91 28.64
N GLU B 430 31.52 23.77 28.76
CA GLU B 430 31.52 24.83 29.77
C GLU B 430 30.58 25.95 29.39
N THR B 431 30.51 26.22 28.07
CA THR B 431 29.71 27.32 27.55
C THR B 431 28.54 26.85 26.66
N VAL B 432 27.33 26.94 27.23
CA VAL B 432 26.10 26.66 26.52
C VAL B 432 25.14 27.82 26.75
N GLU B 433 24.57 28.38 25.68
CA GLU B 433 23.43 29.30 25.83
C GLU B 433 22.18 28.63 25.25
N VAL B 434 21.06 28.74 25.97
CA VAL B 434 19.89 27.93 25.66
C VAL B 434 18.73 28.81 25.26
N VAL B 435 18.05 28.50 24.15
CA VAL B 435 16.79 29.17 23.82
C VAL B 435 15.82 28.06 23.46
N SER B 436 14.96 27.72 24.41
CA SER B 436 13.91 26.73 24.18
C SER B 436 12.85 27.36 23.26
N THR B 437 12.28 26.58 22.35
CA THR B 437 11.08 27.03 21.62
C THR B 437 10.02 25.90 21.76
N GLU B 438 8.79 26.17 21.29
CA GLU B 438 7.71 25.25 21.37
C GLU B 438 7.76 24.27 20.18
N TYR B 439 7.06 23.14 20.32
CA TYR B 439 7.09 22.10 19.30
C TYR B 439 6.46 22.48 17.96
N THR B 440 5.49 23.37 17.97
CA THR B 440 4.61 23.62 16.82
C THR B 440 4.54 25.11 16.41
N GLU B 441 5.35 25.97 17.02
CA GLU B 441 5.35 27.45 16.77
C GLU B 441 6.76 27.99 16.65
N LEU B 442 6.85 29.15 16.00
CA LEU B 442 8.10 29.92 15.93
C LEU B 442 7.72 31.39 15.88
N SER B 443 7.92 32.10 16.99
CA SER B 443 7.37 33.44 17.17
C SER B 443 8.47 34.37 16.76
N GLU B 444 8.13 35.63 16.51
CA GLU B 444 9.17 36.65 16.26
C GLU B 444 10.10 36.82 17.47
N GLU B 445 9.50 36.74 18.64
CA GLU B 445 10.27 36.82 19.87
C GLU B 445 11.31 35.66 19.94
N ASP B 446 10.89 34.42 19.62
CA ASP B 446 11.82 33.27 19.54
C ASP B 446 12.98 33.61 18.61
N LYS B 447 12.67 34.19 17.49
CA LYS B 447 13.72 34.39 16.49
C LYS B 447 14.74 35.43 16.95
N VAL B 448 14.27 36.48 17.57
CA VAL B 448 15.17 37.52 18.14
C VAL B 448 16.09 36.82 19.17
N ALA B 449 15.51 36.00 20.05
CA ALA B 449 16.26 35.33 21.14
C ALA B 449 17.26 34.34 20.60
N VAL B 450 16.81 33.53 19.66
CA VAL B 450 17.72 32.67 18.90
C VAL B 450 18.83 33.46 18.21
N LYS B 451 18.51 34.59 17.62
CA LYS B 451 19.55 35.36 16.91
C LYS B 451 20.61 35.84 17.88
N ALA B 452 20.21 36.36 19.02
CA ALA B 452 21.17 36.83 20.01
C ALA B 452 22.11 35.71 20.52
N ALA B 453 21.57 34.51 20.79
CA ALA B 453 22.32 33.40 21.38
C ALA B 453 23.36 32.87 20.41
N VAL B 454 22.96 32.71 19.14
CA VAL B 454 23.87 32.21 18.11
C VAL B 454 24.97 33.22 17.82
N GLN B 455 24.63 34.51 17.85
CA GLN B 455 25.67 35.53 17.71
C GLN B 455 26.73 35.41 18.80
N ASN B 456 26.32 35.18 20.03
CA ASN B 456 27.24 35.00 21.15
C ASN B 456 28.17 33.76 21.07
N MET B 457 27.73 32.69 20.43
CA MET B 457 28.43 31.41 20.50
C MET B 457 29.11 31.05 19.20
N ASP B 458 29.78 29.90 19.12
CA ASP B 458 30.44 29.51 17.87
C ASP B 458 29.70 28.47 16.99
N VAL B 459 28.92 27.59 17.61
CA VAL B 459 28.20 26.50 16.89
C VAL B 459 26.80 26.29 17.44
N VAL B 460 25.87 25.89 16.57
CA VAL B 460 24.48 25.78 16.99
C VAL B 460 24.17 24.34 17.20
N VAL B 461 23.64 24.00 18.39
CA VAL B 461 23.02 22.68 18.52
C VAL B 461 21.53 22.88 18.45
N LEU B 462 20.97 22.49 17.30
CA LEU B 462 19.57 22.69 16.96
C LEU B 462 18.81 21.38 17.27
N ALA B 463 18.11 21.39 18.39
CA ALA B 463 17.48 20.15 18.87
C ALA B 463 16.01 20.10 18.49
N LEU B 464 15.67 19.21 17.59
CA LEU B 464 14.33 19.17 16.97
C LEU B 464 13.64 17.85 17.27
N GLY B 465 12.32 17.78 17.25
CA GLY B 465 11.67 16.49 17.46
C GLY B 465 10.16 16.37 17.58
N GLU B 466 9.73 15.12 17.72
CA GLU B 466 8.35 14.75 17.93
C GLU B 466 8.07 14.66 19.41
N LYS B 467 6.85 15.03 19.80
CA LYS B 467 6.31 14.55 21.09
C LYS B 467 6.13 13.06 20.93
N ASN B 468 6.41 12.28 21.99
CA ASN B 468 6.23 10.83 21.85
C ASN B 468 4.79 10.47 21.53
N GLU B 469 3.84 11.33 21.90
CA GLU B 469 2.41 11.09 21.68
C GLU B 469 1.99 11.16 20.21
N TRP B 470 2.86 11.67 19.34
CA TRP B 470 2.61 11.66 17.91
C TRP B 470 2.88 10.29 17.27
N GLY B 471 3.36 9.33 18.06
CA GLY B 471 3.50 7.97 17.65
C GLY B 471 3.12 6.98 18.75
N GLY B 472 3.62 5.75 18.63
CA GLY B 472 3.08 4.66 19.42
C GLY B 472 1.71 4.21 18.94
N GLU B 473 0.97 3.46 19.78
CA GLU B 473 -0.35 3.01 19.40
C GLU B 473 -1.36 4.16 19.13
N ALA B 474 -2.07 4.05 18.00
CA ALA B 474 -3.04 5.00 17.51
C ALA B 474 -2.45 6.42 17.45
N GLY B 475 -1.17 6.46 17.05
CA GLY B 475 -0.47 7.67 16.61
C GLY B 475 -0.04 7.60 15.13
N SER B 476 -1.05 7.53 14.25
CA SER B 476 -0.84 7.46 12.81
C SER B 476 -0.76 8.86 12.30
N LEU B 477 0.33 9.18 11.57
CA LEU B 477 0.41 10.43 10.81
C LEU B 477 0.33 10.18 9.35
N ALA B 478 -0.59 10.86 8.69
CA ALA B 478 -0.72 10.79 7.28
C ALA B 478 0.47 11.43 6.51
N THR B 479 1.07 12.48 7.06
CA THR B 479 2.26 13.09 6.46
C THR B 479 3.39 12.96 7.49
N ILE B 480 4.48 12.26 7.14
CA ILE B 480 5.57 12.01 8.07
C ILE B 480 6.60 13.16 8.09
N ARG B 481 6.13 14.33 8.57
CA ARG B 481 6.92 15.52 8.74
C ARG B 481 6.78 16.02 10.19
N LEU B 482 7.82 16.70 10.69
CA LEU B 482 7.73 17.43 11.95
C LEU B 482 6.80 18.57 11.68
N PRO B 483 6.29 19.20 12.74
CA PRO B 483 5.52 20.45 12.51
C PRO B 483 6.30 21.44 11.64
N GLU B 484 5.63 22.13 10.73
CA GLU B 484 6.29 23.07 9.85
C GLU B 484 7.15 24.15 10.56
N ALA B 485 6.70 24.63 11.72
CA ALA B 485 7.48 25.58 12.51
C ALA B 485 8.92 25.12 12.75
N GLN B 486 9.14 23.81 12.97
CA GLN B 486 10.54 23.26 13.10
C GLN B 486 11.42 23.35 11.85
N TYR B 487 10.85 23.03 10.69
CA TYR B 487 11.52 23.23 9.40
C TYR B 487 11.84 24.75 9.17
N GLN B 488 10.94 25.63 9.60
CA GLN B 488 11.13 27.10 9.51
C GLN B 488 12.30 27.48 10.38
N LEU B 489 12.35 26.85 11.57
CA LEU B 489 13.36 27.12 12.55
C LEU B 489 14.71 26.69 12.04
N ALA B 490 14.79 25.51 11.43
CA ALA B 490 16.04 25.11 10.78
C ALA B 490 16.46 26.05 9.65
N LYS B 491 15.50 26.49 8.83
CA LYS B 491 15.83 27.44 7.74
C LYS B 491 16.41 28.77 8.32
N PHE B 492 15.79 29.28 9.38
CA PHE B 492 16.17 30.56 10.04
C PHE B 492 17.58 30.46 10.60
N VAL B 493 17.84 29.38 11.35
CA VAL B 493 19.14 29.15 11.97
C VAL B 493 20.25 29.06 10.93
N GLN B 494 19.96 28.47 9.78
CA GLN B 494 20.92 28.37 8.70
C GLN B 494 21.38 29.77 8.21
N THR B 495 20.51 30.76 8.27
CA THR B 495 20.87 32.08 7.76
C THR B 495 21.83 32.83 8.67
N LEU B 496 21.99 32.39 9.91
CA LEU B 496 22.76 33.14 10.92
C LEU B 496 24.26 33.05 10.76
N GLY B 497 24.74 32.19 9.88
CA GLY B 497 26.13 32.20 9.53
C GLY B 497 26.96 31.18 10.23
N LYS B 498 26.46 30.49 11.28
CA LYS B 498 27.34 29.71 12.16
C LYS B 498 27.15 28.23 11.91
N PRO B 499 28.15 27.38 12.22
CA PRO B 499 27.87 25.97 11.87
C PRO B 499 26.75 25.32 12.71
N VAL B 500 25.96 24.45 12.07
CA VAL B 500 24.80 23.88 12.75
C VAL B 500 24.83 22.37 12.86
N VAL B 501 24.71 21.81 14.09
CA VAL B 501 24.39 20.38 14.21
C VAL B 501 22.91 20.22 14.55
N ILE B 502 22.16 19.39 13.83
CA ILE B 502 20.77 19.08 14.24
C ILE B 502 20.75 17.73 14.95
N THR B 503 20.24 17.72 16.18
CA THR B 503 20.05 16.53 16.97
C THR B 503 18.56 16.26 16.94
N LEU B 504 18.15 15.19 16.26
CA LEU B 504 16.74 14.92 16.01
C LEU B 504 16.26 13.79 16.95
N PHE B 505 15.17 14.07 17.67
CA PHE B 505 14.48 13.09 18.53
C PHE B 505 13.09 12.72 17.97
N ASN B 506 12.86 11.43 17.83
CA ASN B 506 11.65 10.94 17.15
C ASN B 506 11.47 9.43 17.24
N GLY B 507 10.25 8.97 16.87
CA GLY B 507 9.80 7.60 16.95
C GLY B 507 9.53 6.95 15.58
N ARG B 508 9.74 7.70 14.49
CA ARG B 508 9.56 7.23 13.08
C ARG B 508 10.56 7.89 12.12
N PRO B 509 10.85 7.25 11.00
CA PRO B 509 11.38 7.96 9.87
C PRO B 509 10.55 9.21 9.53
N LEU B 510 11.25 10.25 9.17
CA LEU B 510 10.60 11.50 8.81
C LEU B 510 11.22 11.99 7.51
N GLU B 511 10.54 12.96 6.90
CA GLU B 511 11.05 13.73 5.78
C GLU B 511 12.15 14.67 6.29
N VAL B 512 13.38 14.25 6.16
CA VAL B 512 14.51 15.02 6.65
C VAL B 512 15.37 15.71 5.59
N LYS B 513 15.03 15.58 4.32
CA LYS B 513 15.79 16.29 3.30
C LYS B 513 16.01 17.77 3.67
N GLU B 514 14.94 18.44 4.07
CA GLU B 514 15.05 19.86 4.42
C GLU B 514 15.91 20.14 5.65
N LEU B 515 16.08 19.16 6.53
CA LEU B 515 16.95 19.35 7.64
C LEU B 515 18.44 19.15 7.27
N ALA B 516 18.72 18.05 6.59
CA ALA B 516 20.03 17.79 6.00
C ALA B 516 20.50 19.00 5.25
N GLU B 517 19.66 19.54 4.40
CA GLU B 517 20.11 20.66 3.56
C GLU B 517 20.27 21.96 4.33
N SER B 518 19.81 22.06 5.57
CA SER B 518 19.85 23.33 6.28
C SER B 518 20.88 23.34 7.41
N SER B 519 21.73 22.32 7.43
CA SER B 519 22.63 22.12 8.52
C SER B 519 23.88 21.43 8.03
N ASP B 520 24.93 21.50 8.84
CA ASP B 520 26.22 20.91 8.50
C ASP B 520 26.33 19.49 8.96
N ALA B 521 25.68 19.15 10.09
CA ALA B 521 25.69 17.80 10.60
C ALA B 521 24.24 17.44 11.02
N LEU B 522 23.92 16.14 11.08
CA LEU B 522 22.59 15.64 11.48
C LEU B 522 22.74 14.29 12.22
N LEU B 523 22.31 14.26 13.49
CA LEU B 523 22.41 13.09 14.33
C LEU B 523 20.99 12.62 14.74
N GLU B 524 20.67 11.41 14.38
CA GLU B 524 19.36 10.78 14.64
C GLU B 524 19.47 10.08 16.02
N LEU B 525 18.94 10.70 17.07
CA LEU B 525 19.03 10.10 18.43
C LEU B 525 17.83 9.19 18.73
N TRP B 526 16.79 9.33 17.95
CA TRP B 526 15.51 8.73 18.22
C TRP B 526 15.03 9.16 19.62
N PHE B 527 14.60 8.21 20.45
CA PHE B 527 14.28 8.47 21.83
C PHE B 527 15.17 7.53 22.59
N PRO B 528 16.36 8.03 23.05
CA PRO B 528 17.36 7.17 23.71
C PRO B 528 16.92 6.63 25.06
N GLY B 529 15.98 7.28 25.67
CA GLY B 529 15.50 6.94 27.03
C GLY B 529 16.13 7.78 28.16
N THR B 530 16.35 7.14 29.28
CA THR B 530 16.61 7.85 30.57
C THR B 530 17.83 8.73 30.52
N GLU B 531 18.87 8.24 29.86
CA GLU B 531 20.13 8.96 29.78
C GLU B 531 20.25 9.85 28.52
N ALA B 532 19.12 10.18 27.89
CA ALA B 532 19.20 10.79 26.58
C ALA B 532 20.18 11.97 26.49
N GLY B 533 20.21 12.86 27.48
CA GLY B 533 21.09 14.04 27.41
C GLY B 533 22.56 13.70 27.42
N ARG B 534 22.95 12.69 28.21
CA ARG B 534 24.35 12.19 28.24
C ARG B 534 24.64 11.44 26.96
N VAL B 535 23.68 10.67 26.46
CA VAL B 535 23.88 10.04 25.13
C VAL B 535 24.25 11.12 24.10
N THR B 536 23.50 12.23 24.09
CA THR B 536 23.67 13.29 23.07
C THR B 536 25.04 14.00 23.27
N ALA B 537 25.38 14.29 24.52
CA ALA B 537 26.63 15.03 24.84
C ALA B 537 27.86 14.21 24.55
N ASP B 538 27.84 12.91 24.87
CA ASP B 538 28.95 12.02 24.54
C ASP B 538 29.18 11.85 23.04
N LEU B 539 28.11 11.72 22.24
CA LEU B 539 28.31 11.58 20.82
C LEU B 539 28.82 12.90 20.20
N LEU B 540 28.27 14.02 20.66
CA LEU B 540 28.66 15.36 20.13
C LEU B 540 30.11 15.75 20.49
N SER B 541 30.55 15.42 21.69
CA SER B 541 31.95 15.67 22.11
C SER B 541 32.94 14.64 21.63
N GLY B 542 32.40 13.54 21.07
CA GLY B 542 33.22 12.41 20.64
C GLY B 542 33.74 11.50 21.76
N ALA B 543 33.22 11.63 22.98
CA ALA B 543 33.56 10.68 24.07
C ALA B 543 33.07 9.33 23.67
N SER B 544 31.98 9.37 22.87
CA SER B 544 31.45 8.25 22.10
C SER B 544 31.42 8.61 20.62
N ASN B 545 31.76 7.64 19.81
CA ASN B 545 31.80 7.74 18.37
C ASN B 545 30.55 7.03 17.80
N PRO B 546 29.70 7.75 17.01
CA PRO B 546 28.47 7.19 16.37
C PRO B 546 28.73 5.95 15.59
N SER B 547 27.85 4.95 15.71
CA SER B 547 28.09 3.63 15.11
C SER B 547 26.84 2.91 14.68
N GLY B 548 25.67 3.57 14.88
CA GLY B 548 24.40 3.04 14.41
C GLY B 548 24.19 3.18 12.91
N LYS B 549 23.32 2.31 12.36
CA LYS B 549 23.00 2.29 10.91
C LYS B 549 21.50 2.23 10.80
N LEU B 550 20.93 2.82 9.75
CA LEU B 550 19.48 2.87 9.65
C LEU B 550 18.89 1.46 9.52
N SER B 551 17.93 1.08 10.37
CA SER B 551 17.19 -0.17 10.18
C SER B 551 15.83 0.01 9.47
N MET B 552 15.55 1.24 9.02
CA MET B 552 14.37 1.55 8.24
C MET B 552 14.69 2.72 7.30
N SER B 553 14.24 2.64 6.05
CA SER B 553 14.48 3.67 5.03
C SER B 553 13.82 4.99 5.37
N PHE B 554 14.51 6.06 5.03
CA PHE B 554 14.01 7.43 5.20
C PHE B 554 13.54 7.94 3.87
N PRO B 555 12.21 8.01 3.69
CA PRO B 555 11.73 8.37 2.33
C PRO B 555 12.07 9.77 1.90
N GLN B 556 12.11 9.96 0.59
CA GLN B 556 12.28 11.30 0.00
C GLN B 556 11.08 12.21 0.41
N THR B 557 9.90 11.63 0.39
CA THR B 557 8.63 12.30 0.72
C THR B 557 7.56 11.24 1.10
N THR B 558 6.50 11.65 1.81
CA THR B 558 5.38 10.74 2.22
C THR B 558 4.87 9.84 1.07
N GLY B 559 4.74 10.44 -0.11
CA GLY B 559 4.20 9.74 -1.25
C GLY B 559 5.12 8.67 -1.84
N GLN B 560 6.34 8.56 -1.32
CA GLN B 560 7.25 7.47 -1.79
C GLN B 560 6.93 6.13 -1.10
N ILE B 561 6.06 6.17 -0.12
CA ILE B 561 5.85 5.05 0.83
C ILE B 561 4.94 4.00 0.21
N PRO B 562 5.33 2.73 0.31
CA PRO B 562 6.49 2.16 0.97
C PRO B 562 7.69 2.10 0.09
N VAL B 563 8.82 2.49 0.69
CA VAL B 563 10.14 2.32 0.09
C VAL B 563 11.04 1.53 1.05
N TYR B 564 11.83 0.61 0.50
CA TYR B 564 12.54 -0.37 1.31
C TYR B 564 13.61 -1.04 0.45
N TYR B 565 14.71 -1.44 1.09
CA TYR B 565 15.93 -1.90 0.37
C TYR B 565 15.71 -3.22 -0.33
N ASN B 566 14.99 -4.13 0.31
CA ASN B 566 14.78 -5.47 -0.25
C ASN B 566 13.64 -5.50 -1.27
N HIS B 567 13.74 -4.66 -2.30
CA HIS B 567 12.67 -4.53 -3.28
C HIS B 567 12.81 -5.46 -4.50
N LEU B 568 11.71 -5.69 -5.22
CA LEU B 568 11.75 -6.42 -6.48
C LEU B 568 12.29 -5.54 -7.61
N ARG B 569 12.86 -6.17 -8.62
CA ARG B 569 13.47 -5.43 -9.74
C ARG B 569 12.49 -4.72 -10.66
N THR B 570 11.28 -5.29 -10.83
CA THR B 570 10.33 -4.99 -11.90
C THR B 570 10.88 -5.36 -13.25
N GLY B 571 9.97 -5.32 -14.24
CA GLY B 571 10.28 -5.57 -15.67
C GLY B 571 11.01 -4.43 -16.37
N ARG B 572 11.01 -3.22 -15.76
CA ARG B 572 11.69 -2.04 -16.33
C ARG B 572 12.46 -1.21 -15.31
N PRO B 573 13.50 -1.81 -14.74
CA PRO B 573 14.30 -1.16 -13.74
C PRO B 573 14.99 0.06 -14.32
N GLN B 574 15.08 1.10 -13.52
CA GLN B 574 15.86 2.28 -13.87
C GLN B 574 17.28 1.84 -13.64
N THR B 575 18.14 2.05 -14.63
CA THR B 575 19.56 1.66 -14.57
C THR B 575 20.38 2.93 -14.79
N PRO B 576 21.65 2.87 -14.41
CA PRO B 576 22.50 4.02 -14.76
C PRO B 576 22.45 4.32 -16.28
N GLU B 577 22.35 3.28 -17.12
CA GLU B 577 22.29 3.48 -18.58
C GLU B 577 21.01 4.18 -19.04
N ASN B 578 19.84 3.71 -18.61
CA ASN B 578 18.58 4.27 -19.17
C ASN B 578 17.98 5.46 -18.42
N LYS B 579 18.67 6.03 -17.45
CA LYS B 579 18.07 7.18 -16.74
C LYS B 579 17.72 8.32 -17.71
N GLY B 580 16.69 9.08 -17.34
CA GLY B 580 16.16 10.12 -18.21
C GLY B 580 15.08 9.62 -19.15
N GLU B 581 15.12 8.35 -19.53
CA GLU B 581 14.07 7.76 -20.37
C GLU B 581 12.71 7.73 -19.65
N ARG B 582 11.66 7.96 -20.45
CA ARG B 582 10.26 8.02 -19.98
C ARG B 582 9.75 6.65 -19.55
N TYR B 583 9.92 5.63 -20.39
CA TYR B 583 9.26 4.33 -20.17
C TYR B 583 10.07 3.34 -19.24
N VAL B 584 10.39 3.78 -18.04
CA VAL B 584 10.99 2.94 -17.00
C VAL B 584 10.35 3.25 -15.68
N SER B 585 10.53 2.33 -14.74
CA SER B 585 9.98 2.49 -13.42
C SER B 585 10.65 3.64 -12.69
N HIS B 586 9.90 4.75 -12.59
CA HIS B 586 10.35 5.99 -12.00
C HIS B 586 9.17 6.88 -11.64
N TYR B 587 9.45 7.86 -10.81
CA TYR B 587 8.56 8.97 -10.56
C TYR B 587 8.94 10.26 -11.32
N LEU B 588 7.95 11.06 -11.73
CA LEU B 588 8.25 12.32 -12.43
C LEU B 588 8.84 13.33 -11.51
N ASP B 589 8.60 13.22 -10.20
CA ASP B 589 8.85 14.30 -9.29
C ASP B 589 9.92 14.01 -8.23
N ILE B 590 10.31 12.75 -8.02
CA ILE B 590 11.33 12.40 -6.98
C ILE B 590 12.20 11.27 -7.50
N PRO B 591 13.38 11.09 -6.90
CA PRO B 591 14.11 9.83 -7.12
C PRO B 591 13.41 8.57 -6.58
N ASN B 592 13.82 7.42 -7.11
CA ASN B 592 13.38 6.09 -6.65
C ASN B 592 13.98 5.76 -5.34
N GLU B 593 15.19 6.23 -5.16
CA GLU B 593 15.97 5.90 -3.96
C GLU B 593 15.35 6.63 -2.78
N PRO B 594 15.33 5.99 -1.60
CA PRO B 594 14.92 6.72 -0.42
C PRO B 594 16.00 7.74 -0.14
N PHE B 595 15.69 8.71 0.71
CA PHE B 595 16.64 9.78 1.02
C PHE B 595 17.85 9.22 1.72
N TYR B 596 17.63 8.28 2.67
CA TYR B 596 18.72 7.47 3.27
C TYR B 596 18.29 5.98 3.28
N PRO B 597 19.23 5.08 2.96
CA PRO B 597 18.92 3.69 2.78
C PRO B 597 19.21 2.82 3.98
N PHE B 598 18.62 1.64 3.96
CA PHE B 598 18.80 0.63 4.97
C PHE B 598 20.31 0.41 5.18
N GLY B 599 20.78 0.32 6.43
CA GLY B 599 22.20 0.01 6.74
C GLY B 599 23.20 1.16 6.68
N TYR B 600 22.71 2.37 6.43
CA TYR B 600 23.51 3.58 6.25
C TYR B 600 23.73 4.29 7.55
N GLY B 601 24.97 4.69 7.80
CA GLY B 601 25.28 5.51 8.95
C GLY B 601 26.72 5.93 8.90
N LYS B 602 27.01 7.11 9.43
CA LYS B 602 28.39 7.61 9.46
C LYS B 602 29.16 7.28 10.76
N SER B 603 30.45 7.67 10.78
CA SER B 603 31.34 7.45 11.90
C SER B 603 32.41 8.55 11.88
N TYR B 604 33.01 8.78 13.04
CA TYR B 604 34.21 9.64 13.13
C TYR B 604 35.47 8.89 12.68
N SER B 605 35.39 7.57 12.50
CA SER B 605 36.53 6.80 11.95
C SER B 605 36.37 6.53 10.47
N GLU B 606 37.42 5.95 9.89
CA GLU B 606 37.39 5.54 8.51
C GLU B 606 37.85 4.08 8.53
N PHE B 607 37.23 3.24 7.70
CA PHE B 607 37.36 1.79 7.75
C PHE B 607 37.68 1.26 6.39
N GLU B 608 38.42 0.16 6.29
CA GLU B 608 38.70 -0.50 5.03
C GLU B 608 38.35 -1.97 5.14
N LEU B 609 37.60 -2.50 4.16
CA LEU B 609 37.14 -3.88 4.23
C LEU B 609 37.64 -4.66 3.05
N LYS B 610 37.99 -5.92 3.26
CA LYS B 610 38.29 -6.74 2.09
C LYS B 610 37.88 -8.16 2.36
N THR B 611 37.33 -8.78 1.34
CA THR B 611 36.66 -10.03 1.47
C THR B 611 37.56 -11.12 0.92
N SER B 612 37.77 -12.17 1.72
CA SER B 612 38.64 -13.25 1.29
C SER B 612 37.97 -14.00 0.16
N SER B 613 38.83 -14.59 -0.63
CA SER B 613 38.46 -15.09 -1.93
C SER B 613 37.36 -16.17 -1.78
N LEU B 614 36.30 -16.06 -2.59
CA LEU B 614 35.12 -16.89 -2.42
C LEU B 614 35.14 -17.94 -3.51
N PRO B 615 34.45 -19.09 -3.31
CA PRO B 615 34.30 -20.09 -4.40
C PRO B 615 33.42 -19.59 -5.55
N LYS B 616 33.74 -19.96 -6.77
CA LYS B 616 32.88 -19.66 -7.91
C LYS B 616 31.60 -20.47 -7.83
N GLU B 617 31.74 -21.70 -7.31
CA GLU B 617 30.65 -22.67 -7.25
C GLU B 617 30.41 -23.29 -5.87
N LEU B 618 29.20 -23.82 -5.72
CA LEU B 618 28.67 -24.38 -4.45
C LEU B 618 27.74 -25.50 -4.81
N ASN B 619 27.72 -26.60 -4.07
CA ASN B 619 26.64 -27.58 -4.27
C ASN B 619 25.35 -27.08 -3.60
N LEU B 620 24.19 -27.56 -4.03
CA LEU B 620 22.96 -27.36 -3.25
C LEU B 620 23.16 -27.89 -1.85
N GLY B 621 22.60 -27.21 -0.84
CA GLY B 621 22.77 -27.60 0.57
C GLY B 621 24.08 -27.20 1.24
N GLU B 622 25.02 -26.67 0.49
CA GLU B 622 26.30 -26.39 1.05
C GLU B 622 26.24 -24.95 1.58
N SER B 623 26.87 -24.73 2.72
CA SER B 623 27.06 -23.39 3.24
C SER B 623 28.13 -22.62 2.51
N LEU B 624 27.93 -21.31 2.39
CA LEU B 624 28.95 -20.38 1.95
C LEU B 624 29.57 -19.65 3.14
N HIS B 625 30.89 -19.75 3.25
CA HIS B 625 31.68 -19.19 4.34
C HIS B 625 32.37 -17.95 3.86
N VAL B 626 32.11 -16.80 4.48
CA VAL B 626 32.51 -15.46 3.94
C VAL B 626 33.44 -14.86 4.97
N GLU B 627 34.68 -14.61 4.58
CA GLU B 627 35.67 -14.05 5.49
C GLU B 627 36.04 -12.61 5.14
N VAL B 628 36.00 -11.76 6.17
CA VAL B 628 36.10 -10.31 5.98
C VAL B 628 37.14 -9.74 6.94
N THR B 629 38.13 -9.08 6.37
CA THR B 629 39.16 -8.39 7.09
C THR B 629 38.84 -6.91 7.07
N ILE B 630 38.63 -6.36 8.25
CA ILE B 630 38.34 -4.93 8.39
C ILE B 630 39.49 -4.25 9.14
N LYS B 631 40.00 -3.15 8.57
CA LYS B 631 40.97 -2.27 9.24
C LYS B 631 40.38 -0.88 9.57
N ASN B 632 40.62 -0.39 10.79
CA ASN B 632 40.41 1.01 11.10
C ASN B 632 41.63 1.87 10.72
N ILE B 633 41.52 2.57 9.60
CA ILE B 633 42.62 3.36 9.01
C ILE B 633 42.60 4.85 9.44
N SER B 634 42.04 5.15 10.61
CA SER B 634 42.02 6.50 11.18
C SER B 634 42.69 6.55 12.55
N ASP B 635 42.75 7.73 13.12
CA ASP B 635 43.32 7.91 14.44
C ASP B 635 42.27 7.80 15.52
N ILE B 636 41.06 7.40 15.12
CA ILE B 636 39.93 7.48 16.02
C ILE B 636 39.36 6.10 16.21
N ALA B 637 39.25 5.67 17.45
CA ALA B 637 38.66 4.36 17.72
C ALA B 637 37.17 4.43 17.34
N GLY B 638 36.64 3.36 16.77
CA GLY B 638 35.21 3.29 16.47
C GLY B 638 34.71 1.91 16.11
N LYS B 639 33.40 1.83 15.86
CA LYS B 639 32.71 0.63 15.40
C LYS B 639 32.03 0.79 14.04
N GLU B 640 32.25 -0.22 13.19
CA GLU B 640 31.59 -0.43 11.88
C GLU B 640 30.64 -1.61 11.97
N VAL B 641 29.61 -1.65 11.13
CA VAL B 641 28.68 -2.80 11.06
C VAL B 641 28.92 -3.45 9.72
N ILE B 642 29.55 -4.62 9.78
CA ILE B 642 29.77 -5.36 8.52
C ILE B 642 28.44 -6.05 8.11
N GLN B 643 28.00 -5.88 6.87
CA GLN B 643 26.72 -6.45 6.42
C GLN B 643 27.00 -7.29 5.21
N VAL B 644 26.32 -8.43 5.17
CA VAL B 644 26.36 -9.35 4.05
C VAL B 644 24.95 -9.57 3.55
N TYR B 645 24.80 -9.36 2.23
CA TYR B 645 23.55 -9.53 1.55
C TYR B 645 23.69 -10.62 0.50
N LEU B 646 22.57 -11.26 0.16
CA LEU B 646 22.46 -12.20 -0.95
C LEU B 646 21.36 -11.75 -1.90
N GLN B 647 21.58 -12.00 -3.21
CA GLN B 647 20.54 -11.88 -4.21
C GLN B 647 20.42 -13.15 -5.06
N ASP B 648 19.19 -13.53 -5.37
CA ASP B 648 18.90 -14.66 -6.24
C ASP B 648 18.56 -14.12 -7.59
N VAL B 649 19.50 -14.22 -8.54
CA VAL B 649 19.41 -13.53 -9.82
C VAL B 649 18.22 -13.96 -10.65
N THR B 650 17.92 -15.25 -10.59
CA THR B 650 16.83 -15.82 -11.39
C THR B 650 16.11 -16.90 -10.63
N ALA B 651 14.79 -16.82 -10.58
CA ALA B 651 14.10 -17.77 -9.71
C ALA B 651 12.73 -17.99 -10.21
N SER B 652 12.02 -18.99 -9.69
CA SER B 652 10.63 -19.15 -10.07
C SER B 652 9.64 -18.13 -9.45
N ILE B 653 10.13 -17.28 -8.53
CA ILE B 653 9.39 -16.11 -8.00
C ILE B 653 10.37 -14.98 -8.24
N SER B 654 9.83 -13.81 -8.54
CA SER B 654 10.74 -12.64 -8.67
C SER B 654 11.30 -12.32 -7.27
N ARG B 655 12.63 -12.34 -7.10
CA ARG B 655 13.23 -12.24 -5.76
C ARG B 655 13.80 -10.85 -5.55
N PRO B 656 14.00 -10.49 -4.31
CA PRO B 656 14.49 -9.16 -4.04
C PRO B 656 15.91 -8.95 -4.47
N VAL B 657 16.27 -7.69 -4.71
CA VAL B 657 17.58 -7.31 -5.28
C VAL B 657 18.72 -7.57 -4.30
N LYS B 658 18.37 -7.56 -3.03
CA LYS B 658 19.26 -7.88 -1.94
C LYS B 658 18.40 -8.30 -0.77
N GLU B 659 18.93 -9.20 0.07
CA GLU B 659 18.39 -9.46 1.37
C GLU B 659 19.54 -9.62 2.35
N LEU B 660 19.43 -8.99 3.52
CA LEU B 660 20.45 -9.11 4.57
C LEU B 660 20.40 -10.52 5.14
N LYS B 661 21.57 -11.13 5.22
CA LYS B 661 21.69 -12.50 5.72
C LYS B 661 22.74 -12.65 6.80
N ALA B 662 23.51 -11.60 7.10
CA ALA B 662 24.43 -11.64 8.19
C ALA B 662 24.92 -10.24 8.48
N PHE B 663 25.35 -10.04 9.73
CA PHE B 663 25.83 -8.76 10.21
C PHE B 663 26.65 -8.96 11.47
N GLU B 664 27.63 -8.08 11.67
CA GLU B 664 28.38 -8.07 12.92
C GLU B 664 28.98 -6.74 13.04
N LYS B 665 28.81 -6.14 14.19
CA LYS B 665 29.36 -4.85 14.56
C LYS B 665 30.73 -5.07 15.19
N VAL B 666 31.74 -4.46 14.57
CA VAL B 666 33.16 -4.67 14.93
C VAL B 666 33.77 -3.41 15.58
N ALA B 667 34.38 -3.59 16.75
CA ALA B 667 35.05 -2.50 17.49
C ALA B 667 36.55 -2.56 17.19
N LEU B 668 37.10 -1.39 16.88
CA LEU B 668 38.46 -1.29 16.41
C LEU B 668 39.10 0.04 16.87
N GLN B 669 40.23 -0.09 17.55
CA GLN B 669 41.12 1.02 17.87
C GLN B 669 41.71 1.59 16.62
N ALA B 670 42.24 2.80 16.69
CA ALA B 670 42.99 3.39 15.54
C ALA B 670 44.06 2.42 15.09
N GLY B 671 44.06 2.06 13.83
CA GLY B 671 45.10 1.19 13.30
C GLY B 671 44.78 -0.26 13.41
N GLU B 672 43.82 -0.62 14.27
CA GLU B 672 43.54 -2.03 14.52
C GLU B 672 42.93 -2.73 13.31
N GLU B 673 43.21 -4.03 13.24
CA GLU B 673 42.69 -4.88 12.19
C GLU B 673 42.09 -6.19 12.74
N LYS B 674 41.00 -6.64 12.12
CA LYS B 674 40.34 -7.89 12.50
C LYS B 674 39.81 -8.66 11.34
N THR B 675 39.67 -9.96 11.57
CA THR B 675 39.01 -10.85 10.65
C THR B 675 37.77 -11.42 11.29
N VAL B 676 36.63 -11.29 10.61
CA VAL B 676 35.35 -11.88 11.07
C VAL B 676 34.93 -12.85 9.99
N THR B 677 34.32 -13.96 10.38
CA THR B 677 33.87 -14.96 9.39
C THR B 677 32.35 -15.16 9.51
N PHE B 678 31.66 -15.38 8.39
CA PHE B 678 30.18 -15.47 8.37
C PHE B 678 29.85 -16.79 7.67
N GLU B 679 28.91 -17.56 8.20
CA GLU B 679 28.38 -18.73 7.49
C GLU B 679 26.96 -18.50 6.92
N LEU B 680 26.86 -18.44 5.60
CA LEU B 680 25.57 -18.36 4.97
C LEU B 680 25.21 -19.78 4.63
N THR B 681 24.25 -20.31 5.35
CA THR B 681 23.77 -21.68 5.14
C THR B 681 22.85 -21.71 3.94
N SER B 682 22.57 -22.91 3.45
CA SER B 682 21.78 -23.07 2.24
C SER B 682 20.35 -22.53 2.51
N GLU B 683 19.98 -22.46 3.78
CA GLU B 683 18.73 -21.77 4.15
C GLU B 683 18.74 -20.24 3.75
N ALA B 684 19.88 -19.55 3.92
CA ALA B 684 20.07 -18.21 3.40
C ALA B 684 19.80 -18.09 1.88
N PHE B 685 19.86 -19.20 1.13
CA PHE B 685 19.72 -19.26 -0.35
C PHE B 685 18.29 -19.66 -0.81
N SER B 686 17.49 -20.01 0.19
CA SER B 686 16.15 -20.53 0.05
C SER B 686 15.03 -19.49 0.17
N PHE B 687 13.88 -19.84 -0.41
CA PHE B 687 12.73 -19.00 -0.36
C PHE B 687 11.47 -19.84 -0.52
N TYR B 688 10.34 -19.15 -0.36
CA TYR B 688 9.04 -19.75 -0.59
C TYR B 688 8.56 -19.65 -2.03
N ASN B 689 8.17 -20.81 -2.61
CA ASN B 689 7.76 -20.84 -4.01
C ASN B 689 6.26 -20.66 -4.12
N HIS B 690 5.73 -20.64 -5.36
CA HIS B 690 4.28 -20.31 -5.57
C HIS B 690 3.37 -21.35 -4.96
N GLN B 691 3.86 -22.56 -4.77
CA GLN B 691 3.14 -23.59 -4.00
C GLN B 691 3.42 -23.52 -2.47
N LEU B 692 4.09 -22.48 -2.00
CA LEU B 692 4.41 -22.31 -0.53
C LEU B 692 5.35 -23.37 0.07
N GLU B 693 6.18 -23.97 -0.77
CA GLU B 693 7.33 -24.75 -0.32
C GLU B 693 8.63 -23.94 -0.08
N LYS B 694 9.31 -24.26 1.03
CA LYS B 694 10.65 -23.73 1.28
C LYS B 694 11.59 -24.52 0.41
N VAL B 695 12.22 -23.84 -0.53
CA VAL B 695 13.02 -24.46 -1.56
C VAL B 695 14.37 -23.77 -1.74
N GLN B 696 15.31 -24.53 -2.30
CA GLN B 696 16.55 -24.03 -2.82
C GLN B 696 16.57 -24.46 -4.31
N GLU B 697 16.78 -23.52 -5.21
CA GLU B 697 16.91 -23.80 -6.61
C GLU B 697 18.35 -23.52 -7.07
N PRO B 698 18.85 -24.37 -8.00
CA PRO B 698 20.10 -24.15 -8.71
C PRO B 698 20.11 -22.84 -9.52
N GLY B 699 21.28 -22.19 -9.52
CA GLY B 699 21.51 -21.01 -10.32
C GLY B 699 22.45 -20.01 -9.70
N LEU B 700 22.46 -18.78 -10.25
CA LEU B 700 23.39 -17.73 -9.87
C LEU B 700 22.87 -16.93 -8.70
N HIS B 701 23.75 -16.66 -7.76
CA HIS B 701 23.50 -15.73 -6.70
C HIS B 701 24.59 -14.68 -6.68
N ARG B 702 24.24 -13.48 -6.21
CA ARG B 702 25.21 -12.48 -5.92
C ARG B 702 25.30 -12.31 -4.42
N VAL B 703 26.54 -12.09 -3.95
CA VAL B 703 26.90 -11.88 -2.57
C VAL B 703 27.51 -10.51 -2.44
N PHE B 704 27.00 -9.72 -1.51
CA PHE B 704 27.41 -8.35 -1.32
C PHE B 704 27.92 -8.25 0.10
N VAL B 705 29.16 -7.79 0.22
CA VAL B 705 29.77 -7.45 1.50
C VAL B 705 30.06 -5.93 1.54
N GLY B 706 29.64 -5.25 2.62
CA GLY B 706 29.98 -3.86 2.81
C GLY B 706 29.46 -3.33 4.12
N THR B 707 29.17 -2.02 4.16
CA THR B 707 28.81 -1.34 5.39
C THR B 707 27.50 -0.51 5.29
N SER B 708 26.81 -0.65 4.17
CA SER B 708 25.36 -0.33 4.00
C SER B 708 24.78 -1.26 2.89
N SER B 709 23.50 -1.12 2.61
CA SER B 709 22.87 -1.80 1.48
C SER B 709 23.31 -1.28 0.13
N GLU B 710 24.02 -0.14 0.16
CA GLU B 710 24.53 0.51 -1.05
C GLU B 710 26.06 0.42 -1.20
N ASP B 711 26.79 0.55 -0.10
CA ASP B 711 28.26 0.54 -0.09
C ASP B 711 28.76 -0.91 0.13
N VAL B 712 28.86 -1.65 -0.98
CA VAL B 712 29.17 -3.07 -0.97
C VAL B 712 30.10 -3.44 -2.11
N ASP B 713 30.92 -4.45 -1.91
CA ASP B 713 31.57 -5.12 -3.06
C ASP B 713 30.65 -6.26 -3.42
N VAL B 714 30.66 -6.69 -4.69
CA VAL B 714 29.77 -7.79 -5.16
C VAL B 714 30.57 -8.99 -5.72
N PHE B 715 30.07 -10.21 -5.50
CA PHE B 715 30.75 -11.44 -5.89
C PHE B 715 29.68 -12.41 -6.34
N GLU B 716 29.99 -13.28 -7.31
CA GLU B 716 29.03 -14.20 -7.88
C GLU B 716 29.39 -15.66 -7.55
N VAL B 717 28.34 -16.44 -7.26
CA VAL B 717 28.42 -17.88 -6.99
C VAL B 717 27.31 -18.62 -7.69
N GLU B 718 27.73 -19.63 -8.43
CA GLU B 718 26.85 -20.46 -9.15
C GLU B 718 26.61 -21.70 -8.29
N VAL B 719 25.33 -21.87 -7.91
CA VAL B 719 24.89 -23.03 -7.16
C VAL B 719 24.31 -24.07 -8.11
N GLY B 720 24.82 -25.29 -8.00
CA GLY B 720 24.28 -26.43 -8.76
C GLY B 720 24.69 -27.79 -8.24
N GLY B 721 24.74 -28.77 -9.13
CA GLY B 721 25.27 -30.09 -8.81
C GLY B 721 24.31 -30.92 -7.98
N TYR B 722 24.85 -31.59 -6.95
CA TYR B 722 24.10 -32.52 -6.06
C TYR B 722 23.75 -31.86 -4.76
N VAL B 723 22.93 -32.51 -3.94
CA VAL B 723 22.51 -31.89 -2.64
C VAL B 723 23.34 -32.45 -1.45
N LEU B 724 23.85 -31.61 -0.54
CA LEU B 724 24.58 -32.16 0.64
C LEU B 724 23.77 -33.17 1.45
C2 BGC C . -0.97 3.70 31.31
C3 BGC C . -0.33 3.14 30.05
C4 BGC C . 0.22 4.24 29.19
C5 BGC C . 1.18 5.12 30.02
C6 BGC C . 1.41 6.56 29.51
C1 BGC C . 0.10 4.41 32.13
O1 BGC C . -0.45 5.10 33.28
O2 BGC C . -1.51 2.56 31.98
O3 BGC C . -1.23 2.28 29.34
O4 BGC C . 0.92 3.53 28.16
O5 BGC C . 0.76 5.41 31.37
O6 BGC C . 2.70 7.02 29.96
C2 BGC C . 2.07 4.66 26.24
C3 BGC C . 1.91 5.04 24.74
C4 BGC C . 1.37 3.84 23.90
C5 BGC C . 0.12 3.44 24.69
C6 BGC C . -0.92 2.39 24.32
C1 BGC C . 0.80 4.04 26.82
O2 BGC C . 2.42 5.81 27.01
O3 BGC C . 3.14 5.50 24.24
O4 BGC C . 1.16 4.27 22.57
O5 BGC C . 0.54 2.94 25.97
O6 BGC C . -1.57 2.17 25.62
C2 BGC D . 4.83 2.16 -24.46
C3 BGC D . 5.53 2.67 -25.73
C4 BGC D . 7.05 2.53 -25.61
C5 BGC D . 7.56 1.21 -24.99
C6 BGC D . 8.87 1.38 -24.20
C1 BGC D . 5.28 0.72 -24.21
O1 BGC D . 4.81 0.21 -22.98
O2 BGC D . 3.38 2.27 -24.45
O3 BGC D . 5.42 4.06 -25.75
O4 BGC D . 7.74 2.75 -26.85
O5 BGC D . 6.67 0.67 -24.02
O6 BGC D . 9.85 0.72 -24.92
C2 BGC E . 0.63 -0.57 -22.95
C3 BGC E . -0.82 -0.82 -23.35
C4 BGC E . -0.96 -0.51 -24.84
C5 BGC E . 0.14 -1.26 -25.68
C6 BGC E . 0.21 -0.90 -27.16
C1 BGC E . 1.37 -1.65 -23.74
O1 BGC E . 2.61 -1.93 -23.15
O2 BGC E . 0.86 -0.57 -21.56
O3 BGC E . -1.69 -0.09 -22.50
O4 BGC E . -2.26 -0.89 -25.18
O5 BGC E . 1.47 -1.12 -25.07
O6 BGC E . 0.71 0.42 -27.28
C2 BGC F . 0.37 8.77 -25.33
C3 BGC F . 0.55 8.81 -23.76
C4 BGC F . 0.55 7.39 -23.13
C5 BGC F . 1.62 6.75 -24.04
C6 BGC F . 2.38 5.44 -23.95
C1 BGC F . 1.44 7.91 -26.04
O1 BGC F . 1.46 7.81 -27.51
O2 BGC F . 0.40 10.10 -25.83
O3 BGC F . -0.36 9.68 -23.07
O4 BGC F . 0.71 7.53 -21.72
O5 BGC F . 1.15 6.67 -25.43
O6 BGC F . 3.42 5.72 -24.97
C1 GOL G . -11.03 -4.79 0.35
C1 GOL G . -11.71 -4.24 0.99
O1 GOL G . -12.31 -4.25 0.71
O1 GOL G . -12.46 -3.83 -0.16
C2 GOL G . -10.08 -4.72 1.53
C2 GOL G . -10.22 -4.41 0.67
O2 GOL G . -9.71 -3.36 1.82
O2 GOL G . -10.04 -4.91 -0.67
C3 GOL G . -8.81 -5.50 1.21
C3 GOL G . -9.58 -5.40 1.63
O3 GOL G . -8.61 -6.62 2.09
O3 GOL G . -8.24 -5.70 1.26
MG MG H . -23.68 -12.33 6.14
C2 BGC I . -4.64 0.20 24.59
C3 BGC I . -5.04 0.77 25.94
C4 BGC I . -6.52 1.17 25.88
C5 BGC I . -7.34 -0.02 25.36
C6 BGC I . -8.83 0.37 25.24
C1 BGC I . -5.51 -1.00 24.22
O1 BGC I . -5.09 -1.60 22.99
O2 BGC I . -3.26 -0.12 24.62
O3 BGC I . -4.20 1.95 26.12
O4 BGC I . -7.05 1.60 27.14
O5 BGC I . -6.85 -0.55 24.12
O6 BGC I . -9.00 0.85 23.95
MG MG J . 18.07 -18.60 -8.54
#